data_6RLX
# 
_entry.id   6RLX 
# 
_audit_conform.dict_name       mmcif_pdbx.dic 
_audit_conform.dict_version    5.397 
_audit_conform.dict_location   http://mmcif.pdb.org/dictionaries/ascii/mmcif_pdbx.dic 
# 
loop_
_database_2.database_id 
_database_2.database_code 
_database_2.pdbx_database_accession 
_database_2.pdbx_DOI 
PDB   6RLX         pdb_00006rlx 10.2210/pdb6rlx/pdb 
WWPDB D_1000179862 ?            ?                   
# 
loop_
_pdbx_audit_revision_history.ordinal 
_pdbx_audit_revision_history.data_content_type 
_pdbx_audit_revision_history.major_revision 
_pdbx_audit_revision_history.minor_revision 
_pdbx_audit_revision_history.revision_date 
1 'Structure model' 1 0 1993-10-31 
2 'Structure model' 1 1 2008-03-25 
3 'Structure model' 1 2 2011-07-13 
4 'Structure model' 1 3 2011-11-16 
5 'Structure model' 1 4 2019-07-17 
6 'Structure model' 1 5 2019-08-14 
7 'Structure model' 2 0 2019-12-25 
8 'Structure model' 2 1 2024-03-13 
9 'Structure model' 2 2 2024-10-09 
# 
_pdbx_audit_revision_details.ordinal             1 
_pdbx_audit_revision_details.revision_ordinal    1 
_pdbx_audit_revision_details.data_content_type   'Structure model' 
_pdbx_audit_revision_details.provider            repository 
_pdbx_audit_revision_details.type                'Initial release' 
_pdbx_audit_revision_details.description         ? 
_pdbx_audit_revision_details.details             ? 
# 
loop_
_pdbx_audit_revision_group.ordinal 
_pdbx_audit_revision_group.revision_ordinal 
_pdbx_audit_revision_group.data_content_type 
_pdbx_audit_revision_group.group 
1  2 'Structure model' 'Version format compliance' 
2  3 'Structure model' 'Version format compliance' 
3  4 'Structure model' 'Atomic model'              
4  5 'Structure model' 'Data collection'           
5  5 'Structure model' 'Derived calculations'      
6  5 'Structure model' Other                       
7  5 'Structure model' 'Refinement description'    
8  6 'Structure model' 'Data collection'           
9  6 'Structure model' 'Refinement description'    
10 7 'Structure model' 'Derived calculations'      
11 7 'Structure model' 'Polymer sequence'          
12 8 'Structure model' 'Data collection'           
13 8 'Structure model' 'Database references'       
14 8 'Structure model' 'Source and taxonomy'       
15 9 'Structure model' 'Structure summary'         
# 
loop_
_pdbx_audit_revision_category.ordinal 
_pdbx_audit_revision_category.revision_ordinal 
_pdbx_audit_revision_category.data_content_type 
_pdbx_audit_revision_category.category 
1  5 'Structure model' pdbx_database_status      
2  5 'Structure model' software                  
3  5 'Structure model' struct_conn               
4  6 'Structure model' software                  
5  7 'Structure model' entity_poly               
6  7 'Structure model' pdbx_struct_mod_residue   
7  8 'Structure model' chem_comp_atom            
8  8 'Structure model' chem_comp_bond            
9  8 'Structure model' database_2                
10 8 'Structure model' entity_src_gen            
11 9 'Structure model' pdbx_entry_details        
12 9 'Structure model' pdbx_modification_feature 
# 
loop_
_pdbx_audit_revision_item.ordinal 
_pdbx_audit_revision_item.revision_ordinal 
_pdbx_audit_revision_item.data_content_type 
_pdbx_audit_revision_item.item 
1 5 'Structure model' '_pdbx_database_status.process_site'           
2 5 'Structure model' '_software.classification'                     
3 5 'Structure model' '_struct_conn.pdbx_leaving_atom_flag'          
4 6 'Structure model' '_software.classification'                     
5 7 'Structure model' '_entity_poly.pdbx_seq_one_letter_code_can'    
6 7 'Structure model' '_pdbx_struct_mod_residue.parent_comp_id'      
7 8 'Structure model' '_database_2.pdbx_DOI'                         
8 8 'Structure model' '_database_2.pdbx_database_accession'          
9 9 'Structure model' '_pdbx_entry_details.has_protein_modification' 
# 
_pdbx_database_status.status_code                     REL 
_pdbx_database_status.entry_id                        6RLX 
_pdbx_database_status.recvd_initial_deposition_date   1991-06-21 
_pdbx_database_status.deposit_site                    ? 
_pdbx_database_status.process_site                    BNL 
_pdbx_database_status.SG_entry                        . 
_pdbx_database_status.pdb_format_compatible           Y 
_pdbx_database_status.status_code_mr                  ? 
_pdbx_database_status.status_code_sf                  REL 
_pdbx_database_status.status_code_cs                  ? 
_pdbx_database_status.methods_development_category    ? 
_pdbx_database_status.status_code_nmr_data            ? 
# 
loop_
_audit_author.name 
_audit_author.pdbx_ordinal 
'Eigenbrot, C.'    1 
'Randal, M.'       2 
'Kossiakoff, A.A.' 3 
# 
_citation.id                        primary 
_citation.title                     
'X-ray structure of human relaxin at 1.5 A. Comparison to insulin and implications for receptor binding determinants.' 
_citation.journal_abbrev            J.Mol.Biol. 
_citation.journal_volume            221 
_citation.page_first                15 
_citation.page_last                 21 
_citation.year                      1991 
_citation.journal_id_ASTM           JMOBAK 
_citation.country                   UK 
_citation.journal_id_ISSN           0022-2836 
_citation.journal_id_CSD            0070 
_citation.book_publisher            ? 
_citation.pdbx_database_id_PubMed   1656049 
_citation.pdbx_database_id_DOI      ? 
# 
loop_
_citation_author.citation_id 
_citation_author.name 
_citation_author.ordinal 
_citation_author.identifier_ORCID 
primary 'Eigenbrot, C.'    1 ? 
primary 'Randal, M.'       2 ? 
primary 'Quan, C.'         3 ? 
primary 'Burnier, J.'      4 ? 
primary 
;O'Connell, L.
;
5 ? 
primary 'Rinderknecht, E.' 6 ? 
primary 'Kossiakoff, A.A.' 7 ? 
# 
loop_
_entity.id 
_entity.type 
_entity.src_method 
_entity.pdbx_description 
_entity.formula_weight 
_entity.pdbx_number_of_molecules 
_entity.pdbx_ec 
_entity.pdbx_mutation 
_entity.pdbx_fragment 
_entity.details 
1 polymer man 'RELAXIN, A-CHAIN' 2661.178 2  ? ? ? ? 
2 polymer man 'RELAXIN, B-CHAIN' 3200.797 2  ? ? ? ? 
3 water   nat water              18.015   73 ? ? ? ? 
# 
loop_
_entity_poly.entity_id 
_entity_poly.type 
_entity_poly.nstd_linkage 
_entity_poly.nstd_monomer 
_entity_poly.pdbx_seq_one_letter_code 
_entity_poly.pdbx_seq_one_letter_code_can 
_entity_poly.pdbx_strand_id 
_entity_poly.pdbx_target_identifier 
1 'polypeptide(L)' no yes '(PCA)LYSALANKCCHVGCTKRSLARFC' QLYSALANKCCHVGCTKRSLARFC     A,C ? 
2 'polypeptide(L)' no no  SWMEEVIKLCGRELVRAQIAICGMSTWS   SWMEEVIKLCGRELVRAQIAICGMSTWS B,D ? 
# 
_pdbx_entity_nonpoly.entity_id   3 
_pdbx_entity_nonpoly.name        water 
_pdbx_entity_nonpoly.comp_id     HOH 
# 
loop_
_entity_poly_seq.entity_id 
_entity_poly_seq.num 
_entity_poly_seq.mon_id 
_entity_poly_seq.hetero 
1 1  PCA n 
1 2  LEU n 
1 3  TYR n 
1 4  SER n 
1 5  ALA n 
1 6  LEU n 
1 7  ALA n 
1 8  ASN n 
1 9  LYS n 
1 10 CYS n 
1 11 CYS n 
1 12 HIS n 
1 13 VAL n 
1 14 GLY n 
1 15 CYS n 
1 16 THR n 
1 17 LYS n 
1 18 ARG n 
1 19 SER n 
1 20 LEU n 
1 21 ALA n 
1 22 ARG n 
1 23 PHE n 
1 24 CYS n 
2 1  SER n 
2 2  TRP n 
2 3  MET n 
2 4  GLU n 
2 5  GLU n 
2 6  VAL n 
2 7  ILE n 
2 8  LYS n 
2 9  LEU n 
2 10 CYS n 
2 11 GLY n 
2 12 ARG n 
2 13 GLU n 
2 14 LEU n 
2 15 VAL n 
2 16 ARG n 
2 17 ALA n 
2 18 GLN n 
2 19 ILE n 
2 20 ALA n 
2 21 ILE n 
2 22 CYS n 
2 23 GLY n 
2 24 MET n 
2 25 SER n 
2 26 THR n 
2 27 TRP n 
2 28 SER n 
# 
loop_
_entity_src_gen.entity_id 
_entity_src_gen.pdbx_src_id 
_entity_src_gen.pdbx_alt_source_flag 
_entity_src_gen.pdbx_seq_type 
_entity_src_gen.pdbx_beg_seq_num 
_entity_src_gen.pdbx_end_seq_num 
_entity_src_gen.gene_src_common_name 
_entity_src_gen.gene_src_genus 
_entity_src_gen.pdbx_gene_src_gene 
_entity_src_gen.gene_src_species 
_entity_src_gen.gene_src_strain 
_entity_src_gen.gene_src_tissue 
_entity_src_gen.gene_src_tissue_fraction 
_entity_src_gen.gene_src_details 
_entity_src_gen.pdbx_gene_src_fragment 
_entity_src_gen.pdbx_gene_src_scientific_name 
_entity_src_gen.pdbx_gene_src_ncbi_taxonomy_id 
_entity_src_gen.pdbx_gene_src_variant 
_entity_src_gen.pdbx_gene_src_cell_line 
_entity_src_gen.pdbx_gene_src_atcc 
_entity_src_gen.pdbx_gene_src_organ 
_entity_src_gen.pdbx_gene_src_organelle 
_entity_src_gen.pdbx_gene_src_cell 
_entity_src_gen.pdbx_gene_src_cellular_location 
_entity_src_gen.host_org_common_name 
_entity_src_gen.pdbx_host_org_scientific_name 
_entity_src_gen.pdbx_host_org_ncbi_taxonomy_id 
_entity_src_gen.host_org_genus 
_entity_src_gen.pdbx_host_org_gene 
_entity_src_gen.pdbx_host_org_organ 
_entity_src_gen.host_org_species 
_entity_src_gen.pdbx_host_org_tissue 
_entity_src_gen.pdbx_host_org_tissue_fraction 
_entity_src_gen.pdbx_host_org_strain 
_entity_src_gen.pdbx_host_org_variant 
_entity_src_gen.pdbx_host_org_cell_line 
_entity_src_gen.pdbx_host_org_atcc 
_entity_src_gen.pdbx_host_org_culture_collection 
_entity_src_gen.pdbx_host_org_cell 
_entity_src_gen.pdbx_host_org_organelle 
_entity_src_gen.pdbx_host_org_cellular_location 
_entity_src_gen.pdbx_host_org_vector_type 
_entity_src_gen.pdbx_host_org_vector 
_entity_src_gen.host_org_details 
_entity_src_gen.expression_system_id 
_entity_src_gen.plasmid_name 
_entity_src_gen.plasmid_details 
_entity_src_gen.pdbx_description 
1 1 sample ? ? ? human Homo ? ? ? ? ? ? ? 'Homo sapiens' 9606 ? ? ? ? ? ? ? ? 'Escherichia coli' 562 Escherichia ? ? ? ? ? ? ? ? ? 
? ? ? ? ? ? ? ? ? ? ? 
2 1 sample ? ? ? human Homo ? ? ? ? ? ? ? 'Homo sapiens' 9606 ? ? ? ? ? ? ? ? 'Escherichia coli' 562 Escherichia ? ? ? ? ? ? ? ? ? 
? ? ? ? ? ? ? ? ? ? ? 
# 
loop_
_chem_comp.id 
_chem_comp.type 
_chem_comp.mon_nstd_flag 
_chem_comp.name 
_chem_comp.pdbx_synonyms 
_chem_comp.formula 
_chem_comp.formula_weight 
ALA 'L-peptide linking' y ALANINE             ? 'C3 H7 N O2'     89.093  
ARG 'L-peptide linking' y ARGININE            ? 'C6 H15 N4 O2 1' 175.209 
ASN 'L-peptide linking' y ASPARAGINE          ? 'C4 H8 N2 O3'    132.118 
CYS 'L-peptide linking' y CYSTEINE            ? 'C3 H7 N O2 S'   121.158 
GLN 'L-peptide linking' y GLUTAMINE           ? 'C5 H10 N2 O3'   146.144 
GLU 'L-peptide linking' y 'GLUTAMIC ACID'     ? 'C5 H9 N O4'     147.129 
GLY 'peptide linking'   y GLYCINE             ? 'C2 H5 N O2'     75.067  
HIS 'L-peptide linking' y HISTIDINE           ? 'C6 H10 N3 O2 1' 156.162 
HOH non-polymer         . WATER               ? 'H2 O'           18.015  
ILE 'L-peptide linking' y ISOLEUCINE          ? 'C6 H13 N O2'    131.173 
LEU 'L-peptide linking' y LEUCINE             ? 'C6 H13 N O2'    131.173 
LYS 'L-peptide linking' y LYSINE              ? 'C6 H15 N2 O2 1' 147.195 
MET 'L-peptide linking' y METHIONINE          ? 'C5 H11 N O2 S'  149.211 
PCA 'L-peptide linking' n 'PYROGLUTAMIC ACID' ? 'C5 H7 N O3'     129.114 
PHE 'L-peptide linking' y PHENYLALANINE       ? 'C9 H11 N O2'    165.189 
SER 'L-peptide linking' y SERINE              ? 'C3 H7 N O3'     105.093 
THR 'L-peptide linking' y THREONINE           ? 'C4 H9 N O3'     119.119 
TRP 'L-peptide linking' y TRYPTOPHAN          ? 'C11 H12 N2 O2'  204.225 
TYR 'L-peptide linking' y TYROSINE            ? 'C9 H11 N O3'    181.189 
VAL 'L-peptide linking' y VALINE              ? 'C5 H11 N O2'    117.146 
# 
loop_
_pdbx_poly_seq_scheme.asym_id 
_pdbx_poly_seq_scheme.entity_id 
_pdbx_poly_seq_scheme.seq_id 
_pdbx_poly_seq_scheme.mon_id 
_pdbx_poly_seq_scheme.ndb_seq_num 
_pdbx_poly_seq_scheme.pdb_seq_num 
_pdbx_poly_seq_scheme.auth_seq_num 
_pdbx_poly_seq_scheme.pdb_mon_id 
_pdbx_poly_seq_scheme.auth_mon_id 
_pdbx_poly_seq_scheme.pdb_strand_id 
_pdbx_poly_seq_scheme.pdb_ins_code 
_pdbx_poly_seq_scheme.hetero 
A 1 1  PCA 1  -3 -3 PCA PCA A . n 
A 1 2  LEU 2  -2 -2 LEU LEU A . n 
A 1 3  TYR 3  -1 -1 TYR TYR A . n 
A 1 4  SER 4  0  0  SER SER A . n 
A 1 5  ALA 5  1  1  ALA ALA A . n 
A 1 6  LEU 6  2  2  LEU LEU A . n 
A 1 7  ALA 7  3  3  ALA ALA A . n 
A 1 8  ASN 8  4  4  ASN ASN A . n 
A 1 9  LYS 9  5  5  LYS LYS A . n 
A 1 10 CYS 10 6  6  CYS CYS A . n 
A 1 11 CYS 11 7  7  CYS CYS A . n 
A 1 12 HIS 12 8  8  HIS HIS A . n 
A 1 13 VAL 13 9  9  VAL VAL A . n 
A 1 14 GLY 14 10 10 GLY GLY A . n 
A 1 15 CYS 15 11 11 CYS CYS A . n 
A 1 16 THR 16 12 12 THR THR A . n 
A 1 17 LYS 17 13 13 LYS LYS A . n 
A 1 18 ARG 18 14 14 ARG ARG A . n 
A 1 19 SER 19 15 15 SER SER A . n 
A 1 20 LEU 20 16 16 LEU LEU A . n 
A 1 21 ALA 21 17 17 ALA ALA A . n 
A 1 22 ARG 22 18 18 ARG ARG A . n 
A 1 23 PHE 23 19 19 PHE PHE A . n 
A 1 24 CYS 24 20 20 CYS CYS A . n 
B 2 1  SER 1  -2 -2 SER SER B . n 
B 2 2  TRP 2  -1 -1 TRP TRP B . n 
B 2 3  MET 3  0  0  MET MET B . n 
B 2 4  GLU 4  1  1  GLU GLU B . n 
B 2 5  GLU 5  2  2  GLU GLU B . n 
B 2 6  VAL 6  3  3  VAL VAL B . n 
B 2 7  ILE 7  4  4  ILE ILE B . n 
B 2 8  LYS 8  5  5  LYS LYS B . n 
B 2 9  LEU 9  6  6  LEU LEU B . n 
B 2 10 CYS 10 7  7  CYS CYS B . n 
B 2 11 GLY 11 8  8  GLY GLY B . n 
B 2 12 ARG 12 9  9  ARG ARG B . n 
B 2 13 GLU 13 10 10 GLU GLU B . n 
B 2 14 LEU 14 11 11 LEU LEU B . n 
B 2 15 VAL 15 12 12 VAL VAL B . n 
B 2 16 ARG 16 13 13 ARG ARG B . n 
B 2 17 ALA 17 14 14 ALA ALA B . n 
B 2 18 GLN 18 15 15 GLN GLN B . n 
B 2 19 ILE 19 16 16 ILE ILE B . n 
B 2 20 ALA 20 17 17 ALA ALA B . n 
B 2 21 ILE 21 18 18 ILE ILE B . n 
B 2 22 CYS 22 19 19 CYS CYS B . n 
B 2 23 GLY 23 20 20 GLY GLY B . n 
B 2 24 MET 24 21 21 MET MET B . n 
B 2 25 SER 25 22 22 SER SER B . n 
B 2 26 THR 26 23 23 THR THR B . n 
B 2 27 TRP 27 24 24 TRP TRP B . n 
B 2 28 SER 28 25 ?  ?   ?   B . n 
C 1 1  PCA 1  -3 -3 PCA PCA C . n 
C 1 2  LEU 2  -2 -2 LEU LEU C . n 
C 1 3  TYR 3  -1 -1 TYR TYR C . n 
C 1 4  SER 4  0  0  SER SER C . n 
C 1 5  ALA 5  1  1  ALA ALA C . n 
C 1 6  LEU 6  2  2  LEU LEU C . n 
C 1 7  ALA 7  3  3  ALA ALA C . n 
C 1 8  ASN 8  4  4  ASN ASN C . n 
C 1 9  LYS 9  5  5  LYS LYS C . n 
C 1 10 CYS 10 6  6  CYS CYS C . n 
C 1 11 CYS 11 7  7  CYS CYS C . n 
C 1 12 HIS 12 8  8  HIS HIS C . n 
C 1 13 VAL 13 9  9  VAL VAL C . n 
C 1 14 GLY 14 10 10 GLY GLY C . n 
C 1 15 CYS 15 11 11 CYS CYS C . n 
C 1 16 THR 16 12 12 THR THR C . n 
C 1 17 LYS 17 13 13 LYS LYS C . n 
C 1 18 ARG 18 14 14 ARG ARG C . n 
C 1 19 SER 19 15 15 SER SER C . n 
C 1 20 LEU 20 16 16 LEU LEU C . n 
C 1 21 ALA 21 17 17 ALA ALA C . n 
C 1 22 ARG 22 18 18 ARG ARG C . n 
C 1 23 PHE 23 19 19 PHE PHE C . n 
C 1 24 CYS 24 20 20 CYS CYS C . n 
D 2 1  SER 1  -2 -2 SER SER D . n 
D 2 2  TRP 2  -1 -1 TRP TRP D . n 
D 2 3  MET 3  0  0  MET MET D . n 
D 2 4  GLU 4  1  1  GLU GLU D . n 
D 2 5  GLU 5  2  2  GLU GLU D . n 
D 2 6  VAL 6  3  3  VAL VAL D . n 
D 2 7  ILE 7  4  4  ILE ILE D . n 
D 2 8  LYS 8  5  5  LYS LYS D . n 
D 2 9  LEU 9  6  6  LEU LEU D . n 
D 2 10 CYS 10 7  7  CYS CYS D . n 
D 2 11 GLY 11 8  8  GLY GLY D . n 
D 2 12 ARG 12 9  9  ARG ARG D . n 
D 2 13 GLU 13 10 10 GLU GLU D . n 
D 2 14 LEU 14 11 11 LEU LEU D . n 
D 2 15 VAL 15 12 12 VAL VAL D . n 
D 2 16 ARG 16 13 13 ARG ARG D . n 
D 2 17 ALA 17 14 14 ALA ALA D . n 
D 2 18 GLN 18 15 15 GLN GLN D . n 
D 2 19 ILE 19 16 16 ILE ILE D . n 
D 2 20 ALA 20 17 17 ALA ALA D . n 
D 2 21 ILE 21 18 18 ILE ILE D . n 
D 2 22 CYS 22 19 19 CYS CYS D . n 
D 2 23 GLY 23 20 20 GLY GLY D . n 
D 2 24 MET 24 21 21 MET MET D . n 
D 2 25 SER 25 22 22 SER SER D . n 
D 2 26 THR 26 23 ?  ?   ?   D . n 
D 2 27 TRP 27 24 ?  ?   ?   D . n 
D 2 28 SER 28 25 ?  ?   ?   D . n 
# 
loop_
_pdbx_nonpoly_scheme.asym_id 
_pdbx_nonpoly_scheme.entity_id 
_pdbx_nonpoly_scheme.mon_id 
_pdbx_nonpoly_scheme.ndb_seq_num 
_pdbx_nonpoly_scheme.pdb_seq_num 
_pdbx_nonpoly_scheme.auth_seq_num 
_pdbx_nonpoly_scheme.pdb_mon_id 
_pdbx_nonpoly_scheme.auth_mon_id 
_pdbx_nonpoly_scheme.pdb_strand_id 
_pdbx_nonpoly_scheme.pdb_ins_code 
E 3 HOH 1  402 402 HOH HOH A . 
E 3 HOH 2  403 509 HOH HOH A . 
E 3 HOH 3  404 510 HOH HOH A . 
E 3 HOH 4  405 14  HOH HOH A . 
E 3 HOH 5  406 414 HOH HOH A . 
E 3 HOH 6  407 445 HOH HOH A . 
E 3 HOH 7  408 446 HOH HOH A . 
E 3 HOH 8  409 451 HOH HOH A . 
E 3 HOH 9  410 462 HOH HOH A . 
E 3 HOH 10 411 463 HOH HOH A . 
E 3 HOH 11 412 465 HOH HOH A . 
E 3 HOH 12 413 494 HOH HOH A . 
E 3 HOH 13 414 505 HOH HOH A . 
E 3 HOH 14 415 541 HOH HOH A . 
F 3 HOH 1  403 403 HOH HOH B . 
F 3 HOH 2  412 412 HOH HOH B . 
F 3 HOH 3  416 416 HOH HOH B . 
F 3 HOH 4  417 417 HOH HOH B . 
F 3 HOH 5  428 428 HOH HOH B . 
F 3 HOH 6  435 435 HOH HOH B . 
F 3 HOH 7  441 441 HOH HOH B . 
F 3 HOH 8  450 450 HOH HOH B . 
F 3 HOH 9  461 461 HOH HOH B . 
F 3 HOH 10 467 467 HOH HOH B . 
F 3 HOH 11 470 470 HOH HOH B . 
F 3 HOH 12 480 480 HOH HOH B . 
F 3 HOH 13 502 502 HOH HOH B . 
F 3 HOH 14 506 506 HOH HOH B . 
F 3 HOH 15 507 507 HOH HOH B . 
F 3 HOH 16 522 522 HOH HOH B . 
F 3 HOH 17 523 523 HOH HOH B . 
F 3 HOH 18 530 530 HOH HOH B . 
F 3 HOH 19 531 531 HOH HOH B . 
F 3 HOH 20 533 533 HOH HOH B . 
G 3 HOH 1  71  71  HOH HOH C . 
G 3 HOH 2  407 407 HOH HOH C . 
G 3 HOH 3  409 409 HOH HOH C . 
G 3 HOH 4  411 411 HOH HOH C . 
G 3 HOH 5  413 413 HOH HOH C . 
G 3 HOH 6  419 419 HOH HOH C . 
G 3 HOH 7  427 427 HOH HOH C . 
G 3 HOH 8  430 430 HOH HOH C . 
G 3 HOH 9  437 437 HOH HOH C . 
G 3 HOH 10 442 442 HOH HOH C . 
G 3 HOH 11 452 452 HOH HOH C . 
G 3 HOH 12 460 460 HOH HOH C . 
G 3 HOH 13 464 464 HOH HOH C . 
G 3 HOH 14 466 466 HOH HOH C . 
G 3 HOH 15 492 492 HOH HOH C . 
G 3 HOH 16 501 501 HOH HOH C . 
G 3 HOH 17 520 520 HOH HOH C . 
G 3 HOH 18 540 540 HOH HOH C . 
G 3 HOH 19 551 551 HOH HOH C . 
H 3 HOH 1  73  73  HOH HOH D . 
H 3 HOH 2  404 404 HOH HOH D . 
H 3 HOH 3  405 405 HOH HOH D . 
H 3 HOH 4  418 418 HOH HOH D . 
H 3 HOH 5  421 421 HOH HOH D . 
H 3 HOH 6  443 443 HOH HOH D . 
H 3 HOH 7  444 444 HOH HOH D . 
H 3 HOH 8  468 468 HOH HOH D . 
H 3 HOH 9  469 469 HOH HOH D . 
H 3 HOH 10 471 471 HOH HOH D . 
H 3 HOH 11 472 472 HOH HOH D . 
H 3 HOH 12 473 473 HOH HOH D . 
H 3 HOH 13 490 490 HOH HOH D . 
H 3 HOH 14 493 493 HOH HOH D . 
H 3 HOH 15 495 495 HOH HOH D . 
H 3 HOH 16 500 500 HOH HOH D . 
H 3 HOH 17 504 504 HOH HOH D . 
H 3 HOH 18 508 508 HOH HOH D . 
H 3 HOH 19 521 521 HOH HOH D . 
H 3 HOH 20 542 542 HOH HOH D . 
# 
loop_
_pdbx_unobs_or_zero_occ_atoms.id 
_pdbx_unobs_or_zero_occ_atoms.PDB_model_num 
_pdbx_unobs_or_zero_occ_atoms.polymer_flag 
_pdbx_unobs_or_zero_occ_atoms.occupancy_flag 
_pdbx_unobs_or_zero_occ_atoms.auth_asym_id 
_pdbx_unobs_or_zero_occ_atoms.auth_comp_id 
_pdbx_unobs_or_zero_occ_atoms.auth_seq_id 
_pdbx_unobs_or_zero_occ_atoms.PDB_ins_code 
_pdbx_unobs_or_zero_occ_atoms.auth_atom_id 
_pdbx_unobs_or_zero_occ_atoms.label_alt_id 
_pdbx_unobs_or_zero_occ_atoms.label_asym_id 
_pdbx_unobs_or_zero_occ_atoms.label_comp_id 
_pdbx_unobs_or_zero_occ_atoms.label_seq_id 
_pdbx_unobs_or_zero_occ_atoms.label_atom_id 
1 1 Y 1 A PCA -3 ? CG ? A PCA 1  CG 
2 1 Y 1 A PCA -3 ? CD ? A PCA 1  CD 
3 1 Y 1 A PCA -3 ? OE ? A PCA 1  OE 
4 1 Y 1 D SER 22 ? CB ? D SER 25 CB 
5 1 Y 1 D SER 22 ? OG ? D SER 25 OG 
# 
loop_
_software.name 
_software.classification 
_software.version 
_software.citation_id 
_software.pdbx_ordinal 
X-PLOR 'model building' . ? 1 
PROLSQ refinement       . ? 2 
X-PLOR refinement       . ? 3 
X-PLOR phasing          . ? 4 
# 
_cell.entry_id           6RLX 
_cell.length_a           53.970 
_cell.length_b           56.880 
_cell.length_c           61.680 
_cell.angle_alpha        90.00 
_cell.angle_beta         90.00 
_cell.angle_gamma        90.00 
_cell.Z_PDB              16 
_cell.pdbx_unique_axis   ? 
# 
_symmetry.entry_id                         6RLX 
_symmetry.space_group_name_H-M             'C 2 2 21' 
_symmetry.pdbx_full_space_group_name_H-M   ? 
_symmetry.cell_setting                     ? 
_symmetry.Int_Tables_number                20 
# 
_exptl.entry_id          6RLX 
_exptl.method            'X-RAY DIFFRACTION' 
_exptl.crystals_number   ? 
# 
_exptl_crystal.id                    1 
_exptl_crystal.density_meas          ? 
_exptl_crystal.density_Matthews      2.02 
_exptl_crystal.density_percent_sol   39.07 
_exptl_crystal.description           ? 
# 
_refine.entry_id                                 6RLX 
_refine.ls_number_reflns_obs                     ? 
_refine.ls_number_reflns_all                     ? 
_refine.pdbx_ls_sigma_I                          ? 
_refine.pdbx_ls_sigma_F                          ? 
_refine.pdbx_data_cutoff_high_absF               ? 
_refine.pdbx_data_cutoff_low_absF                ? 
_refine.pdbx_data_cutoff_high_rms_absF           ? 
_refine.ls_d_res_low                             ? 
_refine.ls_d_res_high                            1.5 
_refine.ls_percent_reflns_obs                    ? 
_refine.ls_R_factor_obs                          0.187 
_refine.ls_R_factor_all                          ? 
_refine.ls_R_factor_R_work                       0.187 
_refine.ls_R_factor_R_free                       ? 
_refine.ls_R_factor_R_free_error                 ? 
_refine.ls_R_factor_R_free_error_details         ? 
_refine.ls_percent_reflns_R_free                 ? 
_refine.ls_number_reflns_R_free                  ? 
_refine.ls_number_parameters                     ? 
_refine.ls_number_restraints                     ? 
_refine.occupancy_min                            ? 
_refine.occupancy_max                            ? 
_refine.B_iso_mean                               ? 
_refine.aniso_B[1][1]                            ? 
_refine.aniso_B[2][2]                            ? 
_refine.aniso_B[3][3]                            ? 
_refine.aniso_B[1][2]                            ? 
_refine.aniso_B[1][3]                            ? 
_refine.aniso_B[2][3]                            ? 
_refine.solvent_model_details                    ? 
_refine.solvent_model_param_ksol                 ? 
_refine.solvent_model_param_bsol                 ? 
_refine.pdbx_ls_cross_valid_method               ? 
_refine.details                                  ? 
_refine.pdbx_starting_model                      ? 
_refine.pdbx_method_to_determine_struct          ? 
_refine.pdbx_isotropic_thermal_model             ? 
_refine.pdbx_stereochemistry_target_values       ? 
_refine.pdbx_stereochem_target_val_spec_case     ? 
_refine.pdbx_R_Free_selection_details            ? 
_refine.pdbx_overall_ESU_R                       ? 
_refine.pdbx_overall_ESU_R_Free                  ? 
_refine.overall_SU_ML                            ? 
_refine.overall_SU_B                             ? 
_refine.pdbx_refine_id                           'X-RAY DIFFRACTION' 
_refine.pdbx_diffrn_id                           1 
_refine.pdbx_TLS_residual_ADP_flag               ? 
_refine.correlation_coeff_Fo_to_Fc               ? 
_refine.correlation_coeff_Fo_to_Fc_free          ? 
_refine.pdbx_solvent_vdw_probe_radii             ? 
_refine.pdbx_solvent_ion_probe_radii             ? 
_refine.pdbx_solvent_shrinkage_radii             ? 
_refine.pdbx_overall_phase_error                 ? 
_refine.overall_SU_R_Cruickshank_DPI             ? 
_refine.pdbx_overall_SU_R_free_Cruickshank_DPI   ? 
_refine.pdbx_overall_SU_R_Blow_DPI               ? 
_refine.pdbx_overall_SU_R_free_Blow_DPI          ? 
# 
_refine_hist.pdbx_refine_id                   'X-RAY DIFFRACTION' 
_refine_hist.cycle_id                         LAST 
_refine_hist.pdbx_number_atoms_protein        788 
_refine_hist.pdbx_number_atoms_nucleic_acid   0 
_refine_hist.pdbx_number_atoms_ligand         0 
_refine_hist.number_atoms_solvent             73 
_refine_hist.number_atoms_total               861 
_refine_hist.d_res_high                       1.5 
_refine_hist.d_res_low                        . 
# 
loop_
_refine_ls_restr.type 
_refine_ls_restr.dev_ideal 
_refine_ls_restr.dev_ideal_target 
_refine_ls_restr.weight 
_refine_ls_restr.number 
_refine_ls_restr.pdbx_refine_id 
_refine_ls_restr.pdbx_restraint_function 
x_bond_d                0.021 ? ? ? 'X-RAY DIFFRACTION' ? 
x_bond_d_na             ?     ? ? ? 'X-RAY DIFFRACTION' ? 
x_bond_d_prot           ?     ? ? ? 'X-RAY DIFFRACTION' ? 
x_angle_d               ?     ? ? ? 'X-RAY DIFFRACTION' ? 
x_angle_d_na            ?     ? ? ? 'X-RAY DIFFRACTION' ? 
x_angle_d_prot          ?     ? ? ? 'X-RAY DIFFRACTION' ? 
x_angle_deg             3.0   ? ? ? 'X-RAY DIFFRACTION' ? 
x_angle_deg_na          ?     ? ? ? 'X-RAY DIFFRACTION' ? 
x_angle_deg_prot        ?     ? ? ? 'X-RAY DIFFRACTION' ? 
x_dihedral_angle_d      ?     ? ? ? 'X-RAY DIFFRACTION' ? 
x_dihedral_angle_d_na   ?     ? ? ? 'X-RAY DIFFRACTION' ? 
x_dihedral_angle_d_prot ?     ? ? ? 'X-RAY DIFFRACTION' ? 
x_improper_angle_d      ?     ? ? ? 'X-RAY DIFFRACTION' ? 
x_improper_angle_d_na   ?     ? ? ? 'X-RAY DIFFRACTION' ? 
x_improper_angle_d_prot ?     ? ? ? 'X-RAY DIFFRACTION' ? 
x_mcbond_it             ?     ? ? ? 'X-RAY DIFFRACTION' ? 
x_mcangle_it            ?     ? ? ? 'X-RAY DIFFRACTION' ? 
x_scbond_it             ?     ? ? ? 'X-RAY DIFFRACTION' ? 
x_scangle_it            ?     ? ? ? 'X-RAY DIFFRACTION' ? 
# 
_struct_ncs_oper.id             1 
_struct_ncs_oper.code           given 
_struct_ncs_oper.details        ? 
_struct_ncs_oper.matrix[1][1]   -0.86521237 
_struct_ncs_oper.matrix[1][2]   0.34867655 
_struct_ncs_oper.matrix[1][3]   -0.36032361 
_struct_ncs_oper.matrix[2][1]   0.43997106 
_struct_ncs_oper.matrix[2][2]   0.18327745 
_struct_ncs_oper.matrix[2][3]   -0.87911063 
_struct_ncs_oper.matrix[3][1]   -0.24048515 
_struct_ncs_oper.matrix[3][2]   -0.91914860 
_struct_ncs_oper.matrix[3][3]   -0.31198108 
_struct_ncs_oper.vector[1]      0.26535 
_struct_ncs_oper.vector[2]      -0.13785 
_struct_ncs_oper.vector[3]      -0.15138 
# 
_struct.entry_id                  6RLX 
_struct.title                     
'X-RAY STRUCTURE OF HUMAN RELAXIN AT 1.5 ANGSTROMS. COMPARISON TO INSULIN AND IMPLICATIONS FOR RECEPTOR BINDING DETERMINANTS' 
_struct.pdbx_model_details        ? 
_struct.pdbx_CASP_flag            ? 
_struct.pdbx_model_type_details   ? 
# 
_struct_keywords.entry_id        6RLX 
_struct_keywords.pdbx_keywords   'HORMONE(MUSCLE RELAXANT)' 
_struct_keywords.text            'HORMONE(MUSCLE RELAXANT)' 
# 
loop_
_struct_asym.id 
_struct_asym.pdbx_blank_PDB_chainid_flag 
_struct_asym.pdbx_modified 
_struct_asym.entity_id 
_struct_asym.details 
A N N 1 ? 
B N N 2 ? 
C N N 1 ? 
D N N 2 ? 
E N N 3 ? 
F N N 3 ? 
G N N 3 ? 
H N N 3 ? 
# 
loop_
_struct_ref.id 
_struct_ref.db_name 
_struct_ref.db_code 
_struct_ref.pdbx_db_accession 
_struct_ref.entity_id 
_struct_ref.pdbx_align_begin 
_struct_ref.pdbx_db_isoform 
_struct_ref.pdbx_seq_one_letter_code 
1 UNP REL2_HUMAN P04090 1 162 ? ? 
2 UNP REL2_HUMAN P04090 2 26  ? ? 
# 
loop_
_struct_ref_seq.align_id 
_struct_ref_seq.ref_id 
_struct_ref_seq.pdbx_PDB_id_code 
_struct_ref_seq.pdbx_strand_id 
_struct_ref_seq.seq_align_beg 
_struct_ref_seq.pdbx_seq_align_beg_ins_code 
_struct_ref_seq.seq_align_end 
_struct_ref_seq.pdbx_seq_align_end_ins_code 
_struct_ref_seq.pdbx_db_accession 
_struct_ref_seq.db_align_beg 
_struct_ref_seq.pdbx_db_align_beg_ins_code 
_struct_ref_seq.db_align_end 
_struct_ref_seq.pdbx_db_align_end_ins_code 
_struct_ref_seq.pdbx_auth_seq_align_beg 
_struct_ref_seq.pdbx_auth_seq_align_end 
1 1 6RLX A 2 ? 24 ? P04090 162 ? 185 ? -2 20 
2 2 6RLX B 1 ? 28 ? P04090 26  ? 53  ? -2 25 
3 1 6RLX C 2 ? 24 ? P04090 162 ? 185 ? -2 20 
4 2 6RLX D 1 ? 28 ? P04090 26  ? 53  ? -2 25 
# 
_pdbx_struct_assembly.id                   1 
_pdbx_struct_assembly.details              author_and_software_defined_assembly 
_pdbx_struct_assembly.method_details       PISA 
_pdbx_struct_assembly.oligomeric_details   tetrameric 
_pdbx_struct_assembly.oligomeric_count     4 
# 
loop_
_pdbx_struct_assembly_prop.biol_id 
_pdbx_struct_assembly_prop.type 
_pdbx_struct_assembly_prop.value 
_pdbx_struct_assembly_prop.details 
1 'ABSA (A^2)' 4330 ? 
1 MORE         -41  ? 
1 'SSA (A^2)'  5620 ? 
# 
_pdbx_struct_assembly_gen.assembly_id       1 
_pdbx_struct_assembly_gen.oper_expression   1 
_pdbx_struct_assembly_gen.asym_id_list      A,B,C,D,E,F,G,H 
# 
_pdbx_struct_oper_list.id                   1 
_pdbx_struct_oper_list.type                 'identity operation' 
_pdbx_struct_oper_list.name                 1_555 
_pdbx_struct_oper_list.symmetry_operation   x,y,z 
_pdbx_struct_oper_list.matrix[1][1]         1.0000000000 
_pdbx_struct_oper_list.matrix[1][2]         0.0000000000 
_pdbx_struct_oper_list.matrix[1][3]         0.0000000000 
_pdbx_struct_oper_list.vector[1]            0.0000000000 
_pdbx_struct_oper_list.matrix[2][1]         0.0000000000 
_pdbx_struct_oper_list.matrix[2][2]         1.0000000000 
_pdbx_struct_oper_list.matrix[2][3]         0.0000000000 
_pdbx_struct_oper_list.vector[2]            0.0000000000 
_pdbx_struct_oper_list.matrix[3][1]         0.0000000000 
_pdbx_struct_oper_list.matrix[3][2]         0.0000000000 
_pdbx_struct_oper_list.matrix[3][3]         1.0000000000 
_pdbx_struct_oper_list.vector[3]            0.0000000000 
# 
_struct_biol.id                    1 
_struct_biol.details               
;PSEUDO TWO-FOLD CALCULATED FROM C ALPHA PORTIONS A 6 - A 20
AND B 7 - B 19 AND THE CORRESPONDING ATOMS OF MOLECULE 2.
THE TRANSFORMATION PRESENTED ON *MTRIX* RECORDS BELOW WILL
YIELD APPROXIMATE COORDINATES FOR CHAINS *C* AND *D* WHEN
APPLIED TO CHAINS *A* AND *B*, RESPECTIVELY.
;
_struct_biol.pdbx_parent_biol_id   ? 
# 
loop_
_struct_conf.conf_type_id 
_struct_conf.id 
_struct_conf.pdbx_PDB_helix_id 
_struct_conf.beg_label_comp_id 
_struct_conf.beg_label_asym_id 
_struct_conf.beg_label_seq_id 
_struct_conf.pdbx_beg_PDB_ins_code 
_struct_conf.end_label_comp_id 
_struct_conf.end_label_asym_id 
_struct_conf.end_label_seq_id 
_struct_conf.pdbx_end_PDB_ins_code 
_struct_conf.beg_auth_comp_id 
_struct_conf.beg_auth_asym_id 
_struct_conf.beg_auth_seq_id 
_struct_conf.end_auth_comp_id 
_struct_conf.end_auth_asym_id 
_struct_conf.end_auth_seq_id 
_struct_conf.pdbx_PDB_helix_class 
_struct_conf.details 
_struct_conf.pdbx_PDB_helix_length 
HELX_P HELX_P1 A1 PCA A 1  ? VAL A 13 ? PCA A -3 VAL A 9  1 ?                         13 
HELX_P HELX_P2 A2 LYS A 17 ? CYS A 24 ? LYS A 13 CYS A 20 1 'IRREGULAR; ALSO CLASS 5' 8  
HELX_P HELX_P3 B1 SER B 1  ? GLU B 5  ? SER B -2 GLU B 2  5 ?                         5  
HELX_P HELX_P4 B2 CYS B 10 ? SER B 25 ? CYS B 7  SER B 22 1 ?                         16 
HELX_P HELX_P5 C1 PCA C 1  ? VAL C 13 ? PCA C -3 VAL C 9  1 ?                         13 
HELX_P HELX_P6 C2 LYS C 17 ? CYS C 24 ? LYS C 13 CYS C 20 1 'IRREGULAR; ALSO CLASS 5' 8  
HELX_P HELX_P7 D1 SER D 1  ? GLU D 5  ? SER D -2 GLU D 2  5 ?                         5  
HELX_P HELX_P8 D2 CYS D 10 ? SER D 25 ? CYS D 7  SER D 22 1 ?                         16 
# 
_struct_conf_type.id          HELX_P 
_struct_conf_type.criteria    ? 
_struct_conf_type.reference   ? 
# 
loop_
_struct_conn.id 
_struct_conn.conn_type_id 
_struct_conn.pdbx_leaving_atom_flag 
_struct_conn.pdbx_PDB_id 
_struct_conn.ptnr1_label_asym_id 
_struct_conn.ptnr1_label_comp_id 
_struct_conn.ptnr1_label_seq_id 
_struct_conn.ptnr1_label_atom_id 
_struct_conn.pdbx_ptnr1_label_alt_id 
_struct_conn.pdbx_ptnr1_PDB_ins_code 
_struct_conn.pdbx_ptnr1_standard_comp_id 
_struct_conn.ptnr1_symmetry 
_struct_conn.ptnr2_label_asym_id 
_struct_conn.ptnr2_label_comp_id 
_struct_conn.ptnr2_label_seq_id 
_struct_conn.ptnr2_label_atom_id 
_struct_conn.pdbx_ptnr2_label_alt_id 
_struct_conn.pdbx_ptnr2_PDB_ins_code 
_struct_conn.ptnr1_auth_asym_id 
_struct_conn.ptnr1_auth_comp_id 
_struct_conn.ptnr1_auth_seq_id 
_struct_conn.ptnr2_auth_asym_id 
_struct_conn.ptnr2_auth_comp_id 
_struct_conn.ptnr2_auth_seq_id 
_struct_conn.ptnr2_symmetry 
_struct_conn.pdbx_ptnr3_label_atom_id 
_struct_conn.pdbx_ptnr3_label_seq_id 
_struct_conn.pdbx_ptnr3_label_comp_id 
_struct_conn.pdbx_ptnr3_label_asym_id 
_struct_conn.pdbx_ptnr3_label_alt_id 
_struct_conn.pdbx_ptnr3_PDB_ins_code 
_struct_conn.details 
_struct_conn.pdbx_dist_value 
_struct_conn.pdbx_value_order 
_struct_conn.pdbx_role 
disulf1 disulf ?    ? A CYS 10 SG ? ? ? 1_555 A CYS 15 SG ? ? A CYS 6  A CYS 11 1_555 ? ? ? ? ? ? ? 2.055 ? ? 
disulf2 disulf ?    ? A CYS 11 SG ? ? ? 1_555 B CYS 10 SG ? ? A CYS 7  B CYS 7  1_555 ? ? ? ? ? ? ? 2.055 ? ? 
disulf3 disulf ?    ? A CYS 24 SG ? ? ? 1_555 B CYS 22 SG ? ? A CYS 20 B CYS 19 1_555 ? ? ? ? ? ? ? 2.000 ? ? 
disulf4 disulf ?    ? C CYS 10 SG ? ? ? 1_555 C CYS 15 SG ? ? C CYS 6  C CYS 11 1_555 ? ? ? ? ? ? ? 2.012 ? ? 
disulf5 disulf ?    ? C CYS 11 SG ? ? ? 1_555 D CYS 10 SG ? ? C CYS 7  D CYS 7  1_555 ? ? ? ? ? ? ? 2.056 ? ? 
disulf6 disulf ?    ? C CYS 24 SG ? ? ? 1_555 D CYS 22 SG ? ? C CYS 20 D CYS 19 1_555 ? ? ? ? ? ? ? 2.015 ? ? 
covale1 covale both ? A PCA 1  C  ? ? ? 1_555 A LEU 2  N  ? ? A PCA -3 A LEU -2 1_555 ? ? ? ? ? ? ? 1.313 ? ? 
covale2 covale both ? C PCA 1  C  ? ? ? 1_555 C LEU 2  N  ? ? C PCA -3 C LEU -2 1_555 ? ? ? ? ? ? ? 1.310 ? ? 
# 
loop_
_struct_conn_type.id 
_struct_conn_type.criteria 
_struct_conn_type.reference 
disulf ? ? 
covale ? ? 
# 
loop_
_pdbx_modification_feature.ordinal 
_pdbx_modification_feature.label_comp_id 
_pdbx_modification_feature.label_asym_id 
_pdbx_modification_feature.label_seq_id 
_pdbx_modification_feature.label_alt_id 
_pdbx_modification_feature.modified_residue_label_comp_id 
_pdbx_modification_feature.modified_residue_label_asym_id 
_pdbx_modification_feature.modified_residue_label_seq_id 
_pdbx_modification_feature.modified_residue_label_alt_id 
_pdbx_modification_feature.auth_comp_id 
_pdbx_modification_feature.auth_asym_id 
_pdbx_modification_feature.auth_seq_id 
_pdbx_modification_feature.PDB_ins_code 
_pdbx_modification_feature.symmetry 
_pdbx_modification_feature.modified_residue_auth_comp_id 
_pdbx_modification_feature.modified_residue_auth_asym_id 
_pdbx_modification_feature.modified_residue_auth_seq_id 
_pdbx_modification_feature.modified_residue_PDB_ins_code 
_pdbx_modification_feature.modified_residue_symmetry 
_pdbx_modification_feature.comp_id_linking_atom 
_pdbx_modification_feature.modified_residue_id_linking_atom 
_pdbx_modification_feature.modified_residue_id 
_pdbx_modification_feature.ref_pcm_id 
_pdbx_modification_feature.ref_comp_id 
_pdbx_modification_feature.type 
_pdbx_modification_feature.category 
1 PCA A 1  ? .   . .  . PCA A -3 ? 1_555 .   . .  . .     .  .  GLN 1 PCA 'Pyrrolidone carboxylic acid' 
'Named protein modification' 
2 PCA C 1  ? .   . .  . PCA C -3 ? 1_555 .   . .  . .     .  .  GLN 1 PCA 'Pyrrolidone carboxylic acid' 
'Named protein modification' 
3 CYS A 10 ? CYS A 15 ? CYS A 6  ? 1_555 CYS A 11 ? 1_555 SG SG .   . .   None                          'Disulfide bridge' 
4 CYS A 11 ? CYS B 10 ? CYS A 7  ? 1_555 CYS B 7  ? 1_555 SG SG .   . .   None                          'Disulfide bridge' 
5 CYS A 24 ? CYS B 22 ? CYS A 20 ? 1_555 CYS B 19 ? 1_555 SG SG .   . .   None                          'Disulfide bridge' 
6 CYS C 10 ? CYS C 15 ? CYS C 6  ? 1_555 CYS C 11 ? 1_555 SG SG .   . .   None                          'Disulfide bridge' 
7 CYS C 11 ? CYS D 10 ? CYS C 7  ? 1_555 CYS D 7  ? 1_555 SG SG .   . .   None                          'Disulfide bridge' 
8 CYS C 24 ? CYS D 22 ? CYS C 20 ? 1_555 CYS D 19 ? 1_555 SG SG .   . .   None                          'Disulfide bridge' 
# 
loop_
_struct_sheet.id 
_struct_sheet.type 
_struct_sheet.number_strands 
_struct_sheet.details 
A ? 2 ? 
B ? 2 ? 
# 
loop_
_struct_sheet_order.sheet_id 
_struct_sheet_order.range_id_1 
_struct_sheet_order.range_id_2 
_struct_sheet_order.offset 
_struct_sheet_order.sense 
A 1 2 ? anti-parallel 
B 1 2 ? anti-parallel 
# 
loop_
_struct_sheet_range.sheet_id 
_struct_sheet_range.id 
_struct_sheet_range.beg_label_comp_id 
_struct_sheet_range.beg_label_asym_id 
_struct_sheet_range.beg_label_seq_id 
_struct_sheet_range.pdbx_beg_PDB_ins_code 
_struct_sheet_range.end_label_comp_id 
_struct_sheet_range.end_label_asym_id 
_struct_sheet_range.end_label_seq_id 
_struct_sheet_range.pdbx_end_PDB_ins_code 
_struct_sheet_range.beg_auth_comp_id 
_struct_sheet_range.beg_auth_asym_id 
_struct_sheet_range.beg_auth_seq_id 
_struct_sheet_range.end_auth_comp_id 
_struct_sheet_range.end_auth_asym_id 
_struct_sheet_range.end_auth_seq_id 
A 1 CYS A 15 ? THR A 16 ? CYS A 11 THR A 12 
A 2 VAL B 6  ? ILE B 7  ? VAL B 3  ILE B 4  
B 1 CYS C 15 ? THR C 16 ? CYS C 11 THR C 12 
B 2 VAL D 6  ? ILE D 7  ? VAL D 3  ILE D 4  
# 
loop_
_pdbx_struct_sheet_hbond.sheet_id 
_pdbx_struct_sheet_hbond.range_id_1 
_pdbx_struct_sheet_hbond.range_id_2 
_pdbx_struct_sheet_hbond.range_1_label_atom_id 
_pdbx_struct_sheet_hbond.range_1_label_comp_id 
_pdbx_struct_sheet_hbond.range_1_label_asym_id 
_pdbx_struct_sheet_hbond.range_1_label_seq_id 
_pdbx_struct_sheet_hbond.range_1_PDB_ins_code 
_pdbx_struct_sheet_hbond.range_1_auth_atom_id 
_pdbx_struct_sheet_hbond.range_1_auth_comp_id 
_pdbx_struct_sheet_hbond.range_1_auth_asym_id 
_pdbx_struct_sheet_hbond.range_1_auth_seq_id 
_pdbx_struct_sheet_hbond.range_2_label_atom_id 
_pdbx_struct_sheet_hbond.range_2_label_comp_id 
_pdbx_struct_sheet_hbond.range_2_label_asym_id 
_pdbx_struct_sheet_hbond.range_2_label_seq_id 
_pdbx_struct_sheet_hbond.range_2_PDB_ins_code 
_pdbx_struct_sheet_hbond.range_2_auth_atom_id 
_pdbx_struct_sheet_hbond.range_2_auth_comp_id 
_pdbx_struct_sheet_hbond.range_2_auth_asym_id 
_pdbx_struct_sheet_hbond.range_2_auth_seq_id 
A 1 2 N CYS A 15 ? N CYS A 11 O ILE B 7 ? O ILE B 4 
B 1 2 O CYS C 15 ? O CYS C 11 N ILE D 7 ? N ILE D 4 
# 
_pdbx_entry_details.entry_id                   6RLX 
_pdbx_entry_details.compound_details           ? 
_pdbx_entry_details.source_details             ? 
_pdbx_entry_details.nonpolymer_details         ? 
_pdbx_entry_details.sequence_details           
;NUMBERING OF THE RESIDUES IS BASED ON INSULIN (EG. 1INS OF
PROTEIN DATA BANK).  WEAK OR NONEXISTENT ELECTRON DENSITY
PREVENTS IDENTIFICATION OF THE FOLLOWING:  SOME ATOMS OF
PCA A(-3); RESIDUES SER B 25, THR D 23, TRP D 24 AND SER D
25.  MULTIPLE ATOMIC POSITIONS ARE INCLUDED FOR SIDE CHAIN
ATOMS OF THE FOLLOWING RESIDUES:  SER A 15, GLU B 10, TRP B
24, AND ARG C 14.
;
_pdbx_entry_details.has_ligand_of_interest     ? 
_pdbx_entry_details.has_protein_modification   Y 
# 
_pdbx_validate_symm_contact.id                1 
_pdbx_validate_symm_contact.PDB_model_num     1 
_pdbx_validate_symm_contact.auth_atom_id_1    NH2 
_pdbx_validate_symm_contact.auth_asym_id_1    B 
_pdbx_validate_symm_contact.auth_comp_id_1    ARG 
_pdbx_validate_symm_contact.auth_seq_id_1     9 
_pdbx_validate_symm_contact.PDB_ins_code_1    ? 
_pdbx_validate_symm_contact.label_alt_id_1    ? 
_pdbx_validate_symm_contact.site_symmetry_1   1_555 
_pdbx_validate_symm_contact.auth_atom_id_2    NH2 
_pdbx_validate_symm_contact.auth_asym_id_2    B 
_pdbx_validate_symm_contact.auth_comp_id_2    ARG 
_pdbx_validate_symm_contact.auth_seq_id_2     9 
_pdbx_validate_symm_contact.PDB_ins_code_2    ? 
_pdbx_validate_symm_contact.label_alt_id_2    ? 
_pdbx_validate_symm_contact.site_symmetry_2   4_566 
_pdbx_validate_symm_contact.dist              1.94 
# 
loop_
_pdbx_validate_rmsd_angle.id 
_pdbx_validate_rmsd_angle.PDB_model_num 
_pdbx_validate_rmsd_angle.auth_atom_id_1 
_pdbx_validate_rmsd_angle.auth_asym_id_1 
_pdbx_validate_rmsd_angle.auth_comp_id_1 
_pdbx_validate_rmsd_angle.auth_seq_id_1 
_pdbx_validate_rmsd_angle.PDB_ins_code_1 
_pdbx_validate_rmsd_angle.label_alt_id_1 
_pdbx_validate_rmsd_angle.auth_atom_id_2 
_pdbx_validate_rmsd_angle.auth_asym_id_2 
_pdbx_validate_rmsd_angle.auth_comp_id_2 
_pdbx_validate_rmsd_angle.auth_seq_id_2 
_pdbx_validate_rmsd_angle.PDB_ins_code_2 
_pdbx_validate_rmsd_angle.label_alt_id_2 
_pdbx_validate_rmsd_angle.auth_atom_id_3 
_pdbx_validate_rmsd_angle.auth_asym_id_3 
_pdbx_validate_rmsd_angle.auth_comp_id_3 
_pdbx_validate_rmsd_angle.auth_seq_id_3 
_pdbx_validate_rmsd_angle.PDB_ins_code_3 
_pdbx_validate_rmsd_angle.label_alt_id_3 
_pdbx_validate_rmsd_angle.angle_value 
_pdbx_validate_rmsd_angle.angle_target_value 
_pdbx_validate_rmsd_angle.angle_deviation 
_pdbx_validate_rmsd_angle.angle_standard_deviation 
_pdbx_validate_rmsd_angle.linker_flag 
1  1 CB  A TYR -1 ? ? CG A TYR -1 ? ? CD2 A TYR -1 ? ? 125.65 121.00 4.65   0.60 N 
2  1 CB  A TYR -1 ? ? CG A TYR -1 ? ? CD1 A TYR -1 ? ? 115.79 121.00 -5.21  0.60 N 
3  1 O   A ASN 4  ? ? C  A ASN 4  ? ? N   A LYS 5  ? ? 133.54 122.70 10.84  1.60 Y 
4  1 CA  A LYS 5  ? ? C  A LYS 5  ? ? N   A CYS 6  ? ? 132.02 117.20 14.82  2.20 Y 
5  1 O   A LYS 5  ? ? C  A LYS 5  ? ? N   A CYS 6  ? ? 109.96 122.70 -12.74 1.60 Y 
6  1 CD  A ARG 14 ? ? NE A ARG 14 ? ? CZ  A ARG 14 ? ? 135.31 123.60 11.71  1.40 N 
7  1 CD  A ARG 18 ? ? NE A ARG 18 ? ? CZ  A ARG 18 ? ? 134.12 123.60 10.52  1.40 N 
8  1 NE  A ARG 18 ? ? CZ A ARG 18 ? ? NH1 A ARG 18 ? ? 126.47 120.30 6.17   0.50 N 
9  1 CA  B MET 0  ? ? CB B MET 0  ? ? CG  B MET 0  ? ? 102.68 113.30 -10.62 1.70 N 
10 1 O   B LEU 6  ? ? C  B LEU 6  ? ? N   B CYS 7  ? ? 135.01 122.70 12.31  1.60 Y 
11 1 NE  B ARG 9  ? ? CZ B ARG 9  ? ? NH1 B ARG 9  ? ? 124.12 120.30 3.82   0.50 N 
12 1 CA  B ARG 9  ? ? C  B ARG 9  ? ? O   B ARG 9  ? ? 134.58 120.10 14.48  2.10 N 
13 1 OE1 B GLU 10 ? B CD B GLU 10 ? B OE2 B GLU 10 ? B 131.05 123.30 7.75   1.20 N 
14 1 CG  B GLU 10 ? A CD B GLU 10 ? A OE1 B GLU 10 ? A 100.37 118.30 -17.93 2.00 N 
15 1 CG  B GLU 10 ? A CD B GLU 10 ? A OE2 B GLU 10 ? A 135.30 118.30 17.00  2.00 N 
16 1 CG  B GLU 10 ? B CD B GLU 10 ? B OE2 B GLU 10 ? B 99.05  118.30 -19.25 2.00 N 
17 1 NE  B ARG 13 ? ? CZ B ARG 13 ? ? NH1 B ARG 13 ? ? 117.11 120.30 -3.19  0.50 N 
18 1 O   B ALA 14 ? ? C  B ALA 14 ? ? N   B GLN 15 ? ? 134.63 122.70 11.93  1.60 Y 
19 1 O   C TYR -1 ? ? C  C TYR -1 ? ? N   C SER 0  ? ? 111.28 122.70 -11.42 1.60 Y 
20 1 NE  C ARG 14 ? B CZ C ARG 14 ? B NH1 C ARG 14 ? B 125.55 120.30 5.25   0.50 N 
21 1 NE  C ARG 14 ? B CZ C ARG 14 ? B NH2 C ARG 14 ? B 113.62 120.30 -6.68  0.50 N 
22 1 O   C ALA 17 ? ? C  C ALA 17 ? ? N   C ARG 18 ? ? 132.56 122.70 9.86   1.60 Y 
23 1 CB  C PHE 19 ? ? CG C PHE 19 ? ? CD2 C PHE 19 ? ? 126.81 120.80 6.01   0.70 N 
24 1 CA  D MET 0  ? ? CB D MET 0  ? ? CG  D MET 0  ? ? 99.34  113.30 -13.96 1.70 N 
25 1 O   D LEU 6  ? ? C  D LEU 6  ? ? N   D CYS 7  ? ? 140.04 122.70 17.34  1.60 Y 
26 1 NE  D ARG 9  ? ? CZ D ARG 9  ? ? NH1 D ARG 9  ? ? 116.25 120.30 -4.05  0.50 N 
27 1 OE1 D GLU 10 ? ? CD D GLU 10 ? ? OE2 D GLU 10 ? ? 115.01 123.30 -8.29  1.20 N 
28 1 CG  D GLU 10 ? ? CD D GLU 10 ? ? OE2 D GLU 10 ? ? 131.41 118.30 13.11  2.00 N 
29 1 CD  D ARG 13 ? ? NE D ARG 13 ? ? CZ  D ARG 13 ? ? 133.20 123.60 9.60   1.40 N 
30 1 NE  D ARG 13 ? ? CZ D ARG 13 ? ? NH1 D ARG 13 ? ? 129.53 120.30 9.23   0.50 N 
31 1 NE  D ARG 13 ? ? CZ D ARG 13 ? ? NH2 D ARG 13 ? ? 115.34 120.30 -4.96  0.50 N 
# 
_pdbx_validate_torsion.id              1 
_pdbx_validate_torsion.PDB_model_num   1 
_pdbx_validate_torsion.auth_comp_id    SER 
_pdbx_validate_torsion.auth_asym_id    B 
_pdbx_validate_torsion.auth_seq_id     22 
_pdbx_validate_torsion.PDB_ins_code    ? 
_pdbx_validate_torsion.label_alt_id    ? 
_pdbx_validate_torsion.phi             -83.44 
_pdbx_validate_torsion.psi             49.26 
# 
loop_
_pdbx_validate_planes.id 
_pdbx_validate_planes.PDB_model_num 
_pdbx_validate_planes.auth_comp_id 
_pdbx_validate_planes.auth_asym_id 
_pdbx_validate_planes.auth_seq_id 
_pdbx_validate_planes.PDB_ins_code 
_pdbx_validate_planes.label_alt_id 
_pdbx_validate_planes.rmsd 
_pdbx_validate_planes.type 
1 1 ARG C 14 ? ? 0.245 'SIDE CHAIN' 
2 1 ARG D 9  ? ? 0.092 'SIDE CHAIN' 
3 1 ARG D 13 ? ? 0.100 'SIDE CHAIN' 
# 
loop_
_pdbx_struct_mod_residue.id 
_pdbx_struct_mod_residue.label_asym_id 
_pdbx_struct_mod_residue.label_comp_id 
_pdbx_struct_mod_residue.label_seq_id 
_pdbx_struct_mod_residue.auth_asym_id 
_pdbx_struct_mod_residue.auth_comp_id 
_pdbx_struct_mod_residue.auth_seq_id 
_pdbx_struct_mod_residue.PDB_ins_code 
_pdbx_struct_mod_residue.parent_comp_id 
_pdbx_struct_mod_residue.details 
1 A PCA 1 A PCA -3 ? GLN 'PYROGLUTAMIC ACID' 
2 C PCA 1 C PCA -3 ? GLN 'PYROGLUTAMIC ACID' 
# 
_pdbx_struct_special_symmetry.id              1 
_pdbx_struct_special_symmetry.PDB_model_num   1 
_pdbx_struct_special_symmetry.auth_asym_id    C 
_pdbx_struct_special_symmetry.auth_comp_id    HOH 
_pdbx_struct_special_symmetry.auth_seq_id     71 
_pdbx_struct_special_symmetry.PDB_ins_code    ? 
_pdbx_struct_special_symmetry.label_asym_id   G 
_pdbx_struct_special_symmetry.label_comp_id   HOH 
_pdbx_struct_special_symmetry.label_seq_id    . 
# 
loop_
_pdbx_unobs_or_zero_occ_residues.id 
_pdbx_unobs_or_zero_occ_residues.PDB_model_num 
_pdbx_unobs_or_zero_occ_residues.polymer_flag 
_pdbx_unobs_or_zero_occ_residues.occupancy_flag 
_pdbx_unobs_or_zero_occ_residues.auth_asym_id 
_pdbx_unobs_or_zero_occ_residues.auth_comp_id 
_pdbx_unobs_or_zero_occ_residues.auth_seq_id 
_pdbx_unobs_or_zero_occ_residues.PDB_ins_code 
_pdbx_unobs_or_zero_occ_residues.label_asym_id 
_pdbx_unobs_or_zero_occ_residues.label_comp_id 
_pdbx_unobs_or_zero_occ_residues.label_seq_id 
1 1 Y 1 B SER 25 ? B SER 28 
2 1 Y 1 D THR 23 ? D THR 26 
3 1 Y 1 D TRP 24 ? D TRP 27 
4 1 Y 1 D SER 25 ? D SER 28 
# 
loop_
_chem_comp_atom.comp_id 
_chem_comp_atom.atom_id 
_chem_comp_atom.type_symbol 
_chem_comp_atom.pdbx_aromatic_flag 
_chem_comp_atom.pdbx_stereo_config 
_chem_comp_atom.pdbx_ordinal 
ALA N    N N N 1   
ALA CA   C N S 2   
ALA C    C N N 3   
ALA O    O N N 4   
ALA CB   C N N 5   
ALA OXT  O N N 6   
ALA H    H N N 7   
ALA H2   H N N 8   
ALA HA   H N N 9   
ALA HB1  H N N 10  
ALA HB2  H N N 11  
ALA HB3  H N N 12  
ALA HXT  H N N 13  
ARG N    N N N 14  
ARG CA   C N S 15  
ARG C    C N N 16  
ARG O    O N N 17  
ARG CB   C N N 18  
ARG CG   C N N 19  
ARG CD   C N N 20  
ARG NE   N N N 21  
ARG CZ   C N N 22  
ARG NH1  N N N 23  
ARG NH2  N N N 24  
ARG OXT  O N N 25  
ARG H    H N N 26  
ARG H2   H N N 27  
ARG HA   H N N 28  
ARG HB2  H N N 29  
ARG HB3  H N N 30  
ARG HG2  H N N 31  
ARG HG3  H N N 32  
ARG HD2  H N N 33  
ARG HD3  H N N 34  
ARG HE   H N N 35  
ARG HH11 H N N 36  
ARG HH12 H N N 37  
ARG HH21 H N N 38  
ARG HH22 H N N 39  
ARG HXT  H N N 40  
ASN N    N N N 41  
ASN CA   C N S 42  
ASN C    C N N 43  
ASN O    O N N 44  
ASN CB   C N N 45  
ASN CG   C N N 46  
ASN OD1  O N N 47  
ASN ND2  N N N 48  
ASN OXT  O N N 49  
ASN H    H N N 50  
ASN H2   H N N 51  
ASN HA   H N N 52  
ASN HB2  H N N 53  
ASN HB3  H N N 54  
ASN HD21 H N N 55  
ASN HD22 H N N 56  
ASN HXT  H N N 57  
CYS N    N N N 58  
CYS CA   C N R 59  
CYS C    C N N 60  
CYS O    O N N 61  
CYS CB   C N N 62  
CYS SG   S N N 63  
CYS OXT  O N N 64  
CYS H    H N N 65  
CYS H2   H N N 66  
CYS HA   H N N 67  
CYS HB2  H N N 68  
CYS HB3  H N N 69  
CYS HG   H N N 70  
CYS HXT  H N N 71  
GLN N    N N N 72  
GLN CA   C N S 73  
GLN C    C N N 74  
GLN O    O N N 75  
GLN CB   C N N 76  
GLN CG   C N N 77  
GLN CD   C N N 78  
GLN OE1  O N N 79  
GLN NE2  N N N 80  
GLN OXT  O N N 81  
GLN H    H N N 82  
GLN H2   H N N 83  
GLN HA   H N N 84  
GLN HB2  H N N 85  
GLN HB3  H N N 86  
GLN HG2  H N N 87  
GLN HG3  H N N 88  
GLN HE21 H N N 89  
GLN HE22 H N N 90  
GLN HXT  H N N 91  
GLU N    N N N 92  
GLU CA   C N S 93  
GLU C    C N N 94  
GLU O    O N N 95  
GLU CB   C N N 96  
GLU CG   C N N 97  
GLU CD   C N N 98  
GLU OE1  O N N 99  
GLU OE2  O N N 100 
GLU OXT  O N N 101 
GLU H    H N N 102 
GLU H2   H N N 103 
GLU HA   H N N 104 
GLU HB2  H N N 105 
GLU HB3  H N N 106 
GLU HG2  H N N 107 
GLU HG3  H N N 108 
GLU HE2  H N N 109 
GLU HXT  H N N 110 
GLY N    N N N 111 
GLY CA   C N N 112 
GLY C    C N N 113 
GLY O    O N N 114 
GLY OXT  O N N 115 
GLY H    H N N 116 
GLY H2   H N N 117 
GLY HA2  H N N 118 
GLY HA3  H N N 119 
GLY HXT  H N N 120 
HIS N    N N N 121 
HIS CA   C N S 122 
HIS C    C N N 123 
HIS O    O N N 124 
HIS CB   C N N 125 
HIS CG   C Y N 126 
HIS ND1  N Y N 127 
HIS CD2  C Y N 128 
HIS CE1  C Y N 129 
HIS NE2  N Y N 130 
HIS OXT  O N N 131 
HIS H    H N N 132 
HIS H2   H N N 133 
HIS HA   H N N 134 
HIS HB2  H N N 135 
HIS HB3  H N N 136 
HIS HD1  H N N 137 
HIS HD2  H N N 138 
HIS HE1  H N N 139 
HIS HE2  H N N 140 
HIS HXT  H N N 141 
HOH O    O N N 142 
HOH H1   H N N 143 
HOH H2   H N N 144 
ILE N    N N N 145 
ILE CA   C N S 146 
ILE C    C N N 147 
ILE O    O N N 148 
ILE CB   C N S 149 
ILE CG1  C N N 150 
ILE CG2  C N N 151 
ILE CD1  C N N 152 
ILE OXT  O N N 153 
ILE H    H N N 154 
ILE H2   H N N 155 
ILE HA   H N N 156 
ILE HB   H N N 157 
ILE HG12 H N N 158 
ILE HG13 H N N 159 
ILE HG21 H N N 160 
ILE HG22 H N N 161 
ILE HG23 H N N 162 
ILE HD11 H N N 163 
ILE HD12 H N N 164 
ILE HD13 H N N 165 
ILE HXT  H N N 166 
LEU N    N N N 167 
LEU CA   C N S 168 
LEU C    C N N 169 
LEU O    O N N 170 
LEU CB   C N N 171 
LEU CG   C N N 172 
LEU CD1  C N N 173 
LEU CD2  C N N 174 
LEU OXT  O N N 175 
LEU H    H N N 176 
LEU H2   H N N 177 
LEU HA   H N N 178 
LEU HB2  H N N 179 
LEU HB3  H N N 180 
LEU HG   H N N 181 
LEU HD11 H N N 182 
LEU HD12 H N N 183 
LEU HD13 H N N 184 
LEU HD21 H N N 185 
LEU HD22 H N N 186 
LEU HD23 H N N 187 
LEU HXT  H N N 188 
LYS N    N N N 189 
LYS CA   C N S 190 
LYS C    C N N 191 
LYS O    O N N 192 
LYS CB   C N N 193 
LYS CG   C N N 194 
LYS CD   C N N 195 
LYS CE   C N N 196 
LYS NZ   N N N 197 
LYS OXT  O N N 198 
LYS H    H N N 199 
LYS H2   H N N 200 
LYS HA   H N N 201 
LYS HB2  H N N 202 
LYS HB3  H N N 203 
LYS HG2  H N N 204 
LYS HG3  H N N 205 
LYS HD2  H N N 206 
LYS HD3  H N N 207 
LYS HE2  H N N 208 
LYS HE3  H N N 209 
LYS HZ1  H N N 210 
LYS HZ2  H N N 211 
LYS HZ3  H N N 212 
LYS HXT  H N N 213 
MET N    N N N 214 
MET CA   C N S 215 
MET C    C N N 216 
MET O    O N N 217 
MET CB   C N N 218 
MET CG   C N N 219 
MET SD   S N N 220 
MET CE   C N N 221 
MET OXT  O N N 222 
MET H    H N N 223 
MET H2   H N N 224 
MET HA   H N N 225 
MET HB2  H N N 226 
MET HB3  H N N 227 
MET HG2  H N N 228 
MET HG3  H N N 229 
MET HE1  H N N 230 
MET HE2  H N N 231 
MET HE3  H N N 232 
MET HXT  H N N 233 
PCA N    N N N 234 
PCA CA   C N S 235 
PCA CB   C N N 236 
PCA CG   C N N 237 
PCA CD   C N N 238 
PCA OE   O N N 239 
PCA C    C N N 240 
PCA O    O N N 241 
PCA OXT  O N N 242 
PCA H    H N N 243 
PCA HA   H N N 244 
PCA HB2  H N N 245 
PCA HB3  H N N 246 
PCA HG2  H N N 247 
PCA HG3  H N N 248 
PCA HXT  H N N 249 
PHE N    N N N 250 
PHE CA   C N S 251 
PHE C    C N N 252 
PHE O    O N N 253 
PHE CB   C N N 254 
PHE CG   C Y N 255 
PHE CD1  C Y N 256 
PHE CD2  C Y N 257 
PHE CE1  C Y N 258 
PHE CE2  C Y N 259 
PHE CZ   C Y N 260 
PHE OXT  O N N 261 
PHE H    H N N 262 
PHE H2   H N N 263 
PHE HA   H N N 264 
PHE HB2  H N N 265 
PHE HB3  H N N 266 
PHE HD1  H N N 267 
PHE HD2  H N N 268 
PHE HE1  H N N 269 
PHE HE2  H N N 270 
PHE HZ   H N N 271 
PHE HXT  H N N 272 
SER N    N N N 273 
SER CA   C N S 274 
SER C    C N N 275 
SER O    O N N 276 
SER CB   C N N 277 
SER OG   O N N 278 
SER OXT  O N N 279 
SER H    H N N 280 
SER H2   H N N 281 
SER HA   H N N 282 
SER HB2  H N N 283 
SER HB3  H N N 284 
SER HG   H N N 285 
SER HXT  H N N 286 
THR N    N N N 287 
THR CA   C N S 288 
THR C    C N N 289 
THR O    O N N 290 
THR CB   C N R 291 
THR OG1  O N N 292 
THR CG2  C N N 293 
THR OXT  O N N 294 
THR H    H N N 295 
THR H2   H N N 296 
THR HA   H N N 297 
THR HB   H N N 298 
THR HG1  H N N 299 
THR HG21 H N N 300 
THR HG22 H N N 301 
THR HG23 H N N 302 
THR HXT  H N N 303 
TRP N    N N N 304 
TRP CA   C N S 305 
TRP C    C N N 306 
TRP O    O N N 307 
TRP CB   C N N 308 
TRP CG   C Y N 309 
TRP CD1  C Y N 310 
TRP CD2  C Y N 311 
TRP NE1  N Y N 312 
TRP CE2  C Y N 313 
TRP CE3  C Y N 314 
TRP CZ2  C Y N 315 
TRP CZ3  C Y N 316 
TRP CH2  C Y N 317 
TRP OXT  O N N 318 
TRP H    H N N 319 
TRP H2   H N N 320 
TRP HA   H N N 321 
TRP HB2  H N N 322 
TRP HB3  H N N 323 
TRP HD1  H N N 324 
TRP HE1  H N N 325 
TRP HE3  H N N 326 
TRP HZ2  H N N 327 
TRP HZ3  H N N 328 
TRP HH2  H N N 329 
TRP HXT  H N N 330 
TYR N    N N N 331 
TYR CA   C N S 332 
TYR C    C N N 333 
TYR O    O N N 334 
TYR CB   C N N 335 
TYR CG   C Y N 336 
TYR CD1  C Y N 337 
TYR CD2  C Y N 338 
TYR CE1  C Y N 339 
TYR CE2  C Y N 340 
TYR CZ   C Y N 341 
TYR OH   O N N 342 
TYR OXT  O N N 343 
TYR H    H N N 344 
TYR H2   H N N 345 
TYR HA   H N N 346 
TYR HB2  H N N 347 
TYR HB3  H N N 348 
TYR HD1  H N N 349 
TYR HD2  H N N 350 
TYR HE1  H N N 351 
TYR HE2  H N N 352 
TYR HH   H N N 353 
TYR HXT  H N N 354 
VAL N    N N N 355 
VAL CA   C N S 356 
VAL C    C N N 357 
VAL O    O N N 358 
VAL CB   C N N 359 
VAL CG1  C N N 360 
VAL CG2  C N N 361 
VAL OXT  O N N 362 
VAL H    H N N 363 
VAL H2   H N N 364 
VAL HA   H N N 365 
VAL HB   H N N 366 
VAL HG11 H N N 367 
VAL HG12 H N N 368 
VAL HG13 H N N 369 
VAL HG21 H N N 370 
VAL HG22 H N N 371 
VAL HG23 H N N 372 
VAL HXT  H N N 373 
# 
loop_
_chem_comp_bond.comp_id 
_chem_comp_bond.atom_id_1 
_chem_comp_bond.atom_id_2 
_chem_comp_bond.value_order 
_chem_comp_bond.pdbx_aromatic_flag 
_chem_comp_bond.pdbx_stereo_config 
_chem_comp_bond.pdbx_ordinal 
ALA N   CA   sing N N 1   
ALA N   H    sing N N 2   
ALA N   H2   sing N N 3   
ALA CA  C    sing N N 4   
ALA CA  CB   sing N N 5   
ALA CA  HA   sing N N 6   
ALA C   O    doub N N 7   
ALA C   OXT  sing N N 8   
ALA CB  HB1  sing N N 9   
ALA CB  HB2  sing N N 10  
ALA CB  HB3  sing N N 11  
ALA OXT HXT  sing N N 12  
ARG N   CA   sing N N 13  
ARG N   H    sing N N 14  
ARG N   H2   sing N N 15  
ARG CA  C    sing N N 16  
ARG CA  CB   sing N N 17  
ARG CA  HA   sing N N 18  
ARG C   O    doub N N 19  
ARG C   OXT  sing N N 20  
ARG CB  CG   sing N N 21  
ARG CB  HB2  sing N N 22  
ARG CB  HB3  sing N N 23  
ARG CG  CD   sing N N 24  
ARG CG  HG2  sing N N 25  
ARG CG  HG3  sing N N 26  
ARG CD  NE   sing N N 27  
ARG CD  HD2  sing N N 28  
ARG CD  HD3  sing N N 29  
ARG NE  CZ   sing N N 30  
ARG NE  HE   sing N N 31  
ARG CZ  NH1  sing N N 32  
ARG CZ  NH2  doub N N 33  
ARG NH1 HH11 sing N N 34  
ARG NH1 HH12 sing N N 35  
ARG NH2 HH21 sing N N 36  
ARG NH2 HH22 sing N N 37  
ARG OXT HXT  sing N N 38  
ASN N   CA   sing N N 39  
ASN N   H    sing N N 40  
ASN N   H2   sing N N 41  
ASN CA  C    sing N N 42  
ASN CA  CB   sing N N 43  
ASN CA  HA   sing N N 44  
ASN C   O    doub N N 45  
ASN C   OXT  sing N N 46  
ASN CB  CG   sing N N 47  
ASN CB  HB2  sing N N 48  
ASN CB  HB3  sing N N 49  
ASN CG  OD1  doub N N 50  
ASN CG  ND2  sing N N 51  
ASN ND2 HD21 sing N N 52  
ASN ND2 HD22 sing N N 53  
ASN OXT HXT  sing N N 54  
CYS N   CA   sing N N 55  
CYS N   H    sing N N 56  
CYS N   H2   sing N N 57  
CYS CA  C    sing N N 58  
CYS CA  CB   sing N N 59  
CYS CA  HA   sing N N 60  
CYS C   O    doub N N 61  
CYS C   OXT  sing N N 62  
CYS CB  SG   sing N N 63  
CYS CB  HB2  sing N N 64  
CYS CB  HB3  sing N N 65  
CYS SG  HG   sing N N 66  
CYS OXT HXT  sing N N 67  
GLN N   CA   sing N N 68  
GLN N   H    sing N N 69  
GLN N   H2   sing N N 70  
GLN CA  C    sing N N 71  
GLN CA  CB   sing N N 72  
GLN CA  HA   sing N N 73  
GLN C   O    doub N N 74  
GLN C   OXT  sing N N 75  
GLN CB  CG   sing N N 76  
GLN CB  HB2  sing N N 77  
GLN CB  HB3  sing N N 78  
GLN CG  CD   sing N N 79  
GLN CG  HG2  sing N N 80  
GLN CG  HG3  sing N N 81  
GLN CD  OE1  doub N N 82  
GLN CD  NE2  sing N N 83  
GLN NE2 HE21 sing N N 84  
GLN NE2 HE22 sing N N 85  
GLN OXT HXT  sing N N 86  
GLU N   CA   sing N N 87  
GLU N   H    sing N N 88  
GLU N   H2   sing N N 89  
GLU CA  C    sing N N 90  
GLU CA  CB   sing N N 91  
GLU CA  HA   sing N N 92  
GLU C   O    doub N N 93  
GLU C   OXT  sing N N 94  
GLU CB  CG   sing N N 95  
GLU CB  HB2  sing N N 96  
GLU CB  HB3  sing N N 97  
GLU CG  CD   sing N N 98  
GLU CG  HG2  sing N N 99  
GLU CG  HG3  sing N N 100 
GLU CD  OE1  doub N N 101 
GLU CD  OE2  sing N N 102 
GLU OE2 HE2  sing N N 103 
GLU OXT HXT  sing N N 104 
GLY N   CA   sing N N 105 
GLY N   H    sing N N 106 
GLY N   H2   sing N N 107 
GLY CA  C    sing N N 108 
GLY CA  HA2  sing N N 109 
GLY CA  HA3  sing N N 110 
GLY C   O    doub N N 111 
GLY C   OXT  sing N N 112 
GLY OXT HXT  sing N N 113 
HIS N   CA   sing N N 114 
HIS N   H    sing N N 115 
HIS N   H2   sing N N 116 
HIS CA  C    sing N N 117 
HIS CA  CB   sing N N 118 
HIS CA  HA   sing N N 119 
HIS C   O    doub N N 120 
HIS C   OXT  sing N N 121 
HIS CB  CG   sing N N 122 
HIS CB  HB2  sing N N 123 
HIS CB  HB3  sing N N 124 
HIS CG  ND1  sing Y N 125 
HIS CG  CD2  doub Y N 126 
HIS ND1 CE1  doub Y N 127 
HIS ND1 HD1  sing N N 128 
HIS CD2 NE2  sing Y N 129 
HIS CD2 HD2  sing N N 130 
HIS CE1 NE2  sing Y N 131 
HIS CE1 HE1  sing N N 132 
HIS NE2 HE2  sing N N 133 
HIS OXT HXT  sing N N 134 
HOH O   H1   sing N N 135 
HOH O   H2   sing N N 136 
ILE N   CA   sing N N 137 
ILE N   H    sing N N 138 
ILE N   H2   sing N N 139 
ILE CA  C    sing N N 140 
ILE CA  CB   sing N N 141 
ILE CA  HA   sing N N 142 
ILE C   O    doub N N 143 
ILE C   OXT  sing N N 144 
ILE CB  CG1  sing N N 145 
ILE CB  CG2  sing N N 146 
ILE CB  HB   sing N N 147 
ILE CG1 CD1  sing N N 148 
ILE CG1 HG12 sing N N 149 
ILE CG1 HG13 sing N N 150 
ILE CG2 HG21 sing N N 151 
ILE CG2 HG22 sing N N 152 
ILE CG2 HG23 sing N N 153 
ILE CD1 HD11 sing N N 154 
ILE CD1 HD12 sing N N 155 
ILE CD1 HD13 sing N N 156 
ILE OXT HXT  sing N N 157 
LEU N   CA   sing N N 158 
LEU N   H    sing N N 159 
LEU N   H2   sing N N 160 
LEU CA  C    sing N N 161 
LEU CA  CB   sing N N 162 
LEU CA  HA   sing N N 163 
LEU C   O    doub N N 164 
LEU C   OXT  sing N N 165 
LEU CB  CG   sing N N 166 
LEU CB  HB2  sing N N 167 
LEU CB  HB3  sing N N 168 
LEU CG  CD1  sing N N 169 
LEU CG  CD2  sing N N 170 
LEU CG  HG   sing N N 171 
LEU CD1 HD11 sing N N 172 
LEU CD1 HD12 sing N N 173 
LEU CD1 HD13 sing N N 174 
LEU CD2 HD21 sing N N 175 
LEU CD2 HD22 sing N N 176 
LEU CD2 HD23 sing N N 177 
LEU OXT HXT  sing N N 178 
LYS N   CA   sing N N 179 
LYS N   H    sing N N 180 
LYS N   H2   sing N N 181 
LYS CA  C    sing N N 182 
LYS CA  CB   sing N N 183 
LYS CA  HA   sing N N 184 
LYS C   O    doub N N 185 
LYS C   OXT  sing N N 186 
LYS CB  CG   sing N N 187 
LYS CB  HB2  sing N N 188 
LYS CB  HB3  sing N N 189 
LYS CG  CD   sing N N 190 
LYS CG  HG2  sing N N 191 
LYS CG  HG3  sing N N 192 
LYS CD  CE   sing N N 193 
LYS CD  HD2  sing N N 194 
LYS CD  HD3  sing N N 195 
LYS CE  NZ   sing N N 196 
LYS CE  HE2  sing N N 197 
LYS CE  HE3  sing N N 198 
LYS NZ  HZ1  sing N N 199 
LYS NZ  HZ2  sing N N 200 
LYS NZ  HZ3  sing N N 201 
LYS OXT HXT  sing N N 202 
MET N   CA   sing N N 203 
MET N   H    sing N N 204 
MET N   H2   sing N N 205 
MET CA  C    sing N N 206 
MET CA  CB   sing N N 207 
MET CA  HA   sing N N 208 
MET C   O    doub N N 209 
MET C   OXT  sing N N 210 
MET CB  CG   sing N N 211 
MET CB  HB2  sing N N 212 
MET CB  HB3  sing N N 213 
MET CG  SD   sing N N 214 
MET CG  HG2  sing N N 215 
MET CG  HG3  sing N N 216 
MET SD  CE   sing N N 217 
MET CE  HE1  sing N N 218 
MET CE  HE2  sing N N 219 
MET CE  HE3  sing N N 220 
MET OXT HXT  sing N N 221 
PCA N   CA   sing N N 222 
PCA N   CD   sing N N 223 
PCA N   H    sing N N 224 
PCA CA  CB   sing N N 225 
PCA CA  C    sing N N 226 
PCA CA  HA   sing N N 227 
PCA CB  CG   sing N N 228 
PCA CB  HB2  sing N N 229 
PCA CB  HB3  sing N N 230 
PCA CG  CD   sing N N 231 
PCA CG  HG2  sing N N 232 
PCA CG  HG3  sing N N 233 
PCA CD  OE   doub N N 234 
PCA C   O    doub N N 235 
PCA C   OXT  sing N N 236 
PCA OXT HXT  sing N N 237 
PHE N   CA   sing N N 238 
PHE N   H    sing N N 239 
PHE N   H2   sing N N 240 
PHE CA  C    sing N N 241 
PHE CA  CB   sing N N 242 
PHE CA  HA   sing N N 243 
PHE C   O    doub N N 244 
PHE C   OXT  sing N N 245 
PHE CB  CG   sing N N 246 
PHE CB  HB2  sing N N 247 
PHE CB  HB3  sing N N 248 
PHE CG  CD1  doub Y N 249 
PHE CG  CD2  sing Y N 250 
PHE CD1 CE1  sing Y N 251 
PHE CD1 HD1  sing N N 252 
PHE CD2 CE2  doub Y N 253 
PHE CD2 HD2  sing N N 254 
PHE CE1 CZ   doub Y N 255 
PHE CE1 HE1  sing N N 256 
PHE CE2 CZ   sing Y N 257 
PHE CE2 HE2  sing N N 258 
PHE CZ  HZ   sing N N 259 
PHE OXT HXT  sing N N 260 
SER N   CA   sing N N 261 
SER N   H    sing N N 262 
SER N   H2   sing N N 263 
SER CA  C    sing N N 264 
SER CA  CB   sing N N 265 
SER CA  HA   sing N N 266 
SER C   O    doub N N 267 
SER C   OXT  sing N N 268 
SER CB  OG   sing N N 269 
SER CB  HB2  sing N N 270 
SER CB  HB3  sing N N 271 
SER OG  HG   sing N N 272 
SER OXT HXT  sing N N 273 
THR N   CA   sing N N 274 
THR N   H    sing N N 275 
THR N   H2   sing N N 276 
THR CA  C    sing N N 277 
THR CA  CB   sing N N 278 
THR CA  HA   sing N N 279 
THR C   O    doub N N 280 
THR C   OXT  sing N N 281 
THR CB  OG1  sing N N 282 
THR CB  CG2  sing N N 283 
THR CB  HB   sing N N 284 
THR OG1 HG1  sing N N 285 
THR CG2 HG21 sing N N 286 
THR CG2 HG22 sing N N 287 
THR CG2 HG23 sing N N 288 
THR OXT HXT  sing N N 289 
TRP N   CA   sing N N 290 
TRP N   H    sing N N 291 
TRP N   H2   sing N N 292 
TRP CA  C    sing N N 293 
TRP CA  CB   sing N N 294 
TRP CA  HA   sing N N 295 
TRP C   O    doub N N 296 
TRP C   OXT  sing N N 297 
TRP CB  CG   sing N N 298 
TRP CB  HB2  sing N N 299 
TRP CB  HB3  sing N N 300 
TRP CG  CD1  doub Y N 301 
TRP CG  CD2  sing Y N 302 
TRP CD1 NE1  sing Y N 303 
TRP CD1 HD1  sing N N 304 
TRP CD2 CE2  doub Y N 305 
TRP CD2 CE3  sing Y N 306 
TRP NE1 CE2  sing Y N 307 
TRP NE1 HE1  sing N N 308 
TRP CE2 CZ2  sing Y N 309 
TRP CE3 CZ3  doub Y N 310 
TRP CE3 HE3  sing N N 311 
TRP CZ2 CH2  doub Y N 312 
TRP CZ2 HZ2  sing N N 313 
TRP CZ3 CH2  sing Y N 314 
TRP CZ3 HZ3  sing N N 315 
TRP CH2 HH2  sing N N 316 
TRP OXT HXT  sing N N 317 
TYR N   CA   sing N N 318 
TYR N   H    sing N N 319 
TYR N   H2   sing N N 320 
TYR CA  C    sing N N 321 
TYR CA  CB   sing N N 322 
TYR CA  HA   sing N N 323 
TYR C   O    doub N N 324 
TYR C   OXT  sing N N 325 
TYR CB  CG   sing N N 326 
TYR CB  HB2  sing N N 327 
TYR CB  HB3  sing N N 328 
TYR CG  CD1  doub Y N 329 
TYR CG  CD2  sing Y N 330 
TYR CD1 CE1  sing Y N 331 
TYR CD1 HD1  sing N N 332 
TYR CD2 CE2  doub Y N 333 
TYR CD2 HD2  sing N N 334 
TYR CE1 CZ   doub Y N 335 
TYR CE1 HE1  sing N N 336 
TYR CE2 CZ   sing Y N 337 
TYR CE2 HE2  sing N N 338 
TYR CZ  OH   sing N N 339 
TYR OH  HH   sing N N 340 
TYR OXT HXT  sing N N 341 
VAL N   CA   sing N N 342 
VAL N   H    sing N N 343 
VAL N   H2   sing N N 344 
VAL CA  C    sing N N 345 
VAL CA  CB   sing N N 346 
VAL CA  HA   sing N N 347 
VAL C   O    doub N N 348 
VAL C   OXT  sing N N 349 
VAL CB  CG1  sing N N 350 
VAL CB  CG2  sing N N 351 
VAL CB  HB   sing N N 352 
VAL CG1 HG11 sing N N 353 
VAL CG1 HG12 sing N N 354 
VAL CG1 HG13 sing N N 355 
VAL CG2 HG21 sing N N 356 
VAL CG2 HG22 sing N N 357 
VAL CG2 HG23 sing N N 358 
VAL OXT HXT  sing N N 359 
# 
_atom_sites.entry_id                    6RLX 
_atom_sites.fract_transf_matrix[1][1]   0.00061797 
_atom_sites.fract_transf_matrix[1][2]   -0.01518216 
_atom_sites.fract_transf_matrix[1][3]   0.01060396 
_atom_sites.fract_transf_matrix[2][1]   -0.00807333 
_atom_sites.fract_transf_matrix[2][2]   -0.00916238 
_atom_sites.fract_transf_matrix[2][3]   -0.01264768 
_atom_sites.fract_transf_matrix[3][1]   0.01439233 
_atom_sites.fract_transf_matrix[3][2]   -0.00387178 
_atom_sites.fract_transf_matrix[3][3]   -0.00638214 
_atom_sites.fract_transf_vector[1]      0.663544 
_atom_sites.fract_transf_vector[2]      0.266991 
_atom_sites.fract_transf_vector[3]      0.513613 
# 
_atom_sites_footnote.id     1 
_atom_sites_footnote.text   
;WATERS 402, 404, 508, 509, AND 542 SHARE SOME DISTANCES TOO SHORT FOR INDEPENDENT MOLECULES.  THEY MAY REPRESENT AN INCOMPLETELY RESOLVED CITRATE ION.  FOR WATERS 403, 442, 502, 510, AND 541, THE SAME APPLIES.  THESE PSEUDO-TWO-FOLD RELATED CLUSTERS ARE FOUND NEAR THE N-TERMINI OF THE A-CHAINS.
;
# 
loop_
_atom_type.symbol 
C 
N 
O 
S 
# 
loop_
_atom_site.group_PDB 
_atom_site.id 
_atom_site.type_symbol 
_atom_site.label_atom_id 
_atom_site.label_alt_id 
_atom_site.label_comp_id 
_atom_site.label_asym_id 
_atom_site.label_entity_id 
_atom_site.label_seq_id 
_atom_site.pdbx_PDB_ins_code 
_atom_site.Cartn_x 
_atom_site.Cartn_y 
_atom_site.Cartn_z 
_atom_site.occupancy 
_atom_site.B_iso_or_equiv 
_atom_site.pdbx_formal_charge 
_atom_site.auth_seq_id 
_atom_site.auth_comp_id 
_atom_site.auth_asym_id 
_atom_site.auth_atom_id 
_atom_site.pdbx_PDB_model_num 
HETATM 1   N N   . PCA A 1 1  ? 5.029   -7.715  9.189   1.00 51.69 ? -3  PCA A N   1 
HETATM 2   C CA  . PCA A 1 1  ? 3.693   -7.985  9.736   1.00 50.45 ? -3  PCA A CA  1 
HETATM 3   C CB  . PCA A 1 1  ? 3.863   -8.621  11.106  1.00 53.08 ? -3  PCA A CB  1 
HETATM 4   C C   . PCA A 1 1  ? 2.854   -6.710  9.812   1.00 49.10 ? -3  PCA A C   1 
HETATM 5   O O   . PCA A 1 1  ? 1.623   -6.763  9.693   1.00 51.02 ? -3  PCA A O   1 
ATOM   6   N N   . LEU A 1 2  ? 3.538   -5.606  10.008  1.00 46.00 ? -2  LEU A N   1 
ATOM   7   C CA  . LEU A 1 2  ? 3.060   -4.255  10.172  1.00 39.35 ? -2  LEU A CA  1 
ATOM   8   C C   . LEU A 1 2  ? 2.240   -3.665  9.026   1.00 33.74 ? -2  LEU A C   1 
ATOM   9   O O   . LEU A 1 2  ? 1.095   -3.382  9.421   1.00 31.24 ? -2  LEU A O   1 
ATOM   10  C CB  . LEU A 1 2  ? 4.235   -3.296  10.509  1.00 45.40 ? -2  LEU A CB  1 
ATOM   11  C CG  . LEU A 1 2  ? 4.060   -2.522  11.820  1.00 50.00 ? -2  LEU A CG  1 
ATOM   12  C CD1 . LEU A 1 2  ? 4.051   -1.004  11.616  1.00 51.59 ? -2  LEU A CD1 1 
ATOM   13  C CD2 . LEU A 1 2  ? 2.747   -2.923  12.507  1.00 50.24 ? -2  LEU A CD2 1 
ATOM   14  N N   . TYR A 1 3  ? 2.666   -3.475  7.816   1.00 27.52 ? -1  TYR A N   1 
ATOM   15  C CA  . TYR A 1 3  ? 1.777   -2.840  6.822   1.00 23.33 ? -1  TYR A CA  1 
ATOM   16  C C   . TYR A 1 3  ? 0.534   -3.630  6.472   1.00 22.36 ? -1  TYR A C   1 
ATOM   17  O O   . TYR A 1 3  ? -0.581  -3.034  6.346   1.00 19.39 ? -1  TYR A O   1 
ATOM   18  C CB  . TYR A 1 3  ? 2.564   -2.510  5.546   1.00 17.88 ? -1  TYR A CB  1 
ATOM   19  C CG  . TYR A 1 3  ? 1.732   -1.654  4.623   1.00 19.95 ? -1  TYR A CG  1 
ATOM   20  C CD1 . TYR A 1 3  ? 1.504   -0.329  5.053   1.00 17.35 ? -1  TYR A CD1 1 
ATOM   21  C CD2 . TYR A 1 3  ? 1.239   -2.040  3.412   1.00 19.84 ? -1  TYR A CD2 1 
ATOM   22  C CE1 . TYR A 1 3  ? 0.779   0.552   4.244   1.00 18.50 ? -1  TYR A CE1 1 
ATOM   23  C CE2 . TYR A 1 3  ? 0.485   -1.170  2.646   1.00 20.85 ? -1  TYR A CE2 1 
ATOM   24  C CZ  . TYR A 1 3  ? 0.277   0.151   2.988   1.00 17.19 ? -1  TYR A CZ  1 
ATOM   25  O OH  . TYR A 1 3  ? -0.432  1.007   2.203   1.00 22.92 ? -1  TYR A OH  1 
ATOM   26  N N   . SER A 1 4  ? 0.616   -4.923  6.362   1.00 18.17 ? 0   SER A N   1 
ATOM   27  C CA  . SER A 1 4  ? -0.532  -5.782  6.050   1.00 15.71 ? 0   SER A CA  1 
ATOM   28  C C   . SER A 1 4  ? -1.603  -5.593  7.177   1.00 16.53 ? 0   SER A C   1 
ATOM   29  O O   . SER A 1 4  ? -2.770  -5.625  6.797   1.00 19.43 ? 0   SER A O   1 
ATOM   30  C CB  . SER A 1 4  ? -0.142  -7.248  5.835   1.00 15.96 ? 0   SER A CB  1 
ATOM   31  O OG  . SER A 1 4  ? 0.451   -7.778  6.967   1.00 17.95 ? 0   SER A OG  1 
ATOM   32  N N   . ALA A 1 5  ? -1.168  -5.481  8.400   1.00 16.99 ? 1   ALA A N   1 
ATOM   33  C CA  . ALA A 1 5  ? -2.103  -5.346  9.551   1.00 20.18 ? 1   ALA A CA  1 
ATOM   34  C C   . ALA A 1 5  ? -2.768  -4.008  9.384   1.00 18.82 ? 1   ALA A C   1 
ATOM   35  O O   . ALA A 1 5  ? -4.028  -3.909  9.556   1.00 20.38 ? 1   ALA A O   1 
ATOM   36  C CB  . ALA A 1 5  ? -1.332  -5.442  10.858  1.00 22.89 ? 1   ALA A CB  1 
ATOM   37  N N   . LEU A 1 6  ? -2.065  -2.962  9.164   1.00 16.64 ? 2   LEU A N   1 
ATOM   38  C CA  . LEU A 1 6  ? -2.599  -1.602  9.018   1.00 16.31 ? 2   LEU A CA  1 
ATOM   39  C C   . LEU A 1 6  ? -3.564  -1.575  7.851   1.00 16.47 ? 2   LEU A C   1 
ATOM   40  O O   . LEU A 1 6  ? -4.702  -0.962  7.916   1.00 15.80 ? 2   LEU A O   1 
ATOM   41  C CB  . LEU A 1 6  ? -1.525  -0.545  8.806   1.00 18.86 ? 2   LEU A CB  1 
ATOM   42  C CG  . LEU A 1 6  ? -2.039  0.882   8.586   1.00 19.92 ? 2   LEU A CG  1 
ATOM   43  C CD1 . LEU A 1 6  ? -2.901  1.299   9.798   1.00 20.21 ? 2   LEU A CD1 1 
ATOM   44  C CD2 . LEU A 1 6  ? -0.844  1.797   8.507   1.00 21.04 ? 2   LEU A CD2 1 
ATOM   45  N N   . ALA A 1 7  ? -3.271  -2.165  6.703   1.00 16.90 ? 3   ALA A N   1 
ATOM   46  C CA  . ALA A 1 7  ? -4.169  -2.141  5.561   1.00 17.06 ? 3   ALA A CA  1 
ATOM   47  C C   . ALA A 1 7  ? -5.438  -2.904  5.960   1.00 16.55 ? 3   ALA A C   1 
ATOM   48  O O   . ALA A 1 7  ? -6.471  -2.385  5.482   1.00 18.01 ? 3   ALA A O   1 
ATOM   49  C CB  . ALA A 1 7  ? -3.431  -2.724  4.328   1.00 17.09 ? 3   ALA A CB  1 
ATOM   50  N N   . ASN A 1 8  ? -5.351  -3.978  6.705   1.00 15.57 ? 4   ASN A N   1 
ATOM   51  C CA  . ASN A 1 8  ? -6.607  -4.697  7.106   1.00 14.20 ? 4   ASN A CA  1 
ATOM   52  C C   . ASN A 1 8  ? -7.476  -3.749  8.037   1.00 16.45 ? 4   ASN A C   1 
ATOM   53  O O   . ASN A 1 8  ? -8.685  -3.733  7.721   1.00 17.01 ? 4   ASN A O   1 
ATOM   54  C CB  . ASN A 1 8  ? -6.179  -5.954  7.810   1.00 18.78 ? 4   ASN A CB  1 
ATOM   55  C CG  . ASN A 1 8  ? -7.342  -6.884  8.080   1.00 29.99 ? 4   ASN A CG  1 
ATOM   56  O OD1 . ASN A 1 8  ? -7.789  -6.940  9.237   1.00 35.62 ? 4   ASN A OD1 1 
ATOM   57  N ND2 . ASN A 1 8  ? -7.829  -7.551  7.044   1.00 35.10 ? 4   ASN A ND2 1 
ATOM   58  N N   . LYS A 1 9  ? -6.799  -3.182  8.966   1.00 16.91 ? 5   LYS A N   1 
ATOM   59  C CA  . LYS A 1 9  ? -7.541  -2.248  9.893   1.00 14.91 ? 5   LYS A CA  1 
ATOM   60  C C   . LYS A 1 9  ? -8.106  -1.182  9.012   1.00 14.36 ? 5   LYS A C   1 
ATOM   61  O O   . LYS A 1 9  ? -9.375  -0.849  9.180   1.00 15.10 ? 5   LYS A O   1 
ATOM   62  C CB  . LYS A 1 9  ? -6.577  -1.650  10.855  1.00 18.41 ? 5   LYS A CB  1 
ATOM   63  C CG  . LYS A 1 9  ? -7.178  -0.449  11.610  1.00 21.48 ? 5   LYS A CG  1 
ATOM   64  C CD  . LYS A 1 9  ? -6.502  -0.076  12.891  1.00 23.80 ? 5   LYS A CD  1 
ATOM   65  C CE  . LYS A 1 9  ? -6.884  1.355   13.305  1.00 26.50 ? 5   LYS A CE  1 
ATOM   66  N NZ  . LYS A 1 9  ? -8.310  1.320   13.737  1.00 25.68 ? 5   LYS A NZ  1 
ATOM   67  N N   . CYS A 1 10 ? -7.567  -0.423  8.124   1.00 14.05 ? 6   CYS A N   1 
ATOM   68  C CA  . CYS A 1 10 ? -7.988  0.679   7.325   1.00 13.33 ? 6   CYS A CA  1 
ATOM   69  C C   . CYS A 1 10 ? -9.209  0.244   6.582   1.00 15.35 ? 6   CYS A C   1 
ATOM   70  O O   . CYS A 1 10 ? -10.180 1.031   6.422   1.00 18.31 ? 6   CYS A O   1 
ATOM   71  C CB  . CYS A 1 10 ? -6.955  1.215   6.282   1.00 18.66 ? 6   CYS A CB  1 
ATOM   72  S SG  . CYS A 1 10 ? -5.536  2.005   7.068   1.00 17.26 ? 6   CYS A SG  1 
ATOM   73  N N   . CYS A 1 11 ? -9.322  -0.939  6.042   1.00 14.11 ? 7   CYS A N   1 
ATOM   74  C CA  . CYS A 1 11 ? -10.392 -1.471  5.239   1.00 15.55 ? 7   CYS A CA  1 
ATOM   75  C C   . CYS A 1 11 ? -11.610 -1.942  6.066   1.00 19.34 ? 7   CYS A C   1 
ATOM   76  O O   . CYS A 1 11 ? -12.734 -1.645  5.565   1.00 20.18 ? 7   CYS A O   1 
ATOM   77  C CB  . CYS A 1 11 ? -9.874  -2.668  4.437   1.00 20.60 ? 7   CYS A CB  1 
ATOM   78  S SG  . CYS A 1 11 ? -11.106 -3.517  3.450   1.00 19.30 ? 7   CYS A SG  1 
ATOM   79  N N   . HIS A 1 12 ? -11.316 -2.574  7.162   1.00 18.50 ? 8   HIS A N   1 
ATOM   80  C CA  . HIS A 1 12 ? -12.414 -3.087  8.009   1.00 20.20 ? 8   HIS A CA  1 
ATOM   81  C C   . HIS A 1 12 ? -12.828 -2.169  9.140   1.00 19.20 ? 8   HIS A C   1 
ATOM   82  O O   . HIS A 1 12 ? -14.068 -2.380  9.408   1.00 21.86 ? 8   HIS A O   1 
ATOM   83  C CB  . HIS A 1 12 ? -11.938 -4.437  8.660   1.00 24.52 ? 8   HIS A CB  1 
ATOM   84  C CG  . HIS A 1 12 ? -11.865 -5.396  7.510   1.00 30.68 ? 8   HIS A CG  1 
ATOM   85  N ND1 . HIS A 1 12 ? -10.645 -5.618  6.877   1.00 34.70 ? 8   HIS A ND1 1 
ATOM   86  C CD2 . HIS A 1 12 ? -12.775 -6.139  6.838   1.00 34.90 ? 8   HIS A CD2 1 
ATOM   87  C CE1 . HIS A 1 12 ? -10.840 -6.479  5.881   1.00 37.37 ? 8   HIS A CE1 1 
ATOM   88  N NE2 . HIS A 1 12 ? -12.107 -6.818  5.835   1.00 38.83 ? 8   HIS A NE2 1 
ATOM   89  N N   . VAL A 1 13 ? -12.035 -1.358  9.760   1.00 18.55 ? 9   VAL A N   1 
ATOM   90  C CA  . VAL A 1 13 ? -12.425 -0.552  10.944  1.00 18.57 ? 9   VAL A CA  1 
ATOM   91  C C   . VAL A 1 13 ? -12.244 0.901   10.702  1.00 21.03 ? 9   VAL A C   1 
ATOM   92  O O   . VAL A 1 13 ? -12.977 1.734   11.263  1.00 21.11 ? 9   VAL A O   1 
ATOM   93  C CB  . VAL A 1 13 ? -11.385 -0.906  12.059  1.00 23.91 ? 9   VAL A CB  1 
ATOM   94  C CG1 . VAL A 1 13 ? -11.582 -0.155  13.347  1.00 26.91 ? 9   VAL A CG1 1 
ATOM   95  C CG2 . VAL A 1 13 ? -11.237 -2.404  12.278  1.00 28.16 ? 9   VAL A CG2 1 
ATOM   96  N N   . GLY A 1 14 ? -11.244 1.339   9.927   1.00 18.86 ? 10  GLY A N   1 
ATOM   97  C CA  . GLY A 1 14 ? -10.915 2.743   9.671   1.00 19.32 ? 10  GLY A CA  1 
ATOM   98  C C   . GLY A 1 14 ? -9.508  2.924   10.268  1.00 16.05 ? 10  GLY A C   1 
ATOM   99  O O   . GLY A 1 14 ? -9.007  2.223   11.176  1.00 18.23 ? 10  GLY A O   1 
ATOM   100 N N   . CYS A 1 15 ? -8.839  3.965   9.896   1.00 18.52 ? 11  CYS A N   1 
ATOM   101 C CA  . CYS A 1 15 ? -7.473  4.312   10.335  1.00 17.78 ? 11  CYS A CA  1 
ATOM   102 C C   . CYS A 1 15 ? -7.235  5.785   10.055  1.00 17.00 ? 11  CYS A C   1 
ATOM   103 O O   . CYS A 1 15 ? -7.843  6.343   9.156   1.00 17.55 ? 11  CYS A O   1 
ATOM   104 C CB  . CYS A 1 15 ? -6.328  3.457   9.623   1.00 18.41 ? 11  CYS A CB  1 
ATOM   105 S SG  . CYS A 1 15 ? -6.327  3.742   7.827   1.00 18.08 ? 11  CYS A SG  1 
ATOM   106 N N   . THR A 1 16 ? -6.281  6.456   10.730  1.00 17.17 ? 12  THR A N   1 
ATOM   107 C CA  . THR A 1 16 ? -5.982  7.850   10.441  1.00 16.73 ? 12  THR A CA  1 
ATOM   108 C C   . THR A 1 16 ? -4.963  7.960   9.271   1.00 15.49 ? 12  THR A C   1 
ATOM   109 O O   . THR A 1 16 ? -4.161  7.002   9.113   1.00 18.06 ? 12  THR A O   1 
ATOM   110 C CB  . THR A 1 16 ? -5.356  8.503   11.715  1.00 22.80 ? 12  THR A CB  1 
ATOM   111 O OG1 . THR A 1 16 ? -4.166  7.706   12.025  1.00 21.73 ? 12  THR A OG1 1 
ATOM   112 C CG2 . THR A 1 16 ? -6.292  8.515   12.939  1.00 20.53 ? 12  THR A CG2 1 
ATOM   113 N N   . LYS A 1 17 ? -5.008  9.070   8.633   1.00 15.30 ? 13  LYS A N   1 
ATOM   114 C CA  . LYS A 1 17 ? -4.077  9.371   7.513   1.00 17.72 ? 13  LYS A CA  1 
ATOM   115 C C   . LYS A 1 17 ? -2.722  9.362   8.182   1.00 17.81 ? 13  LYS A C   1 
ATOM   116 O O   . LYS A 1 17 ? -1.759  8.804   7.509   1.00 18.19 ? 13  LYS A O   1 
ATOM   117 C CB  . LYS A 1 17 ? -4.414  10.647  6.791   1.00 17.91 ? 13  LYS A CB  1 
ATOM   118 C CG  . LYS A 1 17 ? -5.710  10.438  5.967   1.00 17.89 ? 13  LYS A CG  1 
ATOM   119 C CD  . LYS A 1 17 ? -5.858  11.792  5.284   1.00 21.02 ? 13  LYS A CD  1 
ATOM   120 C CE  . LYS A 1 17 ? -6.984  11.726  4.272   1.00 24.80 ? 13  LYS A CE  1 
ATOM   121 N NZ  . LYS A 1 17 ? -6.924  12.927  3.407   1.00 27.28 ? 13  LYS A NZ  1 
ATOM   122 N N   . ARG A 1 18 ? -2.406  9.775   9.362   1.00 14.74 ? 14  ARG A N   1 
ATOM   123 C CA  . ARG A 1 18 ? -1.102  9.759   10.019  1.00 16.76 ? 14  ARG A CA  1 
ATOM   124 C C   . ARG A 1 18 ? -0.611  8.322   10.069  1.00 18.50 ? 14  ARG A C   1 
ATOM   125 O O   . ARG A 1 18 ? 0.609   8.109   9.860   1.00 20.19 ? 14  ARG A O   1 
ATOM   126 C CB  . ARG A 1 18 ? -1.180  10.361  11.436  1.00 22.69 ? 14  ARG A CB  1 
ATOM   127 C CG  . ARG A 1 18 ? 0.125   10.286  12.201  1.00 26.64 ? 14  ARG A CG  1 
ATOM   128 C CD  . ARG A 1 18 ? 0.018   10.884  13.581  1.00 30.62 ? 14  ARG A CD  1 
ATOM   129 N NE  . ARG A 1 18 ? -0.353  12.281  13.535  1.00 37.87 ? 14  ARG A NE  1 
ATOM   130 C CZ  . ARG A 1 18 ? 0.287   13.424  13.283  1.00 41.16 ? 14  ARG A CZ  1 
ATOM   131 N NH1 . ARG A 1 18 ? 1.626   13.490  13.179  1.00 42.52 ? 14  ARG A NH1 1 
ATOM   132 N NH2 . ARG A 1 18 ? -0.438  14.551  13.152  1.00 40.60 ? 14  ARG A NH2 1 
ATOM   133 N N   . SER A 1 19 ? -1.323  7.262   10.338  1.00 16.60 ? 15  SER A N   1 
ATOM   134 C CA  . SER A 1 19 ? -0.918  5.873   10.446  1.00 18.53 ? 15  SER A CA  1 
ATOM   135 C C   . SER A 1 19 ? -0.324  5.455   9.062   1.00 20.36 ? 15  SER A C   1 
ATOM   136 O O   . SER A 1 19 ? 0.719   4.745   9.090   1.00 21.71 ? 15  SER A O   1 
ATOM   137 C CB  . SER A 1 19 ? -1.999  4.908   10.844  1.00 21.81 ? 15  SER A CB  1 
ATOM   138 O OG  A SER A 1 19 ? -2.260  4.893   12.236  0.45 24.94 ? 15  SER A OG  1 
ATOM   139 O OG  B SER A 1 19 ? -3.043  4.857   9.916   0.55 20.20 ? 15  SER A OG  1 
ATOM   140 N N   . LEU A 1 20 ? -0.927  5.844   7.984   1.00 15.45 ? 16  LEU A N   1 
ATOM   141 C CA  . LEU A 1 20 ? -0.479  5.510   6.632   1.00 18.06 ? 16  LEU A CA  1 
ATOM   142 C C   . LEU A 1 20 ? 0.761   6.346   6.334   1.00 19.03 ? 16  LEU A C   1 
ATOM   143 O O   . LEU A 1 20 ? 1.693   5.785   5.627   1.00 17.90 ? 16  LEU A O   1 
ATOM   144 C CB  . LEU A 1 20 ? -1.570  5.808   5.585   1.00 17.37 ? 16  LEU A CB  1 
ATOM   145 C CG  . LEU A 1 20 ? -2.724  4.817   5.706   1.00 17.78 ? 16  LEU A CG  1 
ATOM   146 C CD1 . LEU A 1 20 ? -3.754  5.401   4.733   1.00 22.07 ? 16  LEU A CD1 1 
ATOM   147 C CD2 . LEU A 1 20 ? -2.332  3.363   5.443   1.00 18.98 ? 16  LEU A CD2 1 
ATOM   148 N N   . ALA A 1 21 ? 0.832   7.586   6.692   1.00 17.87 ? 17  ALA A N   1 
ATOM   149 C CA  . ALA A 1 21 ? 1.954   8.468   6.451   1.00 17.72 ? 17  ALA A CA  1 
ATOM   150 C C   . ALA A 1 21 ? 3.253   7.854   7.064   1.00 21.55 ? 17  ALA A C   1 
ATOM   151 O O   . ALA A 1 21 ? 4.273   8.256   6.469   1.00 24.09 ? 17  ALA A O   1 
ATOM   152 C CB  . ALA A 1 21 ? 1.713   9.872   6.985   1.00 19.85 ? 17  ALA A CB  1 
ATOM   153 N N   . ARG A 1 22 ? 3.177   7.040   8.086   1.00 22.61 ? 18  ARG A N   1 
ATOM   154 C CA  . ARG A 1 22 ? 4.372   6.435   8.682   1.00 24.38 ? 18  ARG A CA  1 
ATOM   155 C C   . ARG A 1 22 ? 5.092   5.556   7.645   1.00 25.10 ? 18  ARG A C   1 
ATOM   156 O O   . ARG A 1 22 ? 6.319   5.461   7.807   1.00 27.10 ? 18  ARG A O   1 
ATOM   157 C CB  . ARG A 1 22 ? 4.019   5.429   9.760   1.00 30.73 ? 18  ARG A CB  1 
ATOM   158 C CG  . ARG A 1 22 ? 4.567   5.673   11.152  1.00 46.38 ? 18  ARG A CG  1 
ATOM   159 C CD  . ARG A 1 22 ? 3.656   6.697   11.780  1.00 55.31 ? 18  ARG A CD  1 
ATOM   160 N NE  . ARG A 1 22 ? 3.537   7.955   11.051  1.00 63.36 ? 18  ARG A NE  1 
ATOM   161 C CZ  . ARG A 1 22 ? 3.688   9.249   11.386  1.00 68.48 ? 18  ARG A CZ  1 
ATOM   162 N NH1 . ARG A 1 22 ? 3.936   9.734   12.620  1.00 70.04 ? 18  ARG A NH1 1 
ATOM   163 N NH2 . ARG A 1 22 ? 3.588   10.196  10.431  1.00 69.61 ? 18  ARG A NH2 1 
ATOM   164 N N   . PHE A 1 23 ? 4.349   5.015   6.680   1.00 21.13 ? 19  PHE A N   1 
ATOM   165 C CA  . PHE A 1 23 ? 4.994   4.117   5.700   1.00 22.73 ? 19  PHE A CA  1 
ATOM   166 C C   . PHE A 1 23 ? 5.543   4.856   4.497   1.00 22.09 ? 19  PHE A C   1 
ATOM   167 O O   . PHE A 1 23 ? 5.962   4.098   3.574   1.00 24.13 ? 19  PHE A O   1 
ATOM   168 C CB  . PHE A 1 23 ? 3.997   3.001   5.315   1.00 19.29 ? 19  PHE A CB  1 
ATOM   169 C CG  . PHE A 1 23 ? 3.814   2.078   6.487   1.00 21.65 ? 19  PHE A CG  1 
ATOM   170 C CD1 . PHE A 1 23 ? 4.638   0.986   6.702   1.00 19.93 ? 19  PHE A CD1 1 
ATOM   171 C CD2 . PHE A 1 23 ? 2.787   2.325   7.438   1.00 20.30 ? 19  PHE A CD2 1 
ATOM   172 C CE1 . PHE A 1 23 ? 4.516   0.147   7.777   1.00 20.45 ? 19  PHE A CE1 1 
ATOM   173 C CE2 . PHE A 1 23 ? 2.651   1.488   8.519   1.00 22.57 ? 19  PHE A CE2 1 
ATOM   174 C CZ  . PHE A 1 23 ? 3.491   0.383   8.742   1.00 25.84 ? 19  PHE A CZ  1 
ATOM   175 N N   . CYS A 1 24 ? 5.620   6.155   4.429   1.00 20.64 ? 20  CYS A N   1 
ATOM   176 C CA  . CYS A 1 24 ? 6.127   6.807   3.242   1.00 22.22 ? 20  CYS A CA  1 
ATOM   177 C C   . CYS A 1 24 ? 7.671   6.968   3.312   1.00 27.15 ? 20  CYS A C   1 
ATOM   178 O O   . CYS A 1 24 ? 8.158   7.440   2.253   1.00 30.22 ? 20  CYS A O   1 
ATOM   179 C CB  . CYS A 1 24 ? 5.521   8.195   3.108   1.00 23.07 ? 20  CYS A CB  1 
ATOM   180 S SG  . CYS A 1 24 ? 3.714   8.239   2.827   1.00 20.98 ? 20  CYS A SG  1 
ATOM   181 O OXT . CYS A 1 24 ? 8.169   6.681   4.399   1.00 27.19 ? 20  CYS A OXT 1 
ATOM   182 N N   . SER B 2 1  ? -4.212  19.626  11.327  1.00 45.59 ? -2  SER B N   1 
ATOM   183 C CA  . SER B 2 1  ? -3.733  18.926  10.134  1.00 43.43 ? -2  SER B CA  1 
ATOM   184 C C   . SER B 2 1  ? -4.672  17.803  9.640   1.00 40.83 ? -2  SER B C   1 
ATOM   185 O O   . SER B 2 1  ? -5.398  17.087  10.367  1.00 41.57 ? -2  SER B O   1 
ATOM   186 C CB  . SER B 2 1  ? -2.354  18.273  10.273  1.00 45.58 ? -2  SER B CB  1 
ATOM   187 O OG  . SER B 2 1  ? -2.180  17.011  10.893  1.00 44.44 ? -2  SER B OG  1 
ATOM   188 N N   . TRP B 2 2  ? -4.566  17.692  8.318   1.00 36.03 ? -1  TRP B N   1 
ATOM   189 C CA  . TRP B 2 2  ? -5.238  16.663  7.528   1.00 32.30 ? -1  TRP B CA  1 
ATOM   190 C C   . TRP B 2 2  ? -4.780  15.289  8.036   1.00 28.25 ? -1  TRP B C   1 
ATOM   191 O O   . TRP B 2 2  ? -5.489  14.324  7.729   1.00 25.92 ? -1  TRP B O   1 
ATOM   192 C CB  . TRP B 2 2  ? -4.838  16.890  6.053   1.00 36.52 ? -1  TRP B CB  1 
ATOM   193 C CG  . TRP B 2 2  ? -3.339  16.847  5.888   1.00 39.64 ? -1  TRP B CG  1 
ATOM   194 C CD1 . TRP B 2 2  ? -2.455  17.882  6.035   1.00 40.94 ? -1  TRP B CD1 1 
ATOM   195 C CD2 . TRP B 2 2  ? -2.553  15.668  5.588   1.00 36.74 ? -1  TRP B CD2 1 
ATOM   196 N NE1 . TRP B 2 2  ? -1.174  17.429  5.859   1.00 40.92 ? -1  TRP B NE1 1 
ATOM   197 C CE2 . TRP B 2 2  ? -1.203  16.080  5.574   1.00 40.86 ? -1  TRP B CE2 1 
ATOM   198 C CE3 . TRP B 2 2  ? -2.841  14.337  5.358   1.00 35.76 ? -1  TRP B CE3 1 
ATOM   199 C CZ2 . TRP B 2 2  ? -0.168  15.179  5.314   1.00 39.29 ? -1  TRP B CZ2 1 
ATOM   200 C CZ3 . TRP B 2 2  ? -1.838  13.442  5.118   1.00 35.36 ? -1  TRP B CZ3 1 
ATOM   201 C CH2 . TRP B 2 2  ? -0.520  13.857  5.080   1.00 38.13 ? -1  TRP B CH2 1 
ATOM   202 N N   . MET B 2 3  ? -3.694  15.124  8.803   1.00 25.91 ? 0   MET B N   1 
ATOM   203 C CA  . MET B 2 3  ? -3.287  13.780  9.226   1.00 27.25 ? 0   MET B CA  1 
ATOM   204 C C   . MET B 2 3  ? -4.157  13.059  10.248  1.00 26.82 ? 0   MET B C   1 
ATOM   205 O O   . MET B 2 3  ? -4.087  11.825  10.461  1.00 25.23 ? 0   MET B O   1 
ATOM   206 C CB  . MET B 2 3  ? -1.832  13.804  9.720   1.00 32.00 ? 0   MET B CB  1 
ATOM   207 C CG  . MET B 2 3  ? -1.039  13.792  8.423   1.00 36.78 ? 0   MET B CG  1 
ATOM   208 S SD  . MET B 2 3  ? 0.646   13.293  8.940   1.00 46.26 ? 0   MET B SD  1 
ATOM   209 C CE  . MET B 2 3  ? 0.909   14.690  10.068  1.00 45.88 ? 0   MET B CE  1 
ATOM   210 N N   . GLU B 2 4  ? -4.969  13.919  10.866  1.00 25.93 ? 1   GLU B N   1 
ATOM   211 C CA  . GLU B 2 4  ? -5.876  13.380  11.901  1.00 26.18 ? 1   GLU B CA  1 
ATOM   212 C C   . GLU B 2 4  ? -7.155  12.873  11.259  1.00 24.18 ? 1   GLU B C   1 
ATOM   213 O O   . GLU B 2 4  ? -7.913  12.191  11.981  1.00 25.78 ? 1   GLU B O   1 
ATOM   214 C CB  . GLU B 2 4  ? -6.205  14.449  12.948  1.00 30.94 ? 1   GLU B CB  1 
ATOM   215 C CG  . GLU B 2 4  ? -5.002  14.924  13.754  1.00 42.27 ? 1   GLU B CG  1 
ATOM   216 C CD  . GLU B 2 4  ? -3.851  14.065  14.178  1.00 48.12 ? 1   GLU B CD  1 
ATOM   217 O OE1 . GLU B 2 4  ? -4.116  12.953  14.717  1.00 52.53 ? 1   GLU B OE1 1 
ATOM   218 O OE2 . GLU B 2 4  ? -2.674  14.410  14.033  1.00 50.21 ? 1   GLU B OE2 1 
ATOM   219 N N   . GLU B 2 5  ? -7.398  13.166  9.998   1.00 22.61 ? 2   GLU B N   1 
ATOM   220 C CA  . GLU B 2 5  ? -8.632  12.666  9.346   1.00 20.93 ? 2   GLU B CA  1 
ATOM   221 C C   . GLU B 2 5  ? -8.662  11.155  9.349   1.00 22.90 ? 2   GLU B C   1 
ATOM   222 O O   . GLU B 2 5  ? -7.610  10.438  9.143   1.00 19.63 ? 2   GLU B O   1 
ATOM   223 C CB  . GLU B 2 5  ? -8.735  13.242  7.955   1.00 27.94 ? 2   GLU B CB  1 
ATOM   224 C CG  . GLU B 2 5  ? -9.912  12.884  7.060   1.00 37.56 ? 2   GLU B CG  1 
ATOM   225 C CD  . GLU B 2 5  ? -9.731  13.444  5.650   1.00 43.72 ? 2   GLU B CD  1 
ATOM   226 O OE1 . GLU B 2 5  ? -8.984  14.405  5.419   1.00 46.46 ? 2   GLU B OE1 1 
ATOM   227 O OE2 . GLU B 2 5  ? -10.449 12.782  4.863   1.00 46.27 ? 2   GLU B OE2 1 
ATOM   228 N N   . VAL B 2 6  ? -9.745  10.453  9.561   1.00 21.38 ? 3   VAL B N   1 
ATOM   229 C CA  . VAL B 2 6  ? -9.950  9.034   9.606   1.00 19.21 ? 3   VAL B CA  1 
ATOM   230 C C   . VAL B 2 6  ? -10.663 8.621   8.330   1.00 20.17 ? 3   VAL B C   1 
ATOM   231 O O   . VAL B 2 6  ? -11.633 9.208   7.802   1.00 19.97 ? 3   VAL B O   1 
ATOM   232 C CB  . VAL B 2 6  ? -10.785 8.567   10.841  1.00 17.34 ? 3   VAL B CB  1 
ATOM   233 C CG1 . VAL B 2 6  ? -10.989 7.066   10.877  1.00 19.75 ? 3   VAL B CG1 1 
ATOM   234 C CG2 . VAL B 2 6  ? -10.263 9.035   12.178  1.00 21.47 ? 3   VAL B CG2 1 
ATOM   235 N N   . ILE B 2 7  ? -10.120 7.554   7.723   1.00 19.06 ? 4   ILE B N   1 
ATOM   236 C CA  . ILE B 2 7  ? -10.580 6.953   6.493   1.00 18.02 ? 4   ILE B CA  1 
ATOM   237 C C   . ILE B 2 7  ? -10.896 5.471   6.747   1.00 17.01 ? 4   ILE B C   1 
ATOM   238 O O   . ILE B 2 7  ? -10.357 4.897   7.711   1.00 21.97 ? 4   ILE B O   1 
ATOM   239 C CB  . ILE B 2 7  ? -9.520  7.196   5.337   1.00 23.72 ? 4   ILE B CB  1 
ATOM   240 C CG1 . ILE B 2 7  ? -8.202  6.478   5.724   1.00 23.43 ? 4   ILE B CG1 1 
ATOM   241 C CG2 . ILE B 2 7  ? -9.246  8.691   5.097   1.00 23.47 ? 4   ILE B CG2 1 
ATOM   242 C CD1 . ILE B 2 7  ? -7.305  6.323   4.481   1.00 29.58 ? 4   ILE B CD1 1 
ATOM   243 N N   . LYS B 2 8  ? -11.768 4.992   5.881   1.00 14.63 ? 5   LYS B N   1 
ATOM   244 C CA  . LYS B 2 8  ? -12.120 3.561   5.940   1.00 14.23 ? 5   LYS B CA  1 
ATOM   245 C C   . LYS B 2 8  ? -12.242 3.246   4.465   1.00 16.40 ? 5   LYS B C   1 
ATOM   246 O O   . LYS B 2 8  ? -13.116 3.569   3.654   1.00 17.41 ? 5   LYS B O   1 
ATOM   247 C CB  . LYS B 2 8  ? -13.388 3.236   6.780   1.00 16.26 ? 5   LYS B CB  1 
ATOM   248 C CG  . LYS B 2 8  ? -13.645 1.732   6.712   1.00 19.66 ? 5   LYS B CG  1 
ATOM   249 C CD  . LYS B 2 8  ? -15.069 1.497   7.239   1.00 23.76 ? 5   LYS B CD  1 
ATOM   250 C CE  . LYS B 2 8  ? -15.829 0.845   6.125   1.00 30.75 ? 5   LYS B CE  1 
ATOM   251 N NZ  . LYS B 2 8  ? -15.712 -0.604  6.314   1.00 33.19 ? 5   LYS B NZ  1 
ATOM   252 N N   . LEU B 2 9  ? -11.122 2.616   3.905   1.00 13.97 ? 6   LEU B N   1 
ATOM   253 C CA  . LEU B 2 9  ? -11.055 2.328   2.464   1.00 16.22 ? 6   LEU B CA  1 
ATOM   254 C C   . LEU B 2 9  ? -10.322 0.980   2.243   1.00 14.77 ? 6   LEU B C   1 
ATOM   255 O O   . LEU B 2 9  ? -9.537  0.679   3.167   1.00 14.53 ? 6   LEU B O   1 
ATOM   256 C CB  . LEU B 2 9  ? -10.158 3.341   1.705   1.00 17.31 ? 6   LEU B CB  1 
ATOM   257 C CG  . LEU B 2 9  ? -10.604 4.804   1.794   1.00 21.18 ? 6   LEU B CG  1 
ATOM   258 C CD1 . LEU B 2 9  ? -9.555  5.772   1.256   1.00 20.82 ? 6   LEU B CD1 1 
ATOM   259 C CD2 . LEU B 2 9  ? -11.912 4.953   0.994   1.00 22.63 ? 6   LEU B CD2 1 
ATOM   260 N N   . CYS B 2 10 ? -10.689 0.420   1.134   1.00 14.83 ? 7   CYS B N   1 
ATOM   261 C CA  . CYS B 2 10 ? -10.124 -0.906  0.806   1.00 17.26 ? 7   CYS B CA  1 
ATOM   262 C C   . CYS B 2 10 ? -9.615  -0.933  -0.662  1.00 15.11 ? 7   CYS B C   1 
ATOM   263 O O   . CYS B 2 10 ? -9.914  -0.077  -1.465  1.00 15.18 ? 7   CYS B O   1 
ATOM   264 C CB  . CYS B 2 10 ? -11.120 -2.054  0.847   1.00 16.43 ? 7   CYS B CB  1 
ATOM   265 S SG  . CYS B 2 10 ? -12.124 -2.071  2.403   1.00 18.96 ? 7   CYS B SG  1 
ATOM   266 N N   . GLY B 2 11 ? -8.727  -1.976  -0.849  1.00 16.14 ? 8   GLY B N   1 
ATOM   267 C CA  . GLY B 2 11 ? -8.246  -2.173  -2.231  1.00 16.93 ? 8   GLY B CA  1 
ATOM   268 C C   . GLY B 2 11 ? -7.672  -0.943  -2.955  1.00 11.81 ? 8   GLY B C   1 
ATOM   269 O O   . GLY B 2 11 ? -6.835  -0.208  -2.389  1.00 15.63 ? 8   GLY B O   1 
ATOM   270 N N   . ARG B 2 12 ? -8.169  -0.773  -4.202  1.00 14.24 ? 9   ARG B N   1 
ATOM   271 C CA  . ARG B 2 12 ? -7.649  0.347   -5.031  1.00 13.47 ? 9   ARG B CA  1 
ATOM   272 C C   . ARG B 2 12 ? -7.694  1.719   -4.391  1.00 14.64 ? 9   ARG B C   1 
ATOM   273 O O   . ARG B 2 12 ? -7.002  2.708   -4.453  1.00 15.05 ? 9   ARG B O   1 
ATOM   274 C CB  . ARG B 2 12 ? -8.248  0.541   -6.422  1.00 17.21 ? 9   ARG B CB  1 
ATOM   275 C CG  . ARG B 2 12 ? -8.120  -0.790  -7.152  1.00 21.39 ? 9   ARG B CG  1 
ATOM   276 C CD  . ARG B 2 12 ? -8.608  -0.477  -8.544  1.00 26.67 ? 9   ARG B CD  1 
ATOM   277 N NE  . ARG B 2 12 ? -7.825  -1.328  -9.483  1.00 31.25 ? 9   ARG B NE  1 
ATOM   278 C CZ  . ARG B 2 12 ? -8.337  -1.507  -10.703 1.00 36.02 ? 9   ARG B CZ  1 
ATOM   279 N NH1 . ARG B 2 12 ? -9.442  -0.888  -11.155 1.00 35.79 ? 9   ARG B NH1 1 
ATOM   280 N NH2 . ARG B 2 12 ? -7.777  -2.397  -11.516 1.00 34.83 ? 9   ARG B NH2 1 
ATOM   281 N N   . GLU B 2 13 ? -8.869  1.802   -3.631  1.00 14.99 ? 10  GLU B N   1 
ATOM   282 C CA  . GLU B 2 13 ? -9.028  3.110   -2.938  1.00 15.41 ? 10  GLU B CA  1 
ATOM   283 C C   . GLU B 2 13 ? -8.031  3.414   -1.815  1.00 12.01 ? 10  GLU B C   1 
ATOM   284 O O   . GLU B 2 13 ? -7.672  4.581   -1.653  1.00 15.46 ? 10  GLU B O   1 
ATOM   285 C CB  . GLU B 2 13 ? -10.441 3.226   -2.337  1.00 18.46 ? 10  GLU B CB  1 
ATOM   286 C CG  A GLU B 2 13 ? -11.537 3.210   -3.405  0.50 24.19 ? 10  GLU B CG  1 
ATOM   287 C CG  B GLU B 2 13 ? -11.278 3.989   -3.386  0.50 23.98 ? 10  GLU B CG  1 
ATOM   288 C CD  A GLU B 2 13 ? -12.915 2.704   -2.927  0.50 29.03 ? 10  GLU B CD  1 
ATOM   289 C CD  B GLU B 2 13 ? -12.237 2.986   -4.049  0.50 28.32 ? 10  GLU B CD  1 
ATOM   290 O OE1 A GLU B 2 13 ? -13.345 3.731   -2.350  0.50 30.27 ? 10  GLU B OE1 1 
ATOM   291 O OE1 B GLU B 2 13 ? -12.028 1.828   -4.437  0.50 32.18 ? 10  GLU B OE1 1 
ATOM   292 O OE2 A GLU B 2 13 ? -13.549 1.635   -3.025  0.50 29.95 ? 10  GLU B OE2 1 
ATOM   293 O OE2 B GLU B 2 13 ? -13.301 3.660   -3.988  0.50 33.34 ? 10  GLU B OE2 1 
ATOM   294 N N   . LEU B 2 14 ? -7.727  2.335   -1.131  1.00 12.58 ? 11  LEU B N   1 
ATOM   295 C CA  . LEU B 2 14 ? -6.695  2.437   -0.074  1.00 14.58 ? 11  LEU B CA  1 
ATOM   296 C C   . LEU B 2 14 ? -5.287  2.766   -0.734  1.00 15.17 ? 11  LEU B C   1 
ATOM   297 O O   . LEU B 2 14 ? -4.627  3.676   -0.245  1.00 15.36 ? 11  LEU B O   1 
ATOM   298 C CB  . LEU B 2 14 ? -6.683  1.167   0.742   1.00 16.14 ? 11  LEU B CB  1 
ATOM   299 C CG  . LEU B 2 14 ? -5.611  1.182   1.824   1.00 20.61 ? 11  LEU B CG  1 
ATOM   300 C CD1 . LEU B 2 14 ? -5.839  2.317   2.818   1.00 21.24 ? 11  LEU B CD1 1 
ATOM   301 C CD2 . LEU B 2 14 ? -5.699  -0.175  2.521   1.00 23.52 ? 11  LEU B CD2 1 
ATOM   302 N N   . VAL B 2 15 ? -5.052  1.998   -1.824  1.00 14.20 ? 12  VAL B N   1 
ATOM   303 C CA  . VAL B 2 15 ? -3.741  2.253   -2.496  1.00 16.20 ? 12  VAL B CA  1 
ATOM   304 C C   . VAL B 2 15 ? -3.604  3.681   -2.960  1.00 14.51 ? 12  VAL B C   1 
ATOM   305 O O   . VAL B 2 15 ? -2.652  4.462   -2.785  1.00 15.78 ? 12  VAL B O   1 
ATOM   306 C CB  . VAL B 2 15 ? -3.483  1.200   -3.606  1.00 14.27 ? 12  VAL B CB  1 
ATOM   307 C CG1 . VAL B 2 15 ? -2.268  1.623   -4.443  1.00 17.05 ? 12  VAL B CG1 1 
ATOM   308 C CG2 . VAL B 2 15 ? -3.229  -0.137  -2.975  1.00 15.98 ? 12  VAL B CG2 1 
ATOM   309 N N   . ARG B 2 16 ? -4.683  4.224   -3.579  1.00 13.41 ? 13  ARG B N   1 
ATOM   310 C CA  . ARG B 2 16 ? -4.689  5.586   -4.113  1.00 13.46 ? 13  ARG B CA  1 
ATOM   311 C C   . ARG B 2 16 ? -4.515  6.599   -2.987  1.00 10.85 ? 13  ARG B C   1 
ATOM   312 O O   . ARG B 2 16 ? -3.901  7.659   -3.187  1.00 14.38 ? 13  ARG B O   1 
ATOM   313 C CB  . ARG B 2 16 ? -5.877  5.836   -5.035  1.00 19.80 ? 13  ARG B CB  1 
ATOM   314 C CG  . ARG B 2 16 ? -5.801  4.866   -6.213  1.00 19.28 ? 13  ARG B CG  1 
ATOM   315 C CD  . ARG B 2 16 ? -7.097  4.881   -6.944  1.00 25.05 ? 13  ARG B CD  1 
ATOM   316 N NE  . ARG B 2 16 ? -7.007  3.952   -8.068  1.00 27.23 ? 13  ARG B NE  1 
ATOM   317 C CZ  . ARG B 2 16 ? -8.097  3.698   -8.806  1.00 31.92 ? 13  ARG B CZ  1 
ATOM   318 N NH1 . ARG B 2 16 ? -9.188  4.452   -8.569  1.00 32.79 ? 13  ARG B NH1 1 
ATOM   319 N NH2 . ARG B 2 16 ? -8.128  2.779   -9.750  1.00 29.85 ? 13  ARG B NH2 1 
ATOM   320 N N   . ALA B 2 17 ? -5.180  6.329   -1.810  1.00 12.89 ? 14  ALA B N   1 
ATOM   321 C CA  . ALA B 2 17 ? -4.986  7.218   -0.702  1.00 12.82 ? 14  ALA B CA  1 
ATOM   322 C C   . ALA B 2 17 ? -3.530  7.187   -0.193  1.00 13.76 ? 14  ALA B C   1 
ATOM   323 O O   . ALA B 2 17 ? -3.116  8.305   0.056   1.00 15.38 ? 14  ALA B O   1 
ATOM   324 C CB  . ALA B 2 17 ? -6.016  6.843   0.378   1.00 15.76 ? 14  ALA B CB  1 
ATOM   325 N N   . GLN B 2 18 ? -2.998  5.971   -0.178  1.00 14.61 ? 15  GLN B N   1 
ATOM   326 C CA  . GLN B 2 18 ? -1.572  5.862   0.277   1.00 16.57 ? 15  GLN B CA  1 
ATOM   327 C C   . GLN B 2 18 ? -0.661  6.732   -0.603  1.00 13.46 ? 15  GLN B C   1 
ATOM   328 O O   . GLN B 2 18 ? 0.193   7.493   -0.113  1.00 16.14 ? 15  GLN B O   1 
ATOM   329 C CB  . GLN B 2 18 ? -1.205  4.396   0.262   1.00 15.64 ? 15  GLN B CB  1 
ATOM   330 C CG  . GLN B 2 18 ? 0.254   4.176   0.625   1.00 16.80 ? 15  GLN B CG  1 
ATOM   331 C CD  . GLN B 2 18 ? 0.461   4.341   2.122   1.00 13.77 ? 15  GLN B CD  1 
ATOM   332 O OE1 . GLN B 2 18 ? 0.133   3.480   2.953   1.00 17.94 ? 15  GLN B OE1 1 
ATOM   333 N NE2 . GLN B 2 18 ? 1.104   5.410   2.576   1.00 16.96 ? 15  GLN B NE2 1 
ATOM   334 N N   . ILE B 2 19 ? -0.942  6.542   -1.877  1.00 15.23 ? 16  ILE B N   1 
ATOM   335 C CA  . ILE B 2 19 ? -0.149  7.294   -2.880  1.00 16.32 ? 16  ILE B CA  1 
ATOM   336 C C   . ILE B 2 19 ? -0.225  8.795   -2.707  1.00 17.34 ? 16  ILE B C   1 
ATOM   337 O O   . ILE B 2 19 ? 0.716   9.617   -2.569  1.00 18.61 ? 16  ILE B O   1 
ATOM   338 C CB  . ILE B 2 19 ? -0.458  6.804   -4.333  1.00 17.80 ? 16  ILE B CB  1 
ATOM   339 C CG1 . ILE B 2 19 ? 0.085   5.361   -4.546  1.00 17.10 ? 16  ILE B CG1 1 
ATOM   340 C CG2 . ILE B 2 19 ? 0.138   7.850   -5.318  1.00 18.15 ? 16  ILE B CG2 1 
ATOM   341 C CD1 . ILE B 2 19 ? -0.430  4.702   -5.847  1.00 23.63 ? 16  ILE B CD1 1 
ATOM   342 N N   . ALA B 2 20 ? -1.498  9.288   -2.560  1.00 15.14 ? 17  ALA B N   1 
ATOM   343 C CA  . ALA B 2 20 ? -1.706  10.718  -2.367  1.00 15.66 ? 17  ALA B CA  1 
ATOM   344 C C   . ALA B 2 20 ? -1.108  11.191  -1.048  1.00 14.50 ? 17  ALA B C   1 
ATOM   345 O O   . ALA B 2 20 ? -0.582  12.312  -0.990  1.00 18.92 ? 17  ALA B O   1 
ATOM   346 C CB  . ALA B 2 20 ? -3.212  11.033  -2.332  1.00 18.69 ? 17  ALA B CB  1 
ATOM   347 N N   . ILE B 2 21 ? -1.168  10.473  0.047   1.00 14.39 ? 18  ILE B N   1 
ATOM   348 C CA  . ILE B 2 21 ? -0.610  10.843  1.332   1.00 16.47 ? 18  ILE B CA  1 
ATOM   349 C C   . ILE B 2 21 ? 0.955   10.994  1.182   1.00 17.36 ? 18  ILE B C   1 
ATOM   350 O O   . ILE B 2 21 ? 1.512   12.010  1.662   1.00 21.34 ? 18  ILE B O   1 
ATOM   351 C CB  . ILE B 2 21 ? -1.009  9.833   2.436   1.00 19.35 ? 18  ILE B CB  1 
ATOM   352 C CG1 . ILE B 2 21 ? -2.555  10.003  2.756   1.00 18.60 ? 18  ILE B CG1 1 
ATOM   353 C CG2 . ILE B 2 21 ? -0.213  9.989   3.751   1.00 20.25 ? 18  ILE B CG2 1 
ATOM   354 C CD1 . ILE B 2 21 ? -2.989  8.745   3.555   1.00 18.03 ? 18  ILE B CD1 1 
ATOM   355 N N   . CYS B 2 22 ? 1.526   9.962   0.534   1.00 18.47 ? 19  CYS B N   1 
ATOM   356 C CA  . CYS B 2 22 ? 3.016   10.116  0.444   1.00 18.68 ? 19  CYS B CA  1 
ATOM   357 C C   . CYS B 2 22 ? 3.334   11.268  -0.476  1.00 21.34 ? 19  CYS B C   1 
ATOM   358 O O   . CYS B 2 22 ? 4.391   11.910  -0.249  1.00 24.61 ? 19  CYS B O   1 
ATOM   359 C CB  . CYS B 2 22 ? 3.575   8.826   -0.109  1.00 16.65 ? 19  CYS B CB  1 
ATOM   360 S SG  . CYS B 2 22 ? 3.458   7.448   1.009   1.00 18.81 ? 19  CYS B SG  1 
ATOM   361 N N   . GLY B 2 23 ? 2.569   11.553  -1.492  1.00 19.08 ? 20  GLY B N   1 
ATOM   362 C CA  . GLY B 2 23 ? 2.714   12.605  -2.480  1.00 25.49 ? 20  GLY B CA  1 
ATOM   363 C C   . GLY B 2 23 ? 2.618   14.009  -1.917  1.00 29.21 ? 20  GLY B C   1 
ATOM   364 O O   . GLY B 2 23 ? 3.167   14.990  -2.458  1.00 30.88 ? 20  GLY B O   1 
ATOM   365 N N   . MET B 2 24 ? 1.894   14.169  -0.826  1.00 34.52 ? 21  MET B N   1 
ATOM   366 C CA  . MET B 2 24 ? 1.609   15.408  -0.092  1.00 41.02 ? 21  MET B CA  1 
ATOM   367 C C   . MET B 2 24 ? 2.685   15.755  0.928   1.00 45.90 ? 21  MET B C   1 
ATOM   368 O O   . MET B 2 24 ? 2.991   16.929  1.182   1.00 47.44 ? 21  MET B O   1 
ATOM   369 C CB  . MET B 2 24 ? 0.282   15.246  0.660   1.00 40.84 ? 21  MET B CB  1 
ATOM   370 C CG  . MET B 2 24 ? -0.683  16.353  0.349   1.00 40.91 ? 21  MET B CG  1 
ATOM   371 S SD  . MET B 2 24 ? -2.231  15.684  1.049   1.00 37.27 ? 21  MET B SD  1 
ATOM   372 C CE  . MET B 2 24 ? -2.781  14.514  -0.200  1.00 34.93 ? 21  MET B CE  1 
ATOM   373 N N   . SER B 2 25 ? 3.208   14.671  1.473   1.00 50.69 ? 22  SER B N   1 
ATOM   374 C CA  . SER B 2 25 ? 4.282   14.623  2.461   1.00 55.28 ? 22  SER B CA  1 
ATOM   375 C C   . SER B 2 25 ? 5.645   14.709  1.738   1.00 58.00 ? 22  SER B C   1 
ATOM   376 O O   . SER B 2 25 ? 6.487   13.841  2.067   1.00 59.48 ? 22  SER B O   1 
ATOM   377 C CB  . SER B 2 25 ? 4.351   13.400  3.365   1.00 55.37 ? 22  SER B CB  1 
ATOM   378 O OG  . SER B 2 25 ? 3.289   12.547  3.697   1.00 53.95 ? 22  SER B OG  1 
ATOM   379 N N   . THR B 2 26 ? 5.887   15.643  0.828   1.00 60.37 ? 23  THR B N   1 
ATOM   380 C CA  . THR B 2 26 ? 7.205   15.726  0.152   1.00 62.37 ? 23  THR B CA  1 
ATOM   381 C C   . THR B 2 26 ? 7.606   17.175  -0.217  1.00 62.77 ? 23  THR B C   1 
ATOM   382 O O   . THR B 2 26 ? 6.841   18.131  -0.453  1.00 63.78 ? 23  THR B O   1 
ATOM   383 C CB  . THR B 2 26 ? 7.473   14.746  -1.079  1.00 62.86 ? 23  THR B CB  1 
ATOM   384 O OG1 . THR B 2 26 ? 6.580   15.016  -2.219  1.00 62.81 ? 23  THR B OG1 1 
ATOM   385 C CG2 . THR B 2 26 ? 7.431   13.254  -0.695  1.00 62.95 ? 23  THR B CG2 1 
ATOM   386 N N   . TRP B 2 27 ? 8.939   17.317  -0.217  1.00 62.55 ? 24  TRP B N   1 
ATOM   387 C CA  . TRP B 2 27 ? 9.694   18.532  -0.544  1.00 61.30 ? 24  TRP B CA  1 
ATOM   388 C C   . TRP B 2 27 ? 10.587  18.095  -1.733  1.00 61.66 ? 24  TRP B C   1 
ATOM   389 O O   . TRP B 2 27 ? 10.539  18.708  -2.816  1.00 62.98 ? 24  TRP B O   1 
ATOM   390 C CB  . TRP B 2 27 ? 10.516  19.257  0.531   1.00 58.41 ? 24  TRP B CB  1 
ATOM   391 C CG  A TRP B 2 27 ? 10.491  20.746  0.337   0.50 58.85 ? 24  TRP B CG  1 
ATOM   392 C CG  B TRP B 2 27 ? 9.952   19.707  1.829   0.50 55.56 ? 24  TRP B CG  1 
ATOM   393 C CD1 A TRP B 2 27 ? 10.985  21.422  -0.753  0.50 58.90 ? 24  TRP B CD1 1 
ATOM   394 C CD1 B TRP B 2 27 ? 9.656   18.928  2.918   0.50 54.95 ? 24  TRP B CD1 1 
ATOM   395 C CD2 A TRP B 2 27 ? 9.947   21.754  1.206   0.50 58.07 ? 24  TRP B CD2 1 
ATOM   396 C CD2 B TRP B 2 27 ? 9.607   21.053  2.213   0.50 54.17 ? 24  TRP B CD2 1 
ATOM   397 N NE1 A TRP B 2 27 ? 10.783  22.777  -0.613  0.50 59.11 ? 24  TRP B NE1 1 
ATOM   398 N NE1 B TRP B 2 27 ? 9.140   19.696  3.933   0.50 54.32 ? 24  TRP B NE1 1 
ATOM   399 C CE2 A TRP B 2 27 ? 10.150  23.006  0.580   0.50 57.77 ? 24  TRP B CE2 1 
ATOM   400 C CE2 B TRP B 2 27 ? 9.100   21.001  3.532   0.50 53.63 ? 24  TRP B CE2 1 
ATOM   401 C CE3 A TRP B 2 27 ? 9.317   21.716  2.446   0.50 58.35 ? 24  TRP B CE3 1 
ATOM   402 C CE3 B TRP B 2 27 ? 9.664   22.284  1.561   0.50 52.85 ? 24  TRP B CE3 1 
ATOM   403 C CZ2 A TRP B 2 27 ? 9.746   24.203  1.152   0.50 57.06 ? 24  TRP B CZ2 1 
ATOM   404 C CZ2 B TRP B 2 27 ? 8.666   22.133  4.208   0.50 52.62 ? 24  TRP B CZ2 1 
ATOM   405 C CZ3 A TRP B 2 27 ? 8.911   22.906  3.023   0.50 57.00 ? 24  TRP B CZ3 1 
ATOM   406 C CZ3 B TRP B 2 27 ? 9.237   23.412  2.235   0.50 51.32 ? 24  TRP B CZ3 1 
ATOM   407 C CH2 A TRP B 2 27 ? 9.123   24.125  2.389   0.50 56.82 ? 24  TRP B CH2 1 
ATOM   408 C CH2 B TRP B 2 27 ? 8.746   23.341  3.534   0.50 51.36 ? 24  TRP B CH2 1 
HETATM 409 N N   . PCA C 1 1  ? -9.377  -10.885 -3.301  1.00 49.32 ? -3  PCA C N   1 
HETATM 410 C CA  . PCA C 1 1  ? -8.027  -10.917 -2.706  1.00 45.76 ? -3  PCA C CA  1 
HETATM 411 C CB  . PCA C 1 1  ? -7.027  -11.003 -3.839  1.00 47.54 ? -3  PCA C CB  1 
HETATM 412 C CG  . PCA C 1 1  ? -7.904  -11.163 -5.090  1.00 51.03 ? -3  PCA C CG  1 
HETATM 413 C CD  . PCA C 1 1  ? -9.342  -11.038 -4.646  1.00 52.78 ? -3  PCA C CD  1 
HETATM 414 O OE  . PCA C 1 1  ? -10.413 -11.062 -5.313  1.00 53.59 ? -3  PCA C OE  1 
HETATM 415 C C   . PCA C 1 1  ? -7.945  -9.612  -1.915  1.00 41.81 ? -3  PCA C C   1 
HETATM 416 O O   . PCA C 1 1  ? -7.827  -8.625  -2.670  1.00 44.15 ? -3  PCA C O   1 
ATOM   417 N N   . LEU C 1 2  ? -8.017  -9.645  -0.608  1.00 34.48 ? -2  LEU C N   1 
ATOM   418 C CA  . LEU C 1 2  ? -7.903  -8.380  0.083   1.00 29.40 ? -2  LEU C CA  1 
ATOM   419 C C   . LEU C 1 2  ? -6.439  -7.967  -0.246  1.00 24.49 ? -2  LEU C C   1 
ATOM   420 O O   . LEU C 1 2  ? -5.546  -8.809  -0.374  1.00 23.70 ? -2  LEU C O   1 
ATOM   421 C CB  . LEU C 1 2  ? -8.150  -8.507  1.569   1.00 31.60 ? -2  LEU C CB  1 
ATOM   422 C CG  . LEU C 1 2  ? -9.613  -8.619  2.078   1.00 35.58 ? -2  LEU C CG  1 
ATOM   423 C CD1 . LEU C 1 2  ? -9.519  -8.918  3.576   1.00 37.39 ? -2  LEU C CD1 1 
ATOM   424 C CD2 . LEU C 1 2  ? -10.425 -7.371  1.781   1.00 35.83 ? -2  LEU C CD2 1 
ATOM   425 N N   . TYR C 1 3  ? -6.276  -6.679  -0.305  1.00 22.78 ? -1  TYR C N   1 
ATOM   426 C CA  . TYR C 1 3  ? -4.963  -6.000  -0.518  1.00 20.83 ? -1  TYR C CA  1 
ATOM   427 C C   . TYR C 1 3  ? -4.082  -6.409  0.645   1.00 20.73 ? -1  TYR C C   1 
ATOM   428 O O   . TYR C 1 3  ? -2.878  -6.746  0.586   1.00 17.61 ? -1  TYR C O   1 
ATOM   429 C CB  . TYR C 1 3  ? -5.093  -4.469  -0.622  1.00 17.88 ? -1  TYR C CB  1 
ATOM   430 C CG  . TYR C 1 3  ? -3.735  -3.851  -0.911  1.00 18.32 ? -1  TYR C CG  1 
ATOM   431 C CD1 . TYR C 1 3  ? -3.116  -4.006  -2.167  1.00 18.54 ? -1  TYR C CD1 1 
ATOM   432 C CD2 . TYR C 1 3  ? -3.123  -3.099  0.092   1.00 21.34 ? -1  TYR C CD2 1 
ATOM   433 C CE1 . TYR C 1 3  ? -1.874  -3.422  -2.393  1.00 18.91 ? -1  TYR C CE1 1 
ATOM   434 C CE2 . TYR C 1 3  ? -1.873  -2.491  -0.133  1.00 22.11 ? -1  TYR C CE2 1 
ATOM   435 C CZ  . TYR C 1 3  ? -1.254  -2.668  -1.394  1.00 22.91 ? -1  TYR C CZ  1 
ATOM   436 O OH  . TYR C 1 3  ? -0.033  -2.072  -1.566  1.00 23.53 ? -1  TYR C OH  1 
ATOM   437 N N   . SER C 1 4  ? -4.565  -6.553  1.878   1.00 16.63 ? 0   SER C N   1 
ATOM   438 C CA  . SER C 1 4  ? -3.837  -6.945  3.070   1.00 17.02 ? 0   SER C CA  1 
ATOM   439 C C   . SER C 1 4  ? -3.325  -8.362  2.833   1.00 18.51 ? 0   SER C C   1 
ATOM   440 O O   . SER C 1 4  ? -2.153  -8.569  3.298   1.00 19.55 ? 0   SER C O   1 
ATOM   441 C CB  . SER C 1 4  ? -4.663  -6.801  4.383   1.00 20.04 ? 0   SER C CB  1 
ATOM   442 O OG  . SER C 1 4  ? -5.689  -7.761  4.307   1.00 21.23 ? 0   SER C OG  1 
ATOM   443 N N   . ALA C 1 5  ? -3.960  -9.321  2.254   1.00 16.26 ? 1   ALA C N   1 
ATOM   444 C CA  . ALA C 1 5  ? -3.514  -10.694 1.996   1.00 15.20 ? 1   ALA C CA  1 
ATOM   445 C C   . ALA C 1 5  ? -2.349  -10.589 0.953   1.00 16.64 ? 1   ALA C C   1 
ATOM   446 O O   . ALA C 1 5  ? -1.356  -11.304 1.186   1.00 17.77 ? 1   ALA C O   1 
ATOM   447 C CB  . ALA C 1 5  ? -4.532  -11.670 1.482   1.00 17.62 ? 1   ALA C CB  1 
ATOM   448 N N   . LEU C 1 6  ? -2.531  -9.723  -0.013  1.00 13.05 ? 2   LEU C N   1 
ATOM   449 C CA  . LEU C 1 6  ? -1.429  -9.630  -1.036  1.00 14.67 ? 2   LEU C CA  1 
ATOM   450 C C   . LEU C 1 6  ? -0.273  -9.004  -0.350  1.00 15.44 ? 2   LEU C C   1 
ATOM   451 O O   . LEU C 1 6  ? 0.935   -9.423  -0.628  1.00 14.84 ? 2   LEU C O   1 
ATOM   452 C CB  . LEU C 1 6  ? -1.902  -8.725  -2.189  1.00 16.41 ? 2   LEU C CB  1 
ATOM   453 C CG  . LEU C 1 6  ? -0.819  -8.611  -3.302  1.00 18.71 ? 2   LEU C CG  1 
ATOM   454 C CD1 . LEU C 1 6  ? -0.402  -10.023 -3.780  1.00 21.34 ? 2   LEU C CD1 1 
ATOM   455 C CD2 . LEU C 1 6  ? -1.417  -7.705  -4.357  1.00 22.44 ? 2   LEU C CD2 1 
ATOM   456 N N   . ALA C 1 7  ? -0.342  -7.970  0.444   1.00 14.71 ? 3   ALA C N   1 
ATOM   457 C CA  . ALA C 1 7  ? 0.765   -7.307  1.131   1.00 15.02 ? 3   ALA C CA  1 
ATOM   458 C C   . ALA C 1 7  ? 1.420   -8.380  1.979   1.00 15.60 ? 3   ALA C C   1 
ATOM   459 O O   . ALA C 1 7  ? 2.708   -8.496  1.963   1.00 16.74 ? 3   ALA C O   1 
ATOM   460 C CB  . ALA C 1 7  ? 0.310   -6.060  1.964   1.00 15.86 ? 3   ALA C CB  1 
ATOM   461 N N   . ASN C 1 8  ? 0.790   -9.257  2.683   1.00 15.17 ? 4   ASN C N   1 
ATOM   462 C CA  . ASN C 1 8  ? 1.337   -10.347 3.502   1.00 16.83 ? 4   ASN C CA  1 
ATOM   463 C C   . ASN C 1 8  ? 2.125   -11.310 2.565   1.00 16.08 ? 4   ASN C C   1 
ATOM   464 O O   . ASN C 1 8  ? 3.284   -11.592 2.970   1.00 18.08 ? 4   ASN C O   1 
ATOM   465 C CB  . ASN C 1 8  ? 0.142   -10.994 4.185   1.00 21.55 ? 4   ASN C CB  1 
ATOM   466 C CG  . ASN C 1 8  ? 0.565   -12.019 5.193   1.00 27.65 ? 4   ASN C CG  1 
ATOM   467 O OD1 . ASN C 1 8  ? 1.411   -11.714 6.042   1.00 29.94 ? 4   ASN C OD1 1 
ATOM   468 N ND2 . ASN C 1 8  ? -0.033  -13.198 5.050   1.00 34.31 ? 4   ASN C ND2 1 
ATOM   469 N N   . LYS C 1 9  ? 1.510   -11.658 1.500   1.00 15.11 ? 5   LYS C N   1 
ATOM   470 C CA  . LYS C 1 9  ? 2.173   -12.558 0.516   1.00 14.80 ? 5   LYS C CA  1 
ATOM   471 C C   . LYS C 1 9  ? 3.459   -11.874 0.015   1.00 14.97 ? 5   LYS C C   1 
ATOM   472 O O   . LYS C 1 9  ? 4.515   -12.589 0.098   1.00 16.43 ? 5   LYS C O   1 
ATOM   473 C CB  . LYS C 1 9  ? 1.201   -12.951 -0.572  1.00 17.18 ? 5   LYS C CB  1 
ATOM   474 C CG  . LYS C 1 9  ? 1.756   -13.989 -1.580  1.00 23.45 ? 5   LYS C CG  1 
ATOM   475 C CD  . LYS C 1 9  ? 1.090   -13.629 -2.896  1.00 25.15 ? 5   LYS C CD  1 
ATOM   476 C CE  . LYS C 1 9  ? 1.399   -14.511 -4.088  1.00 35.20 ? 5   LYS C CE  1 
ATOM   477 N NZ  . LYS C 1 9  ? 2.631   -15.310 -3.960  1.00 34.27 ? 5   LYS C NZ  1 
ATOM   478 N N   . CYS C 1 10 ? 3.409   -10.658 -0.421  1.00 11.95 ? 6   CYS C N   1 
ATOM   479 C CA  . CYS C 1 10 ? 4.626   -9.990  -0.959  1.00 14.49 ? 6   CYS C CA  1 
ATOM   480 C C   . CYS C 1 10 ? 5.730   -10.010 0.036   1.00 16.95 ? 6   CYS C C   1 
ATOM   481 O O   . CYS C 1 10 ? 6.925   -10.255 -0.313  1.00 16.67 ? 6   CYS C O   1 
ATOM   482 C CB  . CYS C 1 10 ? 4.406   -8.558  -1.440  1.00 17.14 ? 6   CYS C CB  1 
ATOM   483 S SG  . CYS C 1 10 ? 3.177   -8.446  -2.748  1.00 15.71 ? 6   CYS C SG  1 
ATOM   484 N N   . CYS C 1 11 ? 5.605   -9.773  1.291   1.00 14.35 ? 7   CYS C N   1 
ATOM   485 C CA  . CYS C 1 11 ? 6.592   -9.674  2.343   1.00 15.27 ? 7   CYS C CA  1 
ATOM   486 C C   . CYS C 1 11 ? 7.100   -11.036 2.779   1.00 17.95 ? 7   CYS C C   1 
ATOM   487 O O   . CYS C 1 11 ? 8.356   -11.084 3.011   1.00 20.67 ? 7   CYS C O   1 
ATOM   488 C CB  . CYS C 1 11 ? 5.852   -8.897  3.483   1.00 17.34 ? 7   CYS C CB  1 
ATOM   489 S SG  . CYS C 1 11 ? 6.761   -8.836  5.051   1.00 19.29 ? 7   CYS C SG  1 
ATOM   490 N N   . HIS C 1 12 ? 6.245   -12.029 2.810   1.00 16.72 ? 8   HIS C N   1 
ATOM   491 C CA  . HIS C 1 12 ? 6.652   -13.331 3.342   1.00 17.40 ? 8   HIS C CA  1 
ATOM   492 C C   . HIS C 1 12 ? 7.027   -14.376 2.309   1.00 19.12 ? 8   HIS C C   1 
ATOM   493 O O   . HIS C 1 12 ? 7.727   -15.275 2.848   1.00 22.66 ? 8   HIS C O   1 
ATOM   494 C CB  . HIS C 1 12 ? 5.567   -13.895 4.344   1.00 19.81 ? 8   HIS C CB  1 
ATOM   495 C CG  . HIS C 1 12 ? 5.393   -12.951 5.531   1.00 20.56 ? 8   HIS C CG  1 
ATOM   496 N ND1 . HIS C 1 12 ? 4.476   -11.901 5.490   1.00 21.52 ? 8   HIS C ND1 1 
ATOM   497 C CD2 . HIS C 1 12 ? 5.977   -12.863 6.756   1.00 21.04 ? 8   HIS C CD2 1 
ATOM   498 C CE1 . HIS C 1 12 ? 4.569   -11.227 6.617   1.00 21.95 ? 8   HIS C CE1 1 
ATOM   499 N NE2 . HIS C 1 12 ? 5.463   -11.782 7.382   1.00 23.82 ? 8   HIS C NE2 1 
ATOM   500 N N   . VAL C 1 13 ? 6.582   -14.314 1.103   1.00 17.47 ? 9   VAL C N   1 
ATOM   501 C CA  . VAL C 1 13 ? 6.903   -15.379 0.165   1.00 18.74 ? 9   VAL C CA  1 
ATOM   502 C C   . VAL C 1 13 ? 7.262   -14.747 -1.176  1.00 18.09 ? 9   VAL C C   1 
ATOM   503 O O   . VAL C 1 13 ? 7.939   -15.444 -1.977  1.00 20.65 ? 9   VAL C O   1 
ATOM   504 C CB  . VAL C 1 13 ? 5.835   -16.473 0.083   1.00 22.96 ? 9   VAL C CB  1 
ATOM   505 C CG1 . VAL C 1 13 ? 5.402   -17.086 1.431   1.00 25.26 ? 9   VAL C CG1 1 
ATOM   506 C CG2 . VAL C 1 13 ? 4.654   -16.068 -0.755  1.00 23.77 ? 9   VAL C CG2 1 
ATOM   507 N N   . GLY C 1 14 ? 6.962   -13.515 -1.446  1.00 15.80 ? 10  GLY C N   1 
ATOM   508 C CA  . GLY C 1 14 ? 7.205   -12.843 -2.697  1.00 14.54 ? 10  GLY C CA  1 
ATOM   509 C C   . GLY C 1 14 ? 5.933   -12.792 -3.558  1.00 16.50 ? 10  GLY C C   1 
ATOM   510 O O   . GLY C 1 14 ? 5.023   -13.610 -3.463  1.00 19.04 ? 10  GLY C O   1 
ATOM   511 N N   . CYS C 1 15 ? 5.867   -11.827 -4.432  1.00 14.70 ? 11  CYS C N   1 
ATOM   512 C CA  . CYS C 1 15 ? 4.798   -11.594 -5.358  1.00 16.17 ? 11  CYS C CA  1 
ATOM   513 C C   . CYS C 1 15 ? 5.230   -10.931 -6.644  1.00 18.75 ? 11  CYS C C   1 
ATOM   514 O O   . CYS C 1 15 ? 6.318   -10.318 -6.604  1.00 19.05 ? 11  CYS C O   1 
ATOM   515 C CB  . CYS C 1 15 ? 3.722   -10.667 -4.655  1.00 15.75 ? 11  CYS C CB  1 
ATOM   516 S SG  . CYS C 1 15 ? 4.295   -9.019  -4.320  1.00 15.32 ? 11  CYS C SG  1 
ATOM   517 N N   . THR C 1 16 ? 4.422   -11.053 -7.673  1.00 18.43 ? 12  THR C N   1 
ATOM   518 C CA  . THR C 1 16 ? 4.853   -10.340 -8.888  1.00 18.07 ? 12  THR C CA  1 
ATOM   519 C C   . THR C 1 16 ? 4.427   -8.913  -8.939  1.00 18.04 ? 12  THR C C   1 
ATOM   520 O O   . THR C 1 16 ? 3.341   -8.465  -8.343  1.00 16.19 ? 12  THR C O   1 
ATOM   521 C CB  . THR C 1 16 ? 4.304   -10.997 -10.195 1.00 19.69 ? 12  THR C CB  1 
ATOM   522 O OG1 . THR C 1 16 ? 2.876   -11.021 -9.931  1.00 22.93 ? 12  THR C OG1 1 
ATOM   523 C CG2 . THR C 1 16 ? 4.867   -12.389 -10.433 1.00 26.40 ? 12  THR C CG2 1 
ATOM   524 N N   . LYS C 1 17 ? 5.082   -8.075  -9.687  1.00 15.95 ? 13  LYS C N   1 
ATOM   525 C CA  . LYS C 1 17 ? 4.722   -6.669  -9.863  1.00 16.16 ? 13  LYS C CA  1 
ATOM   526 C C   . LYS C 1 17 ? 3.301   -6.625  -10.448 1.00 16.60 ? 13  LYS C C   1 
ATOM   527 O O   . LYS C 1 17 ? 2.513   -5.691  -10.065 1.00 17.45 ? 13  LYS C O   1 
ATOM   528 C CB  . LYS C 1 17 ? 5.705   -5.907  -10.747 1.00 16.80 ? 13  LYS C CB  1 
ATOM   529 C CG  . LYS C 1 17 ? 7.007   -5.774  -9.925  1.00 17.28 ? 13  LYS C CG  1 
ATOM   530 C CD  . LYS C 1 17 ? 7.879   -4.835  -10.804 1.00 18.98 ? 13  LYS C CD  1 
ATOM   531 C CE  . LYS C 1 17 ? 9.172   -4.682  -10.005 1.00 20.99 ? 13  LYS C CE  1 
ATOM   532 N NZ  . LYS C 1 17 ? 9.995   -3.665  -10.736 1.00 23.34 ? 13  LYS C NZ  1 
ATOM   533 N N   . ARG C 1 18 ? 2.933   -7.529  -11.308 1.00 16.47 ? 14  ARG C N   1 
ATOM   534 C CA  . ARG C 1 18 ? 1.589   -7.607  -11.919 1.00 17.13 ? 14  ARG C CA  1 
ATOM   535 C C   . ARG C 1 18 ? 0.464   -7.652  -10.817 1.00 18.79 ? 14  ARG C C   1 
ATOM   536 O O   . ARG C 1 18 ? -0.554  -6.956  -11.096 1.00 19.84 ? 14  ARG C O   1 
ATOM   537 C CB  . ARG C 1 18 ? 1.523   -8.780  -12.890 1.00 19.63 ? 14  ARG C CB  1 
ATOM   538 C CG  A ARG C 1 18 ? 0.295   -8.898  -13.767 0.50 23.39 ? 14  ARG C CG  1 
ATOM   539 C CG  B ARG C 1 18 ? 0.244   -9.564  -13.059 0.50 23.95 ? 14  ARG C CG  1 
ATOM   540 C CD  A ARG C 1 18 ? 0.500   -10.096 -14.669 0.50 29.84 ? 14  ARG C CD  1 
ATOM   541 C CD  B ARG C 1 18 ? 0.278   -10.700 -14.040 0.50 24.99 ? 14  ARG C CD  1 
ATOM   542 N NE  A ARG C 1 18 ? 1.455   -9.670  -15.700 0.50 33.98 ? 14  ARG C NE  1 
ATOM   543 N NE  B ARG C 1 18 ? 0.896   -10.187 -15.263 0.50 28.36 ? 14  ARG C NE  1 
ATOM   544 C CZ  A ARG C 1 18 ? 1.258   -10.023 -16.977 0.50 37.80 ? 14  ARG C CZ  1 
ATOM   545 C CZ  B ARG C 1 18 ? 0.279   -10.035 -16.432 0.50 31.62 ? 14  ARG C CZ  1 
ATOM   546 N NH1 A ARG C 1 18 ? 0.305   -10.915 -17.247 0.50 40.30 ? 14  ARG C NH1 1 
ATOM   547 N NH1 B ARG C 1 18 ? -0.788  -9.267  -16.651 0.50 28.77 ? 14  ARG C NH1 1 
ATOM   548 N NH2 A ARG C 1 18 ? 2.002   -9.449  -17.924 0.50 37.49 ? 14  ARG C NH2 1 
ATOM   549 N NH2 B ARG C 1 18 ? 0.836   -10.740 -17.430 0.50 33.64 ? 14  ARG C NH2 1 
ATOM   550 N N   . SER C 1 19 ? 0.641   -8.435  -9.781  1.00 15.20 ? 15  SER C N   1 
ATOM   551 C CA  . SER C 1 19 ? -0.403  -8.604  -8.744  1.00 14.81 ? 15  SER C CA  1 
ATOM   552 C C   . SER C 1 19 ? -0.517  -7.246  -8.105  1.00 17.27 ? 15  SER C C   1 
ATOM   553 O O   . SER C 1 19 ? -1.700  -6.803  -7.860  1.00 18.59 ? 15  SER C O   1 
ATOM   554 C CB  . SER C 1 19 ? -0.056  -9.775  -7.838  1.00 17.48 ? 15  SER C CB  1 
ATOM   555 O OG  . SER C 1 19 ? 1.041   -9.395  -7.037  1.00 26.24 ? 15  SER C OG  1 
ATOM   556 N N   . LEU C 1 20 ? 0.466   -6.446  -7.769  1.00 13.75 ? 16  LEU C N   1 
ATOM   557 C CA  . LEU C 1 20 ? 0.313   -5.129  -7.172  1.00 14.94 ? 16  LEU C CA  1 
ATOM   558 C C   . LEU C 1 20 ? -0.210  -4.112  -8.150  1.00 14.59 ? 16  LEU C C   1 
ATOM   559 O O   . LEU C 1 20 ? -0.896  -3.128  -7.716  1.00 17.63 ? 16  LEU C O   1 
ATOM   560 C CB  . LEU C 1 20 ? 1.720   -4.806  -6.609  1.00 17.29 ? 16  LEU C CB  1 
ATOM   561 C CG  . LEU C 1 20 ? 2.263   -5.523  -5.406  1.00 16.01 ? 16  LEU C CG  1 
ATOM   562 C CD1 . LEU C 1 20 ? 3.702   -5.087  -5.173  1.00 21.68 ? 16  LEU C CD1 1 
ATOM   563 C CD2 . LEU C 1 20 ? 1.380   -5.140  -4.202  1.00 19.71 ? 16  LEU C CD2 1 
ATOM   564 N N   . ALA C 1 21 ? 0.006   -4.173  -9.468  1.00 14.72 ? 17  ALA C N   1 
ATOM   565 C CA  . ALA C 1 21 ? -0.421  -3.233  -10.463 1.00 14.09 ? 17  ALA C CA  1 
ATOM   566 C C   . ALA C 1 21 ? -1.967  -3.244  -10.559 1.00 15.95 ? 17  ALA C C   1 
ATOM   567 O O   . ALA C 1 21 ? -2.412  -2.146  -10.930 1.00 20.31 ? 17  ALA C O   1 
ATOM   568 C CB  . ALA C 1 21 ? 0.194   -3.559  -11.829 1.00 18.39 ? 17  ALA C CB  1 
ATOM   569 N N   . ARG C 1 22 ? -2.544  -4.361  -10.232 1.00 15.20 ? 18  ARG C N   1 
ATOM   570 C CA  . ARG C 1 22 ? -4.051  -4.396  -10.306 1.00 16.91 ? 18  ARG C CA  1 
ATOM   571 C C   . ARG C 1 22 ? -4.723  -3.505  -9.240  1.00 20.52 ? 18  ARG C C   1 
ATOM   572 O O   . ARG C 1 22 ? -5.916  -3.230  -9.433  1.00 20.00 ? 18  ARG C O   1 
ATOM   573 C CB  . ARG C 1 22 ? -4.619  -5.812  -10.173 1.00 21.65 ? 18  ARG C CB  1 
ATOM   574 C CG  . ARG C 1 22 ? -4.167  -6.681  -11.359 1.00 26.95 ? 18  ARG C CG  1 
ATOM   575 C CD  . ARG C 1 22 ? -5.057  -7.869  -11.406 1.00 32.82 ? 18  ARG C CD  1 
ATOM   576 N NE  . ARG C 1 22 ? -4.567  -8.812  -10.409 1.00 36.94 ? 18  ARG C NE  1 
ATOM   577 C CZ  . ARG C 1 22 ? -3.801  -9.856  -10.841 1.00 38.31 ? 18  ARG C CZ  1 
ATOM   578 N NH1 . ARG C 1 22 ? -3.404  -9.965  -12.104 1.00 37.71 ? 18  ARG C NH1 1 
ATOM   579 N NH2 . ARG C 1 22 ? -3.394  -10.804 -9.994  1.00 40.03 ? 18  ARG C NH2 1 
ATOM   580 N N   . PHE C 1 23 ? -3.935  -3.113  -8.235  1.00 16.73 ? 19  PHE C N   1 
ATOM   581 C CA  . PHE C 1 23 ? -4.558  -2.247  -7.198  1.00 16.89 ? 19  PHE C CA  1 
ATOM   582 C C   . PHE C 1 23 ? -4.319  -0.791  -7.433  1.00 18.19 ? 19  PHE C C   1 
ATOM   583 O O   . PHE C 1 23 ? -4.585  0.064   -6.524  1.00 19.67 ? 19  PHE C O   1 
ATOM   584 C CB  . PHE C 1 23 ? -4.017  -2.638  -5.846  1.00 13.46 ? 19  PHE C CB  1 
ATOM   585 C CG  . PHE C 1 23 ? -4.617  -3.934  -5.414  1.00 16.53 ? 19  PHE C CG  1 
ATOM   586 C CD1 . PHE C 1 23 ? -5.868  -3.869  -4.697  1.00 17.82 ? 19  PHE C CD1 1 
ATOM   587 C CD2 . PHE C 1 23 ? -4.112  -5.208  -5.655  1.00 18.40 ? 19  PHE C CD2 1 
ATOM   588 C CE1 . PHE C 1 23 ? -6.436  -5.053  -4.258  1.00 21.35 ? 19  PHE C CE1 1 
ATOM   589 C CE2 . PHE C 1 23 ? -4.672  -6.395  -5.255  1.00 22.23 ? 19  PHE C CE2 1 
ATOM   590 C CZ  . PHE C 1 23 ? -5.896  -6.316  -4.528  1.00 22.47 ? 19  PHE C CZ  1 
ATOM   591 N N   . CYS C 1 24 ? -3.763  -0.394  -8.570  1.00 19.53 ? 20  CYS C N   1 
ATOM   592 C CA  . CYS C 1 24 ? -3.460  1.007   -8.867  1.00 18.54 ? 20  CYS C CA  1 
ATOM   593 C C   . CYS C 1 24 ? -4.734  1.799   -9.228  1.00 22.59 ? 20  CYS C C   1 
ATOM   594 O O   . CYS C 1 24 ? -5.589  1.136   -9.801  1.00 22.87 ? 20  CYS C O   1 
ATOM   595 C CB  . CYS C 1 24 ? -2.439  1.059   -9.987  1.00 21.29 ? 20  CYS C CB  1 
ATOM   596 S SG  . CYS C 1 24 ? -0.782  0.534   -9.505  1.00 20.23 ? 20  CYS C SG  1 
ATOM   597 O OXT . CYS C 1 24 ? -4.744  3.010   -8.950  1.00 22.86 ? 20  CYS C OXT 1 
ATOM   598 N N   . SER D 2 1  ? 6.832   -9.283  -19.641 1.00 38.92 ? -2  SER D N   1 
ATOM   599 C CA  . SER D 2 1  ? 7.092   -7.873  -19.295 1.00 36.21 ? -2  SER D CA  1 
ATOM   600 C C   . SER D 2 1  ? 7.716   -7.745  -17.895 1.00 31.79 ? -2  SER D C   1 
ATOM   601 O O   . SER D 2 1  ? 7.933   -8.680  -17.116 1.00 30.14 ? -2  SER D O   1 
ATOM   602 C CB  . SER D 2 1  ? 5.816   -7.018  -19.402 1.00 42.54 ? -2  SER D CB  1 
ATOM   603 O OG  . SER D 2 1  ? 4.789   -7.316  -18.444 1.00 43.36 ? -2  SER D OG  1 
ATOM   604 N N   . TRP D 2 2  ? 7.972   -6.485  -17.616 1.00 31.64 ? -1  TRP D N   1 
ATOM   605 C CA  . TRP D 2 2  ? 8.493   -5.904  -16.378 1.00 31.39 ? -1  TRP D CA  1 
ATOM   606 C C   . TRP D 2 2  ? 7.539   -6.335  -15.236 1.00 28.36 ? -1  TRP D C   1 
ATOM   607 O O   . TRP D 2 2  ? 7.910   -6.489  -14.066 1.00 32.11 ? -1  TRP D O   1 
ATOM   608 C CB  . TRP D 2 2  ? 8.592   -4.385  -16.453 1.00 31.27 ? -1  TRP D CB  1 
ATOM   609 C CG  . TRP D 2 2  ? 7.294   -3.651  -16.531 1.00 34.94 ? -1  TRP D CG  1 
ATOM   610 C CD1 . TRP D 2 2  ? 6.645   -3.268  -17.683 1.00 36.99 ? -1  TRP D CD1 1 
ATOM   611 C CD2 . TRP D 2 2  ? 6.479   -3.163  -15.450 1.00 37.87 ? -1  TRP D CD2 1 
ATOM   612 N NE1 . TRP D 2 2  ? 5.491   -2.595  -17.410 1.00 38.21 ? -1  TRP D NE1 1 
ATOM   613 C CE2 . TRP D 2 2  ? 5.356   -2.522  -16.040 1.00 39.14 ? -1  TRP D CE2 1 
ATOM   614 C CE3 . TRP D 2 2  ? 6.617   -3.203  -14.066 1.00 38.91 ? -1  TRP D CE3 1 
ATOM   615 C CZ2 . TRP D 2 2  ? 4.346   -1.937  -15.285 1.00 38.65 ? -1  TRP D CZ2 1 
ATOM   616 C CZ3 . TRP D 2 2  ? 5.619   -2.617  -13.321 1.00 42.36 ? -1  TRP D CZ3 1 
ATOM   617 C CH2 . TRP D 2 2  ? 4.499   -1.984  -13.902 1.00 40.55 ? -1  TRP D CH2 1 
ATOM   618 N N   . MET D 2 3  ? 6.300   -6.580  -15.596 1.00 27.21 ? 0   MET D N   1 
ATOM   619 C CA  . MET D 2 3  ? 5.284   -7.012  -14.638 1.00 27.20 ? 0   MET D CA  1 
ATOM   620 C C   . MET D 2 3  ? 5.481   -8.385  -14.045 1.00 25.87 ? 0   MET D C   1 
ATOM   621 O O   . MET D 2 3  ? 4.967   -8.660  -12.940 1.00 22.05 ? 0   MET D O   1 
ATOM   622 C CB  . MET D 2 3  ? 3.898   -7.081  -15.295 1.00 33.32 ? 0   MET D CB  1 
ATOM   623 C CG  . MET D 2 3  ? 3.815   -5.678  -15.842 1.00 39.06 ? 0   MET D CG  1 
ATOM   624 S SD  . MET D 2 3  ? 2.715   -4.838  -14.640 1.00 49.55 ? 0   MET D SD  1 
ATOM   625 C CE  . MET D 2 3  ? 1.184   -5.392  -15.464 1.00 41.37 ? 0   MET D CE  1 
ATOM   626 N N   . GLU D 2 4  ? 6.223   -9.214  -14.767 1.00 21.69 ? 1   GLU D N   1 
ATOM   627 C CA  . GLU D 2 4  ? 6.452   -10.556 -14.248 1.00 22.89 ? 1   GLU D CA  1 
ATOM   628 C C   . GLU D 2 4  ? 7.611   -10.619 -13.234 1.00 20.90 ? 1   GLU D C   1 
ATOM   629 O O   . GLU D 2 4  ? 7.815   -11.687 -12.654 1.00 23.91 ? 1   GLU D O   1 
ATOM   630 C CB  . GLU D 2 4  ? 6.703   -11.551 -15.392 1.00 28.87 ? 1   GLU D CB  1 
ATOM   631 C CG  . GLU D 2 4  ? 5.648   -11.371 -16.486 1.00 37.79 ? 1   GLU D CG  1 
ATOM   632 C CD  . GLU D 2 4  ? 4.200   -11.535 -16.073 1.00 44.43 ? 1   GLU D CD  1 
ATOM   633 O OE1 . GLU D 2 4  ? 3.707   -12.261 -15.206 1.00 45.81 ? 1   GLU D OE1 1 
ATOM   634 O OE2 . GLU D 2 4  ? 3.493   -10.771 -16.795 1.00 49.21 ? 1   GLU D OE2 1 
ATOM   635 N N   . GLU D 2 5  ? 8.271   -9.514  -13.054 1.00 19.34 ? 2   GLU D N   1 
ATOM   636 C CA  . GLU D 2 5  ? 9.356   -9.504  -12.087 1.00 18.32 ? 2   GLU D CA  1 
ATOM   637 C C   . GLU D 2 5  ? 8.884   -9.884  -10.685 1.00 19.27 ? 2   GLU D C   1 
ATOM   638 O O   . GLU D 2 5  ? 7.772   -9.323  -10.297 1.00 18.82 ? 2   GLU D O   1 
ATOM   639 C CB  . GLU D 2 5  ? 9.968   -8.114  -11.983 1.00 22.08 ? 2   GLU D CB  1 
ATOM   640 C CG  . GLU D 2 5  ? 11.249  -8.131  -11.122 1.00 29.46 ? 2   GLU D CG  1 
ATOM   641 C CD  . GLU D 2 5  ? 11.957  -6.789  -11.065 1.00 36.89 ? 2   GLU D CD  1 
ATOM   642 O OE1 . GLU D 2 5  ? 11.561  -5.891  -11.823 1.00 40.42 ? 2   GLU D OE1 1 
ATOM   643 O OE2 . GLU D 2 5  ? 12.915  -6.757  -10.233 1.00 35.09 ? 2   GLU D OE2 1 
ATOM   644 N N   . VAL D 2 6  ? 9.506   -10.686 -9.896  1.00 18.95 ? 3   VAL D N   1 
ATOM   645 C CA  . VAL D 2 6  ? 9.069   -11.000 -8.514  1.00 22.29 ? 3   VAL D CA  1 
ATOM   646 C C   . VAL D 2 6  ? 9.787   -10.081 -7.531  1.00 22.87 ? 3   VAL D C   1 
ATOM   647 O O   . VAL D 2 6  ? 10.963  -9.663  -7.669  1.00 24.79 ? 3   VAL D O   1 
ATOM   648 C CB  . VAL D 2 6  ? 9.133   -12.508 -8.156  1.00 27.84 ? 3   VAL D CB  1 
ATOM   649 C CG1 . VAL D 2 6  ? 8.573   -13.377 -9.278  1.00 29.99 ? 3   VAL D CG1 1 
ATOM   650 C CG2 . VAL D 2 6  ? 10.502  -12.988 -7.717  1.00 33.86 ? 3   VAL D CG2 1 
ATOM   651 N N   . ILE D 2 7  ? 9.123   -9.688  -6.430  1.00 20.28 ? 4   ILE D N   1 
ATOM   652 C CA  . ILE D 2 7  ? 9.661   -8.846  -5.385  1.00 18.72 ? 4   ILE D CA  1 
ATOM   653 C C   . ILE D 2 7  ? 9.304   -9.521  -4.039  1.00 15.20 ? 4   ILE D C   1 
ATOM   654 O O   . ILE D 2 7  ? 8.387   -10.348 -4.038  1.00 19.34 ? 4   ILE D O   1 
ATOM   655 C CB  . ILE D 2 7  ? 9.199   -7.389  -5.544  1.00 21.57 ? 4   ILE D CB  1 
ATOM   656 C CG1 . ILE D 2 7  ? 7.687   -7.303  -5.106  1.00 20.18 ? 4   ILE D CG1 1 
ATOM   657 C CG2 . ILE D 2 7  ? 9.520   -6.774  -6.939  1.00 23.48 ? 4   ILE D CG2 1 
ATOM   658 C CD1 . ILE D 2 7  ? 7.351   -5.776  -4.980  1.00 23.94 ? 4   ILE D CD1 1 
ATOM   659 N N   . LYS D 2 8  ? 10.090  -9.175  -3.056  1.00 14.32 ? 5   LYS D N   1 
ATOM   660 C CA  . LYS D 2 8  ? 9.822   -9.744  -1.708  1.00 13.62 ? 5   LYS D CA  1 
ATOM   661 C C   . LYS D 2 8  ? 10.068  -8.560  -0.834  1.00 17.59 ? 5   LYS D C   1 
ATOM   662 O O   . LYS D 2 8  ? 11.248  -8.359  -0.426  1.00 17.76 ? 5   LYS D O   1 
ATOM   663 C CB  . LYS D 2 8  ? 10.634  -10.992 -1.414  1.00 17.32 ? 5   LYS D CB  1 
ATOM   664 C CG  . LYS D 2 8  ? 10.393  -11.501 -0.011  1.00 18.16 ? 5   LYS D CG  1 
ATOM   665 C CD  . LYS D 2 8  ? 11.158  -12.823 0.164   1.00 22.06 ? 5   LYS D CD  1 
ATOM   666 C CE  . LYS D 2 8  ? 10.557  -13.793 1.101   1.00 29.54 ? 5   LYS D CE  1 
ATOM   667 N NZ  . LYS D 2 8  ? 11.671  -14.478 1.807   1.00 31.56 ? 5   LYS D NZ  1 
ATOM   668 N N   . LEU D 2 9  ? 9.014   -7.723  -0.490  1.00 14.57 ? 6   LEU D N   1 
ATOM   669 C CA  . LEU D 2 9  ? 9.275   -6.548  0.268   1.00 14.40 ? 6   LEU D CA  1 
ATOM   670 C C   . LEU D 2 9  ? 8.165   -6.337  1.355   1.00 15.60 ? 6   LEU D C   1 
ATOM   671 O O   . LEU D 2 9  ? 7.147   -6.897  0.966   1.00 16.45 ? 6   LEU D O   1 
ATOM   672 C CB  . LEU D 2 9  ? 9.238   -5.374  -0.706  1.00 17.41 ? 6   LEU D CB  1 
ATOM   673 C CG  . LEU D 2 9  ? 10.433  -5.331  -1.738  1.00 16.74 ? 6   LEU D CG  1 
ATOM   674 C CD1 . LEU D 2 9  ? 10.127  -4.296  -2.783  1.00 21.61 ? 6   LEU D CD1 1 
ATOM   675 C CD2 . LEU D 2 9  ? 11.704  -5.121  -0.922  1.00 18.34 ? 6   LEU D CD2 1 
ATOM   676 N N   . CYS D 2 10 ? 8.592   -5.644  2.357   1.00 15.13 ? 7   CYS D N   1 
ATOM   677 C CA  . CYS D 2 10 ? 7.616   -5.398  3.447   1.00 16.28 ? 7   CYS D CA  1 
ATOM   678 C C   . CYS D 2 10 ? 7.598   -3.960  3.833   1.00 19.34 ? 7   CYS D C   1 
ATOM   679 O O   . CYS D 2 10 ? 8.495   -3.140  3.534   1.00 20.00 ? 7   CYS D O   1 
ATOM   680 C CB  . CYS D 2 10 ? 8.124   -6.177  4.653   1.00 18.27 ? 7   CYS D CB  1 
ATOM   681 S SG  . CYS D 2 10 ? 8.506   -7.914  4.477   1.00 18.72 ? 7   CYS D SG  1 
ATOM   682 N N   . GLY D 2 11 ? 6.465   -3.640  4.571   1.00 17.57 ? 8   GLY D N   1 
ATOM   683 C CA  . GLY D 2 11 ? 6.409   -2.284  5.050   1.00 16.70 ? 8   GLY D CA  1 
ATOM   684 C C   . GLY D 2 11 ? 6.674   -1.136  4.123   1.00 13.02 ? 8   GLY D C   1 
ATOM   685 O O   . GLY D 2 11 ? 6.186   -1.023  3.015   1.00 16.98 ? 8   GLY D O   1 
ATOM   686 N N   . ARG D 2 12 ? 7.546   -0.284  4.639   1.00 17.27 ? 9   ARG D N   1 
ATOM   687 C CA  . ARG D 2 12 ? 7.907   0.924   3.868   1.00 16.85 ? 9   ARG D CA  1 
ATOM   688 C C   . ARG D 2 12 ? 8.477   0.574   2.472   1.00 15.34 ? 9   ARG D C   1 
ATOM   689 O O   . ARG D 2 12 ? 8.221   1.323   1.521   1.00 16.16 ? 9   ARG D O   1 
ATOM   690 C CB  . ARG D 2 12 ? 8.794   1.726   4.794   1.00 25.64 ? 9   ARG D CB  1 
ATOM   691 C CG  . ARG D 2 12 ? 9.144   3.071   4.202   1.00 33.32 ? 9   ARG D CG  1 
ATOM   692 C CD  . ARG D 2 12 ? 10.067  3.813   5.188   1.00 40.37 ? 9   ARG D CD  1 
ATOM   693 N NE  . ARG D 2 12 ? 10.604  4.904   4.369   1.00 46.87 ? 9   ARG D NE  1 
ATOM   694 C CZ  . ARG D 2 12 ? 11.703  4.804   3.605   1.00 49.46 ? 9   ARG D CZ  1 
ATOM   695 N NH1 . ARG D 2 12 ? 12.552  3.832   3.921   1.00 51.66 ? 9   ARG D NH1 1 
ATOM   696 N NH2 . ARG D 2 12 ? 11.947  5.681   2.637   1.00 50.54 ? 9   ARG D NH2 1 
ATOM   697 N N   . GLU D 2 13 ? 9.226   -0.527  2.407   1.00 19.32 ? 10  GLU D N   1 
ATOM   698 C CA  . GLU D 2 13 ? 9.755   -0.861  1.057   1.00 20.42 ? 10  GLU D CA  1 
ATOM   699 C C   . GLU D 2 13 ? 8.739   -1.305  0.025   1.00 14.47 ? 10  GLU D C   1 
ATOM   700 O O   . GLU D 2 13 ? 8.763   -1.036  -1.187  1.00 17.44 ? 10  GLU D O   1 
ATOM   701 C CB  . GLU D 2 13 ? 10.841  -1.963  1.172   1.00 22.13 ? 10  GLU D CB  1 
ATOM   702 C CG  . GLU D 2 13 ? 12.079  -1.541  1.990   1.00 30.89 ? 10  GLU D CG  1 
ATOM   703 C CD  . GLU D 2 13 ? 12.986  -2.759  2.170   1.00 40.87 ? 10  GLU D CD  1 
ATOM   704 O OE1 . GLU D 2 13 ? 12.663  -3.490  3.148   1.00 47.12 ? 10  GLU D OE1 1 
ATOM   705 O OE2 . GLU D 2 13 ? 13.937  -3.164  1.514   1.00 46.77 ? 10  GLU D OE2 1 
ATOM   706 N N   . LEU D 2 14 ? 7.676   -1.977  0.593   1.00 15.71 ? 11  LEU D N   1 
ATOM   707 C CA  . LEU D 2 14 ? 6.532   -2.448  -0.231  1.00 14.18 ? 11  LEU D CA  1 
ATOM   708 C C   . LEU D 2 14 ? 5.738   -1.267  -0.769  1.00 13.05 ? 11  LEU D C   1 
ATOM   709 O O   . LEU D 2 14 ? 5.372   -1.132  -1.923  1.00 15.33 ? 11  LEU D O   1 
ATOM   710 C CB  . LEU D 2 14 ? 5.735   -3.435  0.631   1.00 16.36 ? 11  LEU D CB  1 
ATOM   711 C CG  . LEU D 2 14 ? 4.504   -3.963  -0.128  1.00 17.28 ? 11  LEU D CG  1 
ATOM   712 C CD1 . LEU D 2 14 ? 4.925   -4.658  -1.449  1.00 21.45 ? 11  LEU D CD1 1 
ATOM   713 C CD2 . LEU D 2 14 ? 3.816   -4.902  0.862   1.00 21.60 ? 11  LEU D CD2 1 
ATOM   714 N N   . VAL D 2 15 ? 5.533   -0.311  0.234   1.00 14.98 ? 12  VAL D N   1 
ATOM   715 C CA  . VAL D 2 15 ? 4.820   0.918   -0.174  1.00 15.08 ? 12  VAL D CA  1 
ATOM   716 C C   . VAL D 2 15 ? 5.526   1.644   -1.316  1.00 16.24 ? 12  VAL D C   1 
ATOM   717 O O   . VAL D 2 15 ? 4.915   2.033   -2.315  1.00 16.01 ? 12  VAL D O   1 
ATOM   718 C CB  . VAL D 2 15 ? 4.547   1.829   1.069   1.00 15.59 ? 12  VAL D CB  1 
ATOM   719 C CG1 . VAL D 2 15 ? 4.063   3.219   0.671   1.00 18.06 ? 12  VAL D CG1 1 
ATOM   720 C CG2 . VAL D 2 15 ? 3.643   1.042   2.003   1.00 16.43 ? 12  VAL D CG2 1 
ATOM   721 N N   . ARG D 2 16 ? 6.874   1.832   -1.165  1.00 17.76 ? 13  ARG D N   1 
ATOM   722 C CA  . ARG D 2 16 ? 7.650   2.490   -2.235  1.00 17.44 ? 13  ARG D CA  1 
ATOM   723 C C   . ARG D 2 16 ? 7.588   1.731   -3.560  1.00 12.77 ? 13  ARG D C   1 
ATOM   724 O O   . ARG D 2 16 ? 7.429   2.406   -4.602  1.00 16.25 ? 13  ARG D O   1 
ATOM   725 C CB  . ARG D 2 16 ? 9.135   2.614   -1.813  1.00 20.80 ? 13  ARG D CB  1 
ATOM   726 C CG  . ARG D 2 16 ? 9.288   3.354   -0.489  1.00 33.65 ? 13  ARG D CG  1 
ATOM   727 C CD  . ARG D 2 16 ? 9.369   4.823   -0.675  1.00 42.37 ? 13  ARG D CD  1 
ATOM   728 N NE  . ARG D 2 16 ? 8.239   5.714   -0.513  1.00 49.56 ? 13  ARG D NE  1 
ATOM   729 C CZ  . ARG D 2 16 ? 7.713   6.684   -1.284  1.00 52.95 ? 13  ARG D CZ  1 
ATOM   730 N NH1 . ARG D 2 16 ? 7.897   6.931   -2.590  1.00 53.32 ? 13  ARG D NH1 1 
ATOM   731 N NH2 . ARG D 2 16 ? 6.996   7.625   -0.624  1.00 52.65 ? 13  ARG D NH2 1 
ATOM   732 N N   . ALA D 2 17 ? 7.597   0.402   -3.461  1.00 15.52 ? 14  ALA D N   1 
ATOM   733 C CA  . ALA D 2 17 ? 7.449   -0.352  -4.713  1.00 16.43 ? 14  ALA D CA  1 
ATOM   734 C C   . ALA D 2 17 ? 6.068   -0.139  -5.391  1.00 17.73 ? 14  ALA D C   1 
ATOM   735 O O   . ALA D 2 17 ? 5.936   0.001   -6.586  1.00 18.27 ? 14  ALA D O   1 
ATOM   736 C CB  . ALA D 2 17 ? 7.742   -1.852  -4.542  1.00 17.99 ? 14  ALA D CB  1 
ATOM   737 N N   . GLN D 2 18 ? 5.104   -0.128  -4.427  1.00 16.39 ? 15  GLN D N   1 
ATOM   738 C CA  . GLN D 2 18 ? 3.700   0.067   -4.929  1.00 17.16 ? 15  GLN D CA  1 
ATOM   739 C C   . GLN D 2 18 ? 3.522   1.390   -5.656  1.00 12.70 ? 15  GLN D C   1 
ATOM   740 O O   . GLN D 2 18 ? 2.895   1.499   -6.747  1.00 15.94 ? 15  GLN D O   1 
ATOM   741 C CB  . GLN D 2 18 ? 2.710   -0.018  -3.745  1.00 17.45 ? 15  GLN D CB  1 
ATOM   742 C CG  . GLN D 2 18 ? 1.275   0.281   -4.233  1.00 15.42 ? 15  GLN D CG  1 
ATOM   743 C CD  . GLN D 2 18 ? 0.640   -0.922  -4.869  1.00 12.36 ? 15  GLN D CD  1 
ATOM   744 O OE1 . GLN D 2 18 ? 0.450   -1.966  -4.241  1.00 17.20 ? 15  GLN D OE1 1 
ATOM   745 N NE2 . GLN D 2 18 ? 0.338   -0.894  -6.169  1.00 16.26 ? 15  GLN D NE2 1 
ATOM   746 N N   . ILE D 2 19 ? 4.127   2.400   -5.036  1.00 16.41 ? 16  ILE D N   1 
ATOM   747 C CA  . ILE D 2 19 ? 4.023   3.728   -5.647  1.00 18.71 ? 16  ILE D CA  1 
ATOM   748 C C   . ILE D 2 19 ? 4.734   3.732   -7.010  1.00 18.61 ? 16  ILE D C   1 
ATOM   749 O O   . ILE D 2 19 ? 4.204   4.297   -7.958  1.00 20.56 ? 16  ILE D O   1 
ATOM   750 C CB  . ILE D 2 19 ? 4.578   4.815   -4.689  1.00 23.52 ? 16  ILE D CB  1 
ATOM   751 C CG1 . ILE D 2 19 ? 3.661   4.998   -3.444  1.00 23.88 ? 16  ILE D CG1 1 
ATOM   752 C CG2 . ILE D 2 19 ? 4.799   6.191   -5.365  1.00 24.67 ? 16  ILE D CG2 1 
ATOM   753 C CD1 . ILE D 2 19 ? 4.220   6.006   -2.413  1.00 26.18 ? 16  ILE D CD1 1 
ATOM   754 N N   . ALA D 2 20 ? 5.901   3.070   -7.064  1.00 19.84 ? 17  ALA D N   1 
ATOM   755 C CA  . ALA D 2 20 ? 6.635   3.053   -8.359  1.00 21.83 ? 17  ALA D CA  1 
ATOM   756 C C   . ALA D 2 20 ? 5.867   2.275   -9.386  1.00 19.39 ? 17  ALA D C   1 
ATOM   757 O O   . ALA D 2 20 ? 5.792   2.721   -10.538 1.00 20.57 ? 17  ALA D O   1 
ATOM   758 C CB  . ALA D 2 20 ? 8.029   2.516   -8.039  1.00 18.94 ? 17  ALA D CB  1 
ATOM   759 N N   . ILE D 2 21 ? 5.316   1.114   -9.029  1.00 18.56 ? 18  ILE D N   1 
ATOM   760 C CA  . ILE D 2 21 ? 4.493   0.373   -9.975  1.00 18.45 ? 18  ILE D CA  1 
ATOM   761 C C   . ILE D 2 21 ? 3.323   1.185   -10.531 1.00 21.15 ? 18  ILE D C   1 
ATOM   762 O O   . ILE D 2 21 ? 3.053   1.106   -11.722 1.00 21.50 ? 18  ILE D O   1 
ATOM   763 C CB  . ILE D 2 21 ? 4.003   -0.963  -9.326  1.00 17.57 ? 18  ILE D CB  1 
ATOM   764 C CG1 . ILE D 2 21 ? 5.259   -1.796  -9.043  1.00 19.00 ? 18  ILE D CG1 1 
ATOM   765 C CG2 . ILE D 2 21 ? 2.962   -1.705  -10.177 1.00 20.61 ? 18  ILE D CG2 1 
ATOM   766 C CD1 . ILE D 2 21 ? 4.976   -2.905  -8.016  1.00 20.80 ? 18  ILE D CD1 1 
ATOM   767 N N   . CYS D 2 22 ? 2.643   1.951   -9.636  1.00 19.97 ? 19  CYS D N   1 
ATOM   768 C CA  . CYS D 2 22 ? 1.492   2.706   -10.168 1.00 21.96 ? 19  CYS D CA  1 
ATOM   769 C C   . CYS D 2 22 ? 1.935   3.855   -11.051 1.00 23.37 ? 19  CYS D C   1 
ATOM   770 O O   . CYS D 2 22 ? 1.196   4.289   -11.945 1.00 26.58 ? 19  CYS D O   1 
ATOM   771 C CB  . CYS D 2 22 ? 0.566   3.189   -9.047  1.00 21.23 ? 19  CYS D CB  1 
ATOM   772 S SG  . CYS D 2 22 ? -0.157  1.841   -8.104  1.00 19.55 ? 19  CYS D SG  1 
ATOM   773 N N   . GLY D 2 23 ? 3.131   4.387   -10.858 1.00 26.17 ? 20  GLY D N   1 
ATOM   774 C CA  . GLY D 2 23 ? 3.589   5.513   -11.696 1.00 31.14 ? 20  GLY D CA  1 
ATOM   775 C C   . GLY D 2 23 ? 4.063   5.017   -13.069 1.00 38.52 ? 20  GLY D C   1 
ATOM   776 O O   . GLY D 2 23 ? 4.141   5.787   -14.047 1.00 39.84 ? 20  GLY D O   1 
ATOM   777 N N   . MET D 2 24 ? 4.367   3.747   -13.175 1.00 42.70 ? 21  MET D N   1 
ATOM   778 C CA  . MET D 2 24 ? 4.873   3.055   -14.361 1.00 48.55 ? 21  MET D CA  1 
ATOM   779 C C   . MET D 2 24 ? 3.798   2.456   -15.258 1.00 52.12 ? 21  MET D C   1 
ATOM   780 O O   . MET D 2 24 ? 3.951   2.261   -16.485 1.00 54.22 ? 21  MET D O   1 
ATOM   781 C CB  . MET D 2 24 ? 5.793   1.987   -13.761 1.00 53.57 ? 21  MET D CB  1 
ATOM   782 C CG  . MET D 2 24 ? 6.195   0.788   -14.543 1.00 57.43 ? 21  MET D CG  1 
ATOM   783 S SD  . MET D 2 24 ? 7.994   0.931   -14.892 1.00 63.10 ? 21  MET D SD  1 
ATOM   784 C CE  . MET D 2 24 ? 7.972   2.324   -16.056 1.00 60.13 ? 21  MET D CE  1 
ATOM   785 N N   . SER D 2 25 ? 2.696   2.127   -14.594 1.00 53.96 ? 22  SER D N   1 
ATOM   786 C CA  . SER D 2 25 ? 1.474   1.504   -15.119 1.00 54.81 ? 22  SER D CA  1 
ATOM   787 C C   . SER D 2 25 ? 0.579   0.997   -13.970 1.00 54.83 ? 22  SER D C   1 
ATOM   788 O O   . SER D 2 25 ? 0.913   -0.094  -13.447 1.00 54.26 ? 22  SER D O   1 
HETATM 789 O O   . HOH E 3 .  ? 3.302   -7.373  6.179   0.60 14.02 ? 402 HOH A O   1 
HETATM 790 O O   . HOH E 3 .  ? 3.142   -8.500  5.854   0.40 12.88 ? 403 HOH A O   1 
HETATM 791 O O   . HOH E 3 .  ? -7.167  -4.608  3.454   0.25 12.74 ? 404 HOH A O   1 
HETATM 792 O O   . HOH E 3 .  ? -1.475  -9.975  7.531   1.00 54.30 ? 405 HOH A O   1 
HETATM 793 O O   . HOH E 3 .  ? -5.141  4.465   12.936  1.00 27.40 ? 406 HOH A O   1 
HETATM 794 O O   . HOH E 3 .  ? -2.700  8.154   14.455  1.00 39.88 ? 407 HOH A O   1 
HETATM 795 O O   . HOH E 3 .  ? 2.384   -10.693 13.345  1.00 31.68 ? 408 HOH A O   1 
HETATM 796 O O   . HOH E 3 .  ? 2.148   15.861  12.837  1.00 55.88 ? 409 HOH A O   1 
HETATM 797 O O   . HOH E 3 .  ? -5.086  12.739  1.593   1.00 31.70 ? 410 HOH A O   1 
HETATM 798 O O   . HOH E 3 .  ? 1.694   3.720   11.204  1.00 42.79 ? 411 HOH A O   1 
HETATM 799 O O   . HOH E 3 .  ? -0.450  -9.233  9.578   1.00 43.13 ? 412 HOH A O   1 
HETATM 800 O O   . HOH E 3 .  ? -5.419  -5.677  11.412  1.00 31.74 ? 413 HOH A O   1 
HETATM 801 O O   . HOH E 3 .  ? 0.344   -8.990  12.125  1.00 42.59 ? 414 HOH A O   1 
HETATM 802 O O   . HOH E 3 .  ? -6.920  -2.797  2.249   0.25 16.25 ? 415 HOH A O   1 
HETATM 803 O O   . HOH F 3 .  ? -8.348  -4.468  0.812   0.60 10.95 ? 403 HOH B O   1 
HETATM 804 O O   . HOH F 3 .  ? -8.825  6.947   -2.484  1.00 22.65 ? 412 HOH B O   1 
HETATM 805 O O   . HOH F 3 .  ? 3.063   9.535   -4.150  1.00 28.61 ? 416 HOH B O   1 
HETATM 806 O O   . HOH F 3 .  ? 2.555   14.593  -5.498  1.00 47.78 ? 417 HOH B O   1 
HETATM 807 O O   . HOH F 3 .  ? -12.236 9.330   3.162   1.00 64.73 ? 428 HOH B O   1 
HETATM 808 O O   . HOH F 3 .  ? -15.104 2.157   2.086   1.00 54.71 ? 435 HOH B O   1 
HETATM 809 O O   . HOH F 3 .  ? -3.684  8.925   -5.630  1.00 25.73 ? 441 HOH B O   1 
HETATM 810 O O   . HOH F 3 .  ? -10.600 11.664  2.685   1.00 62.86 ? 450 HOH B O   1 
HETATM 811 O O   . HOH F 3 .  ? -5.373  10.636  0.765   1.00 35.85 ? 461 HOH B O   1 
HETATM 812 O O   . HOH F 3 .  ? -7.501  10.410  -0.305  1.00 44.79 ? 467 HOH B O   1 
HETATM 813 O O   . HOH F 3 .  ? -8.999  -2.307  -14.028 1.00 39.60 ? 470 HOH B O   1 
HETATM 814 O O   . HOH F 3 .  ? -10.519 -2.558  -5.309  1.00 13.77 ? 480 HOH B O   1 
HETATM 815 O O   . HOH F 3 .  ? -8.816  -4.799  -0.241  0.40 10.22 ? 502 HOH B O   1 
HETATM 816 O O   . HOH F 3 .  ? 5.751   9.720   -3.303  1.00 39.70 ? 506 HOH B O   1 
HETATM 817 O O   . HOH F 3 .  ? -7.357  9.237   -3.140  1.00 42.65 ? 507 HOH B O   1 
HETATM 818 O O   . HOH F 3 .  ? -11.205 -5.098  -1.375  1.00 50.12 ? 522 HOH B O   1 
HETATM 819 O O   . HOH F 3 .  ? -11.972 11.395  14.493  1.00 37.91 ? 523 HOH B O   1 
HETATM 820 O O   . HOH F 3 .  ? 3.548   9.221   -6.580  1.00 42.29 ? 530 HOH B O   1 
HETATM 821 O O   . HOH F 3 .  ? -11.582 -0.298  -9.991  1.00 50.28 ? 531 HOH B O   1 
HETATM 822 O O   . HOH F 3 .  ? -15.581 4.980   3.543   1.00 71.29 ? 533 HOH B O   1 
HETATM 823 O O   . HOH G 3 .  ? -6.745  -8.810  -7.735  0.5  54.30 ? 71  HOH C O   1 
HETATM 824 O O   . HOH G 3 .  ? 11.460  -3.581  -6.377  1.00 75.48 ? 407 HOH C O   1 
HETATM 825 O O   . HOH G 3 .  ? -2.834  4.609   -8.863  1.00 36.57 ? 409 HOH C O   1 
HETATM 826 O O   . HOH G 3 .  ? 5.808   -11.499 10.181  1.00 31.82 ? 411 HOH C O   1 
HETATM 827 O O   . HOH G 3 .  ? 9.877   -17.614 1.359   1.00 39.98 ? 413 HOH C O   1 
HETATM 828 O O   . HOH G 3 .  ? 1.804   -12.700 -7.008  1.00 27.11 ? 419 HOH C O   1 
HETATM 829 O O   . HOH G 3 .  ? -0.728  -11.867 -19.955 1.00 24.73 ? 427 HOH C O   1 
HETATM 830 O O   . HOH G 3 .  ? 12.563  -3.302  -9.296  1.00 42.27 ? 430 HOH C O   1 
HETATM 831 O O   . HOH G 3 .  ? 1.333   -11.297 8.980   1.00 30.97 ? 437 HOH C O   1 
HETATM 832 O O   . HOH G 3 .  ? -7.664  -5.663  3.219   0.50 14.21 ? 442 HOH C O   1 
HETATM 833 O O   . HOH G 3 .  ? 0.353   0.575   -0.544  1.00 37.89 ? 452 HOH C O   1 
HETATM 834 O O   . HOH G 3 .  ? 9.342   -17.804 -1.539  1.00 23.27 ? 460 HOH C O   1 
HETATM 835 O O   . HOH G 3 .  ? 8.863   -0.993  -10.850 1.00 46.43 ? 464 HOH C O   1 
HETATM 836 O O   . HOH G 3 .  ? 1.505   -12.822 -11.739 1.00 44.12 ? 466 HOH C O   1 
HETATM 837 O O   . HOH G 3 .  ? -9.612  -9.157  -7.460  1.00 28.44 ? 492 HOH C O   1 
HETATM 838 O O   . HOH G 3 .  ? -1.780  -6.065  -13.357 1.00 34.85 ? 501 HOH C O   1 
HETATM 839 O O   . HOH G 3 .  ? 8.844   -1.141  -8.276  1.00 42.81 ? 520 HOH C O   1 
HETATM 840 O O   . HOH G 3 .  ? -1.979  -13.162 -10.826 1.00 47.56 ? 540 HOH C O   1 
HETATM 841 O O   . HOH G 3 .  ? 1.365   2.701   -2.392  1.00 60.58 ? 551 HOH C O   1 
HETATM 842 O O   . HOH H 3 .  ? 11.150  -0.737  -5.467  1.00 54.30 ? 73  HOH D O   1 
HETATM 843 O O   . HOH H 3 .  ? 4.214   -5.572  5.535   0.50 8.61  ? 404 HOH D O   1 
HETATM 844 O O   . HOH H 3 .  ? 11.836  -8.585  2.418   1.00 41.44 ? 405 HOH D O   1 
HETATM 845 O O   . HOH H 3 .  ? 14.744  -13.778 2.226   1.00 31.62 ? 418 HOH D O   1 
HETATM 846 O O   . HOH H 3 .  ? 8.596   5.854   -7.571  1.00 56.34 ? 421 HOH D O   1 
HETATM 847 O O   . HOH H 3 .  ? 11.217  -0.392  -2.517  1.00 25.13 ? 443 HOH D O   1 
HETATM 848 O O   . HOH H 3 .  ? 12.103  -11.875 -11.221 1.00 28.73 ? 444 HOH D O   1 
HETATM 849 O O   . HOH H 3 .  ? 2.299   6.665   -8.420  1.00 33.23 ? 468 HOH D O   1 
HETATM 850 O O   . HOH H 3 .  ? 13.552  -4.089  -13.432 1.00 58.53 ? 469 HOH D O   1 
HETATM 851 O O   . HOH H 3 .  ? 15.183  -4.535  -10.359 1.00 60.96 ? 471 HOH D O   1 
HETATM 852 O O   . HOH H 3 .  ? -1.478  4.877   -11.784 1.00 53.55 ? 472 HOH D O   1 
HETATM 853 O O   . HOH H 3 .  ? 8.614   -0.358  7.346   1.00 37.61 ? 473 HOH D O   1 
HETATM 854 O O   . HOH H 3 .  ? 10.237  -5.056  -13.428 1.00 32.34 ? 490 HOH D O   1 
HETATM 855 O O   . HOH H 3 .  ? 8.405   5.081   -4.810  1.00 35.98 ? 493 HOH D O   1 
HETATM 856 O O   . HOH H 3 .  ? 7.500   4.137   1.326   1.00 36.10 ? 495 HOH D O   1 
HETATM 857 O O   . HOH H 3 .  ? 11.436  -5.294  2.726   1.00 23.84 ? 500 HOH D O   1 
HETATM 858 O O   . HOH H 3 .  ? 10.641  -2.324  5.233   1.00 43.33 ? 504 HOH D O   1 
HETATM 859 O O   . HOH H 3 .  ? 5.044   -4.913  6.426   0.30 7.70  ? 508 HOH D O   1 
HETATM 860 O O   . HOH H 3 .  ? 3.799   3.792   -19.619 1.00 54.57 ? 521 HOH D O   1 
HETATM 861 O O   . HOH H 3 .  ? 3.830   -5.842  4.400   0.20 7.82  ? 542 HOH D O   1 
# 
